data_7QN7
#
_entry.id   7QN7
#
_cell.length_a   1.00
_cell.length_b   1.00
_cell.length_c   1.00
_cell.angle_alpha   90.00
_cell.angle_beta   90.00
_cell.angle_gamma   90.00
#
_symmetry.space_group_name_H-M   'P 1'
#
loop_
_entity.id
_entity.type
_entity.pdbx_description
1 polymer 'Gamma-aminobutyric acid receptor subunit alpha-4'
2 polymer 'Gamma-aminobutyric acid receptor subunit beta-3'
3 polymer 'Gamma-aminobutyric acid receptor subunit delta'
4 polymer 'Nanobody Nb25'
5 branched alpha-D-mannopyranose-(1-3)-[alpha-D-mannopyranose-(1-6)]beta-D-mannopyranose-(1-4)-2-acetamido-2-deoxy-beta-D-glucopyranose-(1-4)-2-acetamido-2-deoxy-beta-D-glucopyranose
6 branched 2-acetamido-2-deoxy-beta-D-glucopyranose-(1-4)-2-acetamido-2-deoxy-beta-D-glucopyranose
7 non-polymer 1,2-DIPALMITOYL-SN-GLYCERO-3-PHOSPHATE
8 non-polymer DECANE
9 non-polymer 2-acetamido-2-deoxy-beta-D-glucopyranose
10 non-polymer 'GAMMA-AMINO-BUTANOIC ACID'
11 non-polymer HEXADECANE
12 non-polymer HISTAMINE
13 water water
#
loop_
_entity_poly.entity_id
_entity_poly.type
_entity_poly.pdbx_seq_one_letter_code
_entity_poly.pdbx_strand_id
1 'polypeptide(L)'
;MVSAKKVPAIALSAGVSFALLRFLCLAVCLNESPGQNQKEEKLCTENFTRILDSLLDGYDNRLRPGFGGPVTEVKTDIYV
TSFGPVSDVEMEYTMDVFFRQTWIDKRLKYDGPIEILRLNNMMVTKVWTPDTFFRNGKKSVSHNMTAPNKLFRIMRNGTI
LYTMRLTISAECPMRLVDFPMDGHACPLKFGSYAYPKSEMIYTWTKGPEKSVEVPKESSSLVQYDLIGQTVSSETIKSIT
GEYIVMTVYFHLRRKMGYFMIQTYIPCIMTVILSQVSFWINKESVPARTVFGITTVLTMTTLSISARHSLPKVSYATAMD
WFIAVCFAFVFSALIEFAAVNYFTNIQMEKAKRKTSKPPQEVPAAPVQREKHPEAPLQNTNANLNMRKRTNALVHSESDV
GNRTEVGNHSSKSSTVVQESSKGTPRSYLASSPNPFSRANAAETISAARALPSASPTSIRTGYMPRKASVGSASTRHVFG
SRLQRIKTTVNTIGATGKLSATPPPSAPPPSGSGTSKIDKYARILFPVTFGAFNMVYWVVYLSKDTMEKSESLM
;
A
2 'polypeptide(L)'
;MWGLAGGRLFGIFSAPVLVAVVCCAQSVNDPGNMSFVKETVDKLLKGYDIRLRPDFGGPPVCVGMNIDIASIDMVSEVNM
DYTLTMYFQQYWRDKRLAYSGIPLNLTLDNRVADQLWVPDTYFLNDKKSFVHGVTVKNRMIRLHPDGTVLYGLRITTTAA
CMMDLRRYPLDEQNCTLEIESYGYTTDDIEFYWRGGDKAVTGVERIELPQFSIVEHRLVSRNVVFATGAYPRLSLSFRLK
RNIGYFILQTYMPSILITILSWVSFWINYDASAARVALGITTVLTMTTINTHLRETLPKIPYVKAIDMYLMGCFVFVFLA
LLEYAFVNYIFFGRGPQRQKKLAEKTAKAKNDRSKSESNRVDAHGNILLTSLEVHNEMNEVSGGIGDTRNSAISFDNSGI
QYRKQSMPREGHGRFLGDRSLPHKKTHLRRRSSQLKIKIPDLTDVNAIDRWSRIVFPFTFSLFNLVYWLYYVN
;
B,C,D
3 'polypeptide(L)'
;MDAPARLLAPLLLLCAQQLRGTRAMNDIGDYVGSNLEISWLPNLDGLIAGYARNFRPGIGGPPVNVALALEVASIDHISE
ANMEYTMTVFLHQSWRDSRLSYNHTNETLGLDSRFVDKLWLPDTFIVNAKSAWFHDVTVENKLIRLQPDGVILYSIRITS
TVACDMDLAKYPMDEQECMLDLESYGYSSEDIVYYWSESQEHIHGLDKLQLAQFTITSYRFTTELMNFKSAGQFPRLSLH
FHLRRNRGVYIIQSYMPSVLLVAMSWVSFWISQAAVPARVSLGITTVLTMTTLMVSARSSLPRASAIKALDVYFWICYVF
VFAALVEYAFAHFNADYRKKQKAKVKVSRPRAEMDVRNAIVLFSLSAAGVTQELAISRRQRRVPGNLMGSYRSVGVETGE
TKKEGAARSGGQGGIRARLRPIDADTIDIYARAVFPAAFAAVNVIYWAAYAMGGSGGSGGSGKTETSQVAPA
;
E
4 'polypeptide(L)'
;QVQLVESGGGLVQGSLRLSCAASGHTFNYPIMGWFRQAPGKEREFVGAISWSGGSTSYADSVKDRFTISRDNAKNTVYLE
MNNLKPEDTAVYYCAAKGRYSGGLYYPTNYDYWGQGTQVTV
;
F,G
#
loop_
_chem_comp.id
_chem_comp.type
_chem_comp.name
_chem_comp.formula
ABU non-polymer 'GAMMA-AMINO-BUTANOIC ACID' 'C4 H9 N O2'
BMA D-saccharide, beta linking beta-D-mannopyranose 'C6 H12 O6'
D10 non-polymer DECANE 'C10 H22'
HSM non-polymer HISTAMINE 'C5 H9 N3'
MAN D-saccharide, alpha linking alpha-D-mannopyranose 'C6 H12 O6'
NAG D-saccharide, beta linking 2-acetamido-2-deoxy-beta-D-glucopyranose 'C8 H15 N O6'
PX6 non-polymer 1,2-DIPALMITOYL-SN-GLYCERO-3-PHOSPHATE 'C35 H68 O8 P -1'
R16 non-polymer HEXADECANE 'C16 H34'
#
# COMPACT_ATOMS: atom_id res chain seq x y z
N GLU A 46 8.10 -7.26 -51.98
CA GLU A 46 6.74 -7.27 -51.44
C GLU A 46 6.02 -8.58 -51.74
N ASN A 47 6.74 -9.69 -51.60
CA ASN A 47 6.15 -10.99 -51.89
C ASN A 47 4.99 -11.29 -50.95
N PHE A 48 5.17 -11.00 -49.65
CA PHE A 48 4.11 -11.23 -48.67
C PHE A 48 3.35 -9.97 -48.29
N THR A 49 3.93 -8.79 -48.52
CA THR A 49 3.21 -7.55 -48.24
C THR A 49 1.98 -7.43 -49.14
N ARG A 50 2.11 -7.79 -50.41
CA ARG A 50 0.96 -7.74 -51.31
C ARG A 50 -0.11 -8.73 -50.88
N ILE A 51 0.29 -9.90 -50.39
CA ILE A 51 -0.68 -10.91 -49.97
C ILE A 51 -1.52 -10.39 -48.81
N LEU A 52 -0.86 -9.81 -47.80
CA LEU A 52 -1.60 -9.28 -46.65
C LEU A 52 -2.49 -8.12 -47.06
N ASP A 53 -1.99 -7.23 -47.92
CA ASP A 53 -2.81 -6.11 -48.38
C ASP A 53 -4.02 -6.59 -49.16
N SER A 54 -3.85 -7.63 -49.97
CA SER A 54 -4.98 -8.19 -50.72
C SER A 54 -6.04 -8.76 -49.78
N LEU A 55 -5.60 -9.46 -48.73
CA LEU A 55 -6.55 -10.02 -47.78
C LEU A 55 -7.33 -8.93 -47.06
N LEU A 56 -6.65 -7.87 -46.63
CA LEU A 56 -7.31 -6.78 -45.92
C LEU A 56 -8.09 -5.85 -46.84
N ASP A 57 -7.84 -5.91 -48.15
CA ASP A 57 -8.60 -5.09 -49.08
C ASP A 57 -10.03 -5.61 -49.19
N GLY A 58 -11.00 -4.71 -49.06
CA GLY A 58 -12.39 -5.11 -49.08
C GLY A 58 -12.77 -6.01 -47.93
N TYR A 59 -12.16 -5.80 -46.76
CA TYR A 59 -12.40 -6.61 -45.57
C TYR A 59 -12.98 -5.72 -44.47
N ASP A 60 -14.11 -6.12 -43.92
CA ASP A 60 -14.77 -5.39 -42.84
C ASP A 60 -14.68 -6.21 -41.56
N ASN A 61 -13.92 -5.72 -40.59
CA ASN A 61 -13.75 -6.43 -39.33
C ASN A 61 -14.98 -6.33 -38.43
N ARG A 62 -15.95 -5.48 -38.77
CA ARG A 62 -17.16 -5.34 -37.97
C ARG A 62 -18.22 -6.38 -38.30
N LEU A 63 -17.96 -7.24 -39.30
CA LEU A 63 -18.90 -8.29 -39.69
C LEU A 63 -18.26 -9.64 -39.46
N ARG A 64 -19.00 -10.54 -38.79
CA ARG A 64 -18.50 -11.87 -38.54
C ARG A 64 -18.41 -12.66 -39.85
N PRO A 65 -17.51 -13.64 -39.93
CA PRO A 65 -17.46 -14.49 -41.13
C PRO A 65 -18.78 -15.21 -41.35
N GLY A 66 -19.18 -15.31 -42.61
CA GLY A 66 -20.48 -15.86 -42.93
C GLY A 66 -21.62 -15.03 -42.36
N PHE A 67 -21.53 -13.71 -42.46
CA PHE A 67 -22.54 -12.83 -41.91
C PHE A 67 -23.86 -13.03 -42.64
N GLY A 68 -24.94 -13.20 -41.88
CA GLY A 68 -26.26 -13.42 -42.47
C GLY A 68 -26.51 -14.82 -42.98
N GLY A 69 -25.57 -15.73 -42.82
CA GLY A 69 -25.72 -17.08 -43.31
C GLY A 69 -25.46 -18.13 -42.25
N PRO A 70 -24.53 -19.04 -42.52
CA PRO A 70 -24.23 -20.11 -41.57
C PRO A 70 -23.70 -19.57 -40.26
N VAL A 71 -23.97 -20.31 -39.18
CA VAL A 71 -23.52 -19.90 -37.85
C VAL A 71 -22.00 -20.05 -37.77
N THR A 72 -21.34 -19.04 -37.21
CA THR A 72 -19.90 -19.07 -37.03
C THR A 72 -19.56 -19.98 -35.85
N GLU A 73 -18.73 -20.99 -36.09
CA GLU A 73 -18.33 -21.94 -35.06
C GLU A 73 -16.92 -21.61 -34.60
N VAL A 74 -16.74 -21.43 -33.29
CA VAL A 74 -15.46 -21.09 -32.70
C VAL A 74 -15.03 -22.26 -31.82
N LYS A 75 -13.85 -22.80 -32.09
CA LYS A 75 -13.29 -23.90 -31.32
C LYS A 75 -12.35 -23.33 -30.27
N THR A 76 -12.62 -23.63 -29.01
CA THR A 76 -11.88 -23.06 -27.89
C THR A 76 -11.27 -24.16 -27.03
N ASP A 77 -10.01 -23.95 -26.63
CA ASP A 77 -9.32 -24.81 -25.69
C ASP A 77 -8.52 -23.94 -24.73
N ILE A 78 -8.36 -24.41 -23.50
CA ILE A 78 -7.73 -23.65 -22.44
C ILE A 78 -6.55 -24.44 -21.91
N TYR A 79 -5.40 -23.78 -21.81
CA TYR A 79 -4.20 -24.34 -21.16
C TYR A 79 -3.91 -23.50 -19.94
N VAL A 80 -4.08 -24.10 -18.76
CA VAL A 80 -3.90 -23.38 -17.50
C VAL A 80 -2.40 -23.37 -17.15
N THR A 81 -1.79 -22.20 -17.25
CA THR A 81 -0.37 -22.08 -16.91
C THR A 81 -0.14 -22.08 -15.41
N SER A 82 -1.06 -21.50 -14.64
CA SER A 82 -0.92 -21.46 -13.18
C SER A 82 -2.27 -21.24 -12.57
N PHE A 83 -2.72 -22.18 -11.74
CA PHE A 83 -3.98 -22.05 -11.01
C PHE A 83 -3.66 -21.35 -9.70
N GLY A 84 -3.98 -20.05 -9.63
CA GLY A 84 -3.56 -19.23 -8.54
C GLY A 84 -4.30 -19.54 -7.25
N PRO A 85 -3.98 -18.79 -6.20
CA PRO A 85 -4.60 -19.06 -4.89
C PRO A 85 -6.08 -18.76 -4.89
N VAL A 86 -6.80 -19.45 -4.01
CA VAL A 86 -8.24 -19.31 -3.85
C VAL A 86 -8.50 -18.52 -2.58
N SER A 87 -9.24 -17.43 -2.71
CA SER A 87 -9.57 -16.57 -1.57
C SER A 87 -10.91 -16.99 -1.00
N ASP A 88 -10.90 -17.64 0.16
CA ASP A 88 -12.14 -18.06 0.79
C ASP A 88 -12.96 -16.86 1.26
N VAL A 89 -12.30 -15.83 1.78
CA VAL A 89 -13.01 -14.65 2.29
C VAL A 89 -13.73 -13.95 1.14
N GLU A 90 -13.07 -13.79 0.00
CA GLU A 90 -13.66 -13.10 -1.14
C GLU A 90 -14.43 -14.03 -2.06
N MET A 91 -14.38 -15.35 -1.82
CA MET A 91 -15.06 -16.34 -2.65
C MET A 91 -14.66 -16.19 -4.12
N GLU A 92 -13.37 -15.99 -4.36
CA GLU A 92 -12.84 -15.85 -5.71
C GLU A 92 -11.55 -16.63 -5.83
N TYR A 93 -11.23 -17.00 -7.06
CA TYR A 93 -9.98 -17.69 -7.37
C TYR A 93 -9.34 -17.05 -8.60
N THR A 94 -8.03 -17.19 -8.69
CA THR A 94 -7.25 -16.60 -9.77
C THR A 94 -6.59 -17.70 -10.59
N MET A 95 -6.40 -17.44 -11.88
CA MET A 95 -5.76 -18.40 -12.76
C MET A 95 -5.19 -17.68 -13.97
N ASP A 96 -4.04 -18.16 -14.45
CA ASP A 96 -3.42 -17.67 -15.67
C ASP A 96 -3.51 -18.77 -16.72
N VAL A 97 -4.09 -18.45 -17.87
CA VAL A 97 -4.39 -19.44 -18.89
C VAL A 97 -3.94 -18.95 -20.27
N PHE A 98 -3.76 -19.90 -21.18
CA PHE A 98 -3.58 -19.62 -22.60
C PHE A 98 -4.91 -19.90 -23.28
N PHE A 99 -5.71 -18.85 -23.46
CA PHE A 99 -7.05 -18.99 -24.01
C PHE A 99 -6.96 -19.02 -25.53
N ARG A 100 -7.11 -20.22 -26.11
CA ARG A 100 -6.98 -20.43 -27.54
C ARG A 100 -8.35 -20.49 -28.19
N GLN A 101 -8.51 -19.77 -29.30
CA GLN A 101 -9.75 -19.77 -30.07
C GLN A 101 -9.44 -20.05 -31.53
N THR A 102 -10.28 -20.88 -32.16
CA THR A 102 -10.09 -21.26 -33.55
C THR A 102 -11.41 -21.10 -34.30
N TRP A 103 -11.36 -20.45 -35.45
CA TRP A 103 -12.53 -20.28 -36.30
C TRP A 103 -12.08 -20.16 -37.74
N ILE A 104 -13.03 -20.36 -38.66
CA ILE A 104 -12.75 -20.35 -40.10
C ILE A 104 -13.33 -19.06 -40.68
N ASP A 105 -12.47 -18.29 -41.35
CA ASP A 105 -12.87 -17.06 -42.02
C ASP A 105 -12.42 -17.16 -43.47
N LYS A 106 -13.37 -17.42 -44.37
CA LYS A 106 -13.04 -17.59 -45.79
C LYS A 106 -12.56 -16.29 -46.43
N ARG A 107 -12.86 -15.14 -45.83
CA ARG A 107 -12.39 -13.88 -46.38
C ARG A 107 -10.87 -13.74 -46.32
N LEU A 108 -10.21 -14.51 -45.45
CA LEU A 108 -8.76 -14.45 -45.30
C LEU A 108 -8.05 -15.61 -45.98
N LYS A 109 -8.75 -16.36 -46.83
CA LYS A 109 -8.08 -17.41 -47.61
C LYS A 109 -7.06 -16.79 -48.55
N TYR A 110 -5.86 -17.36 -48.58
CA TYR A 110 -4.77 -16.88 -49.41
C TYR A 110 -4.11 -18.03 -50.13
N ASP A 111 -3.54 -17.75 -51.30
CA ASP A 111 -2.79 -18.70 -52.09
C ASP A 111 -1.31 -18.30 -52.03
N GLY A 112 -0.52 -19.09 -51.32
CA GLY A 112 0.88 -18.78 -51.15
C GLY A 112 1.72 -20.02 -50.88
N PRO A 113 3.03 -19.91 -51.10
CA PRO A 113 3.91 -21.08 -50.86
C PRO A 113 3.89 -21.57 -49.41
N ILE A 114 3.76 -20.66 -48.45
CA ILE A 114 3.82 -21.02 -47.04
C ILE A 114 2.43 -21.41 -46.56
N GLU A 115 2.36 -22.51 -45.79
CA GLU A 115 1.07 -23.03 -45.37
C GLU A 115 0.44 -22.17 -44.28
N ILE A 116 1.22 -21.74 -43.30
CA ILE A 116 0.71 -21.00 -42.15
C ILE A 116 1.43 -19.67 -42.07
N LEU A 117 0.66 -18.59 -41.99
CA LEU A 117 1.21 -17.24 -41.84
C LEU A 117 1.19 -16.88 -40.36
N ARG A 118 2.37 -16.90 -39.74
CA ARG A 118 2.52 -16.48 -38.34
C ARG A 118 2.83 -14.99 -38.33
N LEU A 119 1.82 -14.19 -38.00
CA LEU A 119 1.89 -12.73 -38.09
C LEU A 119 2.04 -12.12 -36.70
N ASN A 120 2.41 -10.85 -36.68
CA ASN A 120 2.55 -10.11 -35.44
C ASN A 120 1.17 -9.84 -34.84
N ASN A 121 1.15 -9.60 -33.54
CA ASN A 121 -0.11 -9.37 -32.82
C ASN A 121 -0.80 -8.08 -33.22
N MET A 122 -0.13 -7.18 -33.95
CA MET A 122 -0.78 -5.98 -34.44
C MET A 122 -1.88 -6.31 -35.44
N MET A 123 -1.77 -7.46 -36.11
CA MET A 123 -2.75 -7.87 -37.10
C MET A 123 -4.11 -8.21 -36.48
N VAL A 124 -4.15 -8.44 -35.17
CA VAL A 124 -5.39 -8.88 -34.53
C VAL A 124 -6.47 -7.81 -34.65
N THR A 125 -6.11 -6.55 -34.42
CA THR A 125 -7.10 -5.49 -34.45
C THR A 125 -7.71 -5.29 -35.83
N LYS A 126 -6.95 -5.61 -36.89
CA LYS A 126 -7.43 -5.40 -38.25
C LYS A 126 -8.46 -6.43 -38.69
N VAL A 127 -8.51 -7.59 -38.04
CA VAL A 127 -9.40 -8.66 -38.44
C VAL A 127 -10.49 -8.83 -37.38
N TRP A 128 -11.49 -9.65 -37.71
CA TRP A 128 -12.58 -9.94 -36.79
C TRP A 128 -12.17 -11.04 -35.82
N THR A 129 -12.43 -10.84 -34.54
CA THR A 129 -12.16 -11.81 -33.50
C THR A 129 -13.39 -12.01 -32.64
N PRO A 130 -13.58 -13.21 -32.09
CA PRO A 130 -14.73 -13.44 -31.21
C PRO A 130 -14.68 -12.55 -29.98
N ASP A 131 -15.85 -12.09 -29.55
CA ASP A 131 -15.96 -11.22 -28.38
C ASP A 131 -16.27 -12.04 -27.13
N THR A 132 -15.38 -12.99 -26.84
CA THR A 132 -15.57 -13.86 -25.69
C THR A 132 -15.32 -13.10 -24.39
N PHE A 133 -16.24 -13.25 -23.44
CA PHE A 133 -16.09 -12.65 -22.13
C PHE A 133 -16.46 -13.69 -21.08
N PHE A 134 -15.91 -13.51 -19.87
CA PHE A 134 -16.13 -14.44 -18.78
C PHE A 134 -17.26 -13.92 -17.90
N ARG A 135 -18.34 -14.69 -17.82
CA ARG A 135 -19.55 -14.23 -17.14
C ARG A 135 -19.33 -14.07 -15.64
N ASN A 136 -18.56 -14.97 -15.04
CA ASN A 136 -18.30 -14.93 -13.61
C ASN A 136 -16.95 -14.28 -13.27
N GLY A 137 -16.30 -13.66 -14.25
CA GLY A 137 -15.01 -13.03 -13.99
C GLY A 137 -15.13 -11.68 -13.32
N LYS A 138 -14.62 -11.59 -12.08
CA LYS A 138 -14.67 -10.32 -11.36
C LYS A 138 -13.73 -9.30 -11.99
N LYS A 139 -12.48 -9.70 -12.26
CA LYS A 139 -11.49 -8.80 -12.81
C LYS A 139 -10.46 -9.62 -13.58
N SER A 140 -10.24 -9.27 -14.84
CA SER A 140 -9.33 -10.01 -15.69
C SER A 140 -8.36 -9.06 -16.37
N VAL A 141 -7.13 -9.54 -16.58
CA VAL A 141 -6.05 -8.74 -17.14
C VAL A 141 -5.48 -9.48 -18.34
N SER A 142 -5.33 -8.77 -19.46
CA SER A 142 -4.63 -9.27 -20.63
C SER A 142 -3.21 -8.74 -20.59
N HIS A 143 -2.24 -9.65 -20.46
CA HIS A 143 -0.86 -9.24 -20.24
C HIS A 143 -0.29 -8.53 -21.47
N ASN A 144 0.51 -7.49 -21.22
CA ASN A 144 1.01 -6.61 -22.27
C ASN A 144 2.51 -6.37 -22.15
N MET A 145 3.23 -7.25 -21.46
CA MET A 145 4.63 -6.99 -21.13
C MET A 145 5.51 -7.24 -22.35
N THR A 146 6.17 -6.17 -22.82
CA THR A 146 7.16 -6.16 -23.89
C THR A 146 6.49 -6.39 -25.24
N ALA A 147 5.22 -6.77 -25.22
CA ALA A 147 4.37 -6.97 -26.39
C ALA A 147 2.99 -7.39 -25.91
N PRO A 148 1.93 -7.13 -26.68
CA PRO A 148 0.63 -7.75 -26.37
C PRO A 148 0.74 -9.26 -26.50
N ASN A 149 0.49 -9.95 -25.39
CA ASN A 149 0.62 -11.40 -25.38
C ASN A 149 -0.53 -12.03 -26.17
N LYS A 150 -0.49 -11.89 -27.49
CA LYS A 150 -1.51 -12.46 -28.37
C LYS A 150 -0.83 -13.19 -29.52
N LEU A 151 -1.39 -14.34 -29.89
CA LEU A 151 -0.90 -15.14 -31.00
C LEU A 151 -1.94 -15.11 -32.12
N PHE A 152 -1.47 -14.95 -33.35
CA PHE A 152 -2.36 -14.84 -34.50
C PHE A 152 -1.71 -15.54 -35.69
N ARG A 153 -2.37 -16.60 -36.17
CA ARG A 153 -1.89 -17.37 -37.30
C ARG A 153 -3.02 -17.59 -38.28
N ILE A 154 -2.72 -17.45 -39.57
CA ILE A 154 -3.68 -17.64 -40.65
C ILE A 154 -3.20 -18.80 -41.52
N MET A 155 -4.06 -19.79 -41.71
CA MET A 155 -3.76 -20.91 -42.58
C MET A 155 -4.33 -20.65 -43.98
N ARG A 156 -3.86 -21.43 -44.95
CA ARG A 156 -4.35 -21.27 -46.31
C ARG A 156 -5.82 -21.60 -46.44
N ASN A 157 -6.33 -22.49 -45.59
CA ASN A 157 -7.76 -22.81 -45.58
C ASN A 157 -8.62 -21.68 -45.02
N GLY A 158 -8.00 -20.65 -44.45
CA GLY A 158 -8.74 -19.62 -43.75
C GLY A 158 -8.92 -19.87 -42.28
N THR A 159 -8.51 -21.04 -41.78
CA THR A 159 -8.56 -21.31 -40.36
C THR A 159 -7.65 -20.36 -39.61
N ILE A 160 -8.16 -19.81 -38.51
CA ILE A 160 -7.45 -18.80 -37.74
C ILE A 160 -7.25 -19.32 -36.32
N LEU A 161 -6.02 -19.27 -35.83
CA LEU A 161 -5.69 -19.60 -34.45
C LEU A 161 -5.35 -18.32 -33.73
N TYR A 162 -6.09 -18.02 -32.66
CA TYR A 162 -5.92 -16.78 -31.91
C TYR A 162 -5.90 -17.12 -30.42
N THR A 163 -4.72 -17.01 -29.80
CA THR A 163 -4.54 -17.33 -28.39
C THR A 163 -4.04 -16.09 -27.65
N MET A 164 -4.57 -15.89 -26.45
CA MET A 164 -4.19 -14.74 -25.62
C MET A 164 -3.95 -15.21 -24.20
N ARG A 165 -2.94 -14.63 -23.57
CA ARG A 165 -2.58 -14.96 -22.19
C ARG A 165 -3.37 -14.06 -21.24
N LEU A 166 -4.18 -14.66 -20.39
CA LEU A 166 -5.10 -13.92 -19.54
C LEU A 166 -4.95 -14.36 -18.09
N THR A 167 -5.04 -13.41 -17.18
CA THR A 167 -5.16 -13.68 -15.75
C THR A 167 -6.60 -13.43 -15.34
N ILE A 168 -7.28 -14.48 -14.88
CA ILE A 168 -8.72 -14.44 -14.64
C ILE A 168 -8.98 -14.58 -13.15
N SER A 169 -9.73 -13.62 -12.60
CA SER A 169 -10.27 -13.72 -11.26
C SER A 169 -11.78 -13.91 -11.38
N ALA A 170 -12.28 -15.06 -10.92
CA ALA A 170 -13.65 -15.45 -11.16
C ALA A 170 -14.36 -15.74 -9.84
N GLU A 171 -15.67 -15.54 -9.85
CA GLU A 171 -16.50 -15.82 -8.68
C GLU A 171 -16.58 -17.33 -8.45
N CYS A 172 -16.39 -17.75 -7.21
CA CYS A 172 -16.53 -19.15 -6.82
C CYS A 172 -17.41 -19.22 -5.59
N PRO A 173 -18.73 -19.38 -5.77
CA PRO A 173 -19.61 -19.55 -4.60
C PRO A 173 -19.22 -20.78 -3.80
N MET A 174 -19.25 -20.64 -2.48
CA MET A 174 -18.78 -21.69 -1.58
C MET A 174 -19.80 -21.92 -0.48
N ARG A 175 -19.99 -23.20 -0.13
CA ARG A 175 -20.78 -23.60 1.03
C ARG A 175 -19.80 -24.09 2.10
N LEU A 176 -19.60 -23.28 3.14
CA LEU A 176 -18.63 -23.58 4.17
C LEU A 176 -19.22 -24.32 5.36
N VAL A 177 -20.28 -25.11 5.12
CA VAL A 177 -20.90 -25.85 6.21
C VAL A 177 -19.93 -26.90 6.76
N ASP A 178 -19.19 -27.56 5.89
CA ASP A 178 -18.25 -28.60 6.28
C ASP A 178 -16.83 -28.07 6.46
N PHE A 179 -16.64 -26.75 6.44
CA PHE A 179 -15.33 -26.17 6.61
C PHE A 179 -14.74 -26.59 7.96
N PRO A 180 -13.45 -26.96 8.02
CA PRO A 180 -12.48 -26.95 6.91
C PRO A 180 -12.43 -28.24 6.10
N MET A 181 -13.24 -29.24 6.48
CA MET A 181 -13.28 -30.51 5.76
C MET A 181 -14.32 -30.47 4.65
N ASP A 182 -14.09 -29.56 3.70
CA ASP A 182 -15.04 -29.28 2.64
C ASP A 182 -14.35 -29.23 1.29
N GLY A 183 -15.12 -29.49 0.25
CA GLY A 183 -14.63 -29.37 -1.11
C GLY A 183 -15.55 -28.49 -1.94
N HIS A 184 -14.96 -27.70 -2.82
CA HIS A 184 -15.71 -26.75 -3.63
C HIS A 184 -15.39 -26.96 -5.10
N ALA A 185 -16.37 -26.63 -5.96
CA ALA A 185 -16.23 -26.72 -7.41
C ALA A 185 -16.32 -25.30 -7.96
N CYS A 186 -15.16 -24.69 -8.22
CA CYS A 186 -15.12 -23.33 -8.74
C CYS A 186 -15.38 -23.34 -10.24
N PRO A 187 -16.40 -22.64 -10.73
CA PRO A 187 -16.71 -22.65 -12.16
C PRO A 187 -15.98 -21.56 -12.92
N LEU A 188 -16.01 -21.68 -14.24
CA LEU A 188 -15.47 -20.66 -15.13
C LEU A 188 -16.34 -20.66 -16.39
N LYS A 189 -17.17 -19.63 -16.53
CA LYS A 189 -18.13 -19.55 -17.63
C LYS A 189 -17.73 -18.44 -18.57
N PHE A 190 -17.59 -18.77 -19.86
CA PHE A 190 -17.26 -17.80 -20.88
C PHE A 190 -18.18 -17.99 -22.08
N GLY A 191 -18.42 -16.90 -22.81
CA GLY A 191 -19.28 -16.95 -23.97
C GLY A 191 -19.25 -15.62 -24.69
N SER A 192 -20.00 -15.57 -25.79
CA SER A 192 -20.07 -14.36 -26.59
C SER A 192 -20.94 -13.32 -25.90
N TYR A 193 -20.44 -12.08 -25.84
CA TYR A 193 -21.21 -11.01 -25.21
C TYR A 193 -22.31 -10.49 -26.13
N ALA A 194 -22.05 -10.43 -27.44
CA ALA A 194 -22.96 -9.79 -28.38
C ALA A 194 -23.59 -10.72 -29.40
N TYR A 195 -22.98 -11.87 -29.68
CA TYR A 195 -23.50 -12.76 -30.71
C TYR A 195 -24.29 -13.89 -30.08
N PRO A 196 -25.60 -13.99 -30.30
CA PRO A 196 -26.36 -15.10 -29.74
C PRO A 196 -26.05 -16.42 -30.43
N LYS A 197 -26.71 -17.50 -29.98
CA LYS A 197 -26.43 -18.82 -30.54
C LYS A 197 -26.82 -18.92 -32.01
N SER A 198 -27.72 -18.06 -32.48
CA SER A 198 -28.11 -18.09 -33.88
C SER A 198 -27.03 -17.54 -34.80
N GLU A 199 -26.08 -16.79 -34.26
CA GLU A 199 -25.00 -16.20 -35.05
C GLU A 199 -23.64 -16.83 -34.77
N MET A 200 -23.34 -17.14 -33.51
CA MET A 200 -22.05 -17.74 -33.17
C MET A 200 -22.26 -18.79 -32.09
N ILE A 201 -21.58 -19.93 -32.25
CA ILE A 201 -21.62 -21.02 -31.28
C ILE A 201 -20.20 -21.34 -30.87
N TYR A 202 -20.06 -21.92 -29.68
CA TYR A 202 -18.77 -22.27 -29.11
C TYR A 202 -18.69 -23.78 -28.94
N THR A 203 -17.59 -24.35 -29.42
CA THR A 203 -17.32 -25.78 -29.30
C THR A 203 -15.89 -25.98 -28.80
N TRP A 204 -15.68 -27.03 -28.02
CA TRP A 204 -14.34 -27.35 -27.57
C TRP A 204 -13.52 -27.93 -28.72
N THR A 205 -12.29 -27.43 -28.87
CA THR A 205 -11.46 -27.82 -30.01
C THR A 205 -11.22 -29.32 -30.02
N LYS A 206 -10.75 -29.87 -28.91
CA LYS A 206 -10.60 -31.30 -28.75
C LYS A 206 -11.89 -31.84 -28.12
N GLY A 207 -11.84 -33.08 -27.64
CA GLY A 207 -12.93 -33.61 -26.86
C GLY A 207 -13.08 -32.81 -25.58
N PRO A 208 -14.27 -32.84 -24.99
CA PRO A 208 -14.48 -32.05 -23.76
C PRO A 208 -13.52 -32.40 -22.64
N GLU A 209 -13.09 -33.66 -22.55
CA GLU A 209 -12.16 -34.06 -21.50
C GLU A 209 -10.76 -33.49 -21.75
N LYS A 210 -10.32 -33.47 -23.00
CA LYS A 210 -8.96 -33.10 -23.34
C LYS A 210 -8.81 -31.63 -23.71
N SER A 211 -9.90 -30.87 -23.78
CA SER A 211 -9.80 -29.48 -24.23
C SER A 211 -9.18 -28.59 -23.16
N VAL A 212 -9.52 -28.81 -21.90
CA VAL A 212 -8.94 -28.06 -20.79
C VAL A 212 -7.87 -28.93 -20.15
N GLU A 213 -6.62 -28.46 -20.20
CA GLU A 213 -5.48 -29.20 -19.70
C GLU A 213 -4.81 -28.41 -18.59
N VAL A 214 -4.74 -29.01 -17.40
CA VAL A 214 -4.12 -28.41 -16.24
C VAL A 214 -2.97 -29.30 -15.80
N PRO A 215 -1.73 -28.96 -16.17
CA PRO A 215 -0.59 -29.75 -15.71
C PRO A 215 -0.43 -29.68 -14.20
N LYS A 216 0.10 -30.76 -13.63
CA LYS A 216 0.33 -30.80 -12.18
C LYS A 216 1.30 -29.71 -11.75
N GLU A 217 2.24 -29.34 -12.62
CA GLU A 217 3.19 -28.27 -12.30
C GLU A 217 2.51 -26.92 -12.18
N SER A 218 1.36 -26.73 -12.82
CA SER A 218 0.67 -25.44 -12.81
C SER A 218 -0.03 -25.15 -11.49
N SER A 219 -0.13 -26.12 -10.59
CA SER A 219 -0.87 -25.94 -9.35
C SER A 219 -0.12 -24.97 -8.44
N SER A 220 -0.66 -23.77 -8.26
CA SER A 220 -0.14 -22.79 -7.31
C SER A 220 -0.96 -22.76 -6.02
N LEU A 221 -1.86 -23.72 -5.84
CA LEU A 221 -2.70 -23.76 -4.65
C LEU A 221 -1.87 -24.04 -3.40
N VAL A 222 -2.28 -23.43 -2.30
CA VAL A 222 -1.60 -23.58 -1.01
C VAL A 222 -2.40 -24.48 -0.07
N GLN A 223 -3.67 -24.16 0.14
CA GLN A 223 -4.53 -24.92 1.04
C GLN A 223 -5.55 -25.77 0.30
N TYR A 224 -5.42 -25.91 -1.02
CA TYR A 224 -6.36 -26.68 -1.82
C TYR A 224 -5.60 -27.67 -2.69
N ASP A 225 -6.30 -28.73 -3.09
CA ASP A 225 -5.77 -29.70 -4.03
C ASP A 225 -6.76 -29.86 -5.16
N LEU A 226 -6.27 -29.78 -6.41
CA LEU A 226 -7.13 -29.87 -7.58
C LEU A 226 -7.37 -31.33 -7.91
N ILE A 227 -8.55 -31.84 -7.54
CA ILE A 227 -8.88 -33.23 -7.80
C ILE A 227 -9.04 -33.47 -9.29
N GLY A 228 -9.77 -32.59 -9.97
CA GLY A 228 -9.98 -32.74 -11.40
C GLY A 228 -10.87 -31.62 -11.91
N GLN A 229 -11.10 -31.66 -13.22
CA GLN A 229 -11.94 -30.66 -13.87
C GLN A 229 -13.00 -31.34 -14.73
N THR A 230 -14.19 -30.77 -14.74
CA THR A 230 -15.29 -31.21 -15.58
C THR A 230 -15.64 -30.11 -16.56
N VAL A 231 -15.93 -30.50 -17.80
CA VAL A 231 -16.13 -29.56 -18.90
C VAL A 231 -17.53 -29.78 -19.46
N SER A 232 -18.28 -28.69 -19.60
CA SER A 232 -19.65 -28.77 -20.10
C SER A 232 -20.02 -27.44 -20.75
N SER A 233 -21.10 -27.47 -21.53
CA SER A 233 -21.64 -26.30 -22.19
C SER A 233 -23.14 -26.24 -21.98
N GLU A 234 -23.68 -25.02 -22.01
CA GLU A 234 -25.10 -24.81 -21.76
C GLU A 234 -25.56 -23.58 -22.53
N THR A 235 -26.85 -23.26 -22.39
CA THR A 235 -27.46 -22.10 -23.02
C THR A 235 -28.19 -21.28 -21.96
N ILE A 236 -28.08 -19.96 -22.07
CA ILE A 236 -28.79 -19.04 -21.19
C ILE A 236 -29.59 -18.07 -22.03
N LYS A 237 -30.66 -17.54 -21.46
CA LYS A 237 -31.56 -16.63 -22.15
C LYS A 237 -31.56 -15.29 -21.44
N SER A 238 -31.45 -14.21 -22.22
CA SER A 238 -31.50 -12.86 -21.71
C SER A 238 -32.31 -12.00 -22.67
N ILE A 239 -32.46 -10.72 -22.34
CA ILE A 239 -33.22 -9.81 -23.21
C ILE A 239 -32.49 -9.64 -24.53
N THR A 240 -31.16 -9.62 -24.51
CA THR A 240 -30.40 -9.49 -25.75
C THR A 240 -30.61 -10.71 -26.65
N GLY A 241 -30.65 -11.91 -26.06
CA GLY A 241 -30.87 -13.10 -26.83
C GLY A 241 -30.47 -14.34 -26.03
N GLU A 242 -30.39 -15.45 -26.75
CA GLU A 242 -29.97 -16.73 -26.17
C GLU A 242 -28.54 -17.01 -26.58
N TYR A 243 -27.68 -17.25 -25.60
CA TYR A 243 -26.24 -17.37 -25.82
C TYR A 243 -25.73 -18.73 -25.37
N ILE A 244 -24.73 -19.23 -26.10
CA ILE A 244 -24.02 -20.45 -25.71
C ILE A 244 -23.02 -20.10 -24.62
N VAL A 245 -23.06 -20.86 -23.53
CA VAL A 245 -22.16 -20.66 -22.39
C VAL A 245 -21.35 -21.93 -22.19
N MET A 246 -20.02 -21.77 -22.15
CA MET A 246 -19.12 -22.88 -21.91
C MET A 246 -18.60 -22.79 -20.47
N THR A 247 -18.74 -23.87 -19.72
CA THR A 247 -18.43 -23.88 -18.30
C THR A 247 -17.34 -24.90 -18.01
N VAL A 248 -16.39 -24.51 -17.17
CA VAL A 248 -15.35 -25.40 -16.67
C VAL A 248 -15.42 -25.39 -15.15
N TYR A 249 -15.59 -26.56 -14.55
CA TYR A 249 -15.68 -26.69 -13.11
C TYR A 249 -14.39 -27.33 -12.59
N PHE A 250 -13.70 -26.62 -11.71
CA PHE A 250 -12.48 -27.13 -11.08
C PHE A 250 -12.83 -27.63 -9.68
N HIS A 251 -12.60 -28.91 -9.44
CA HIS A 251 -12.95 -29.54 -8.18
C HIS A 251 -11.77 -29.40 -7.23
N LEU A 252 -11.95 -28.63 -6.16
CA LEU A 252 -10.90 -28.33 -5.20
C LEU A 252 -11.23 -28.99 -3.87
N ARG A 253 -10.26 -29.70 -3.30
CA ARG A 253 -10.40 -30.32 -1.99
C ARG A 253 -9.45 -29.61 -1.03
N ARG A 254 -10.00 -29.05 0.04
CA ARG A 254 -9.18 -28.31 0.98
C ARG A 254 -8.31 -29.25 1.82
N LYS A 255 -7.09 -28.80 2.10
CA LYS A 255 -6.17 -29.53 2.96
C LYS A 255 -6.31 -28.96 4.38
N MET A 256 -6.64 -29.82 5.34
CA MET A 256 -6.90 -29.40 6.70
C MET A 256 -5.66 -29.43 7.58
N GLY A 257 -4.48 -29.65 6.99
CA GLY A 257 -3.27 -29.69 7.80
C GLY A 257 -3.00 -28.39 8.53
N TYR A 258 -3.22 -27.26 7.85
CA TYR A 258 -3.02 -25.97 8.50
C TYR A 258 -4.02 -25.76 9.63
N PHE A 259 -5.31 -26.00 9.36
CA PHE A 259 -6.33 -25.77 10.38
C PHE A 259 -6.23 -26.77 11.52
N MET A 260 -5.68 -27.96 11.26
CA MET A 260 -5.49 -28.94 12.31
C MET A 260 -4.54 -28.42 13.38
N ILE A 261 -3.44 -27.81 12.97
CA ILE A 261 -2.45 -27.33 13.91
C ILE A 261 -2.72 -25.91 14.38
N GLN A 262 -3.35 -25.08 13.54
CA GLN A 262 -3.60 -23.69 13.92
C GLN A 262 -4.72 -23.59 14.93
N THR A 263 -5.79 -24.37 14.76
CA THR A 263 -6.97 -24.25 15.60
C THR A 263 -7.26 -25.50 16.42
N TYR A 264 -7.32 -26.66 15.79
CA TYR A 264 -7.77 -27.87 16.49
C TYR A 264 -6.81 -28.25 17.61
N ILE A 265 -5.50 -28.26 17.33
CA ILE A 265 -4.53 -28.63 18.35
C ILE A 265 -4.54 -27.67 19.53
N PRO A 266 -4.50 -26.35 19.36
CA PRO A 266 -4.63 -25.47 20.53
C PRO A 266 -5.94 -25.65 21.28
N CYS A 267 -7.04 -25.90 20.58
CA CYS A 267 -8.31 -26.12 21.26
C CYS A 267 -8.30 -27.42 22.06
N ILE A 268 -7.77 -28.49 21.48
CA ILE A 268 -7.70 -29.76 22.18
C ILE A 268 -6.80 -29.65 23.42
N MET A 269 -5.64 -29.02 23.27
CA MET A 269 -4.72 -28.90 24.39
C MET A 269 -5.28 -28.00 25.48
N THR A 270 -6.04 -26.96 25.11
CA THR A 270 -6.67 -26.11 26.10
C THR A 270 -7.67 -26.89 26.96
N VAL A 271 -8.44 -27.77 26.33
CA VAL A 271 -9.38 -28.61 27.07
C VAL A 271 -8.61 -29.54 28.01
N ILE A 272 -7.52 -30.13 27.53
CA ILE A 272 -6.69 -30.98 28.38
C ILE A 272 -6.09 -30.16 29.51
N LEU A 273 -5.68 -28.93 29.22
CA LEU A 273 -5.10 -28.07 30.25
C LEU A 273 -6.11 -27.77 31.36
N SER A 274 -7.38 -27.54 30.98
CA SER A 274 -8.41 -27.27 31.99
C SER A 274 -8.62 -28.48 32.88
N GLN A 275 -8.58 -29.68 32.32
CA GLN A 275 -8.78 -30.89 33.10
C GLN A 275 -7.65 -31.19 34.06
N VAL A 276 -6.50 -30.51 33.92
CA VAL A 276 -5.42 -30.67 34.89
C VAL A 276 -5.84 -30.15 36.25
N SER A 277 -6.69 -29.12 36.29
CA SER A 277 -7.13 -28.54 37.56
C SER A 277 -7.87 -29.54 38.43
N PHE A 278 -8.43 -30.60 37.84
CA PHE A 278 -9.13 -31.60 38.63
C PHE A 278 -8.18 -32.32 39.59
N TRP A 279 -6.95 -32.60 39.14
CA TRP A 279 -5.98 -33.28 39.97
C TRP A 279 -5.37 -32.37 41.03
N ILE A 280 -5.54 -31.05 40.91
CA ILE A 280 -5.06 -30.15 41.95
C ILE A 280 -5.97 -30.24 43.16
N ASN A 281 -5.38 -30.18 44.34
CA ASN A 281 -6.15 -30.30 45.58
C ASN A 281 -7.13 -29.13 45.71
N LYS A 282 -8.28 -29.42 46.30
CA LYS A 282 -9.33 -28.41 46.46
C LYS A 282 -8.92 -27.29 47.40
N GLU A 283 -7.96 -27.52 48.29
CA GLU A 283 -7.53 -26.48 49.22
C GLU A 283 -6.87 -25.32 48.49
N SER A 284 -6.22 -25.59 47.35
CA SER A 284 -5.55 -24.55 46.57
C SER A 284 -6.58 -23.84 45.70
N VAL A 285 -7.44 -23.07 46.39
CA VAL A 285 -8.52 -22.35 45.69
C VAL A 285 -7.98 -21.33 44.69
N PRO A 286 -7.03 -20.46 45.04
CA PRO A 286 -6.53 -19.50 44.04
C PRO A 286 -5.90 -20.17 42.83
N ALA A 287 -5.19 -21.28 43.03
CA ALA A 287 -4.50 -21.94 41.93
C ALA A 287 -5.50 -22.52 40.92
N ARG A 288 -6.53 -23.19 41.41
CA ARG A 288 -7.50 -23.79 40.51
C ARG A 288 -8.38 -22.74 39.84
N THR A 289 -8.62 -21.62 40.53
CA THR A 289 -9.39 -20.54 39.92
C THR A 289 -8.68 -19.95 38.71
N VAL A 290 -7.36 -19.76 38.81
CA VAL A 290 -6.59 -19.23 37.68
C VAL A 290 -6.62 -20.22 36.53
N PHE A 291 -6.63 -21.52 36.82
CA PHE A 291 -6.71 -22.53 35.77
C PHE A 291 -7.97 -22.34 34.94
N GLY A 292 -9.10 -22.15 35.60
CA GLY A 292 -10.35 -21.97 34.87
C GLY A 292 -10.40 -20.69 34.07
N ILE A 293 -9.93 -19.59 34.67
CA ILE A 293 -10.03 -18.28 34.02
C ILE A 293 -9.22 -18.25 32.73
N THR A 294 -7.95 -18.66 32.81
CA THR A 294 -7.06 -18.54 31.66
C THR A 294 -7.52 -19.42 30.51
N THR A 295 -7.98 -20.64 30.81
CA THR A 295 -8.46 -21.52 29.75
C THR A 295 -9.70 -20.95 29.07
N VAL A 296 -10.60 -20.35 29.84
CA VAL A 296 -11.78 -19.72 29.25
C VAL A 296 -11.37 -18.55 28.37
N LEU A 297 -10.43 -17.72 28.85
CA LEU A 297 -9.97 -16.60 28.04
C LEU A 297 -9.24 -17.09 26.79
N THR A 298 -8.46 -18.16 26.92
CA THR A 298 -7.76 -18.71 25.76
C THR A 298 -8.73 -19.20 24.70
N MET A 299 -9.80 -19.87 25.12
CA MET A 299 -10.81 -20.33 24.16
C MET A 299 -11.48 -19.17 23.46
N THR A 300 -11.69 -18.05 24.17
CA THR A 300 -12.27 -16.87 23.54
C THR A 300 -11.37 -16.34 22.43
N THR A 301 -10.06 -16.30 22.68
CA THR A 301 -9.12 -15.83 21.67
C THR A 301 -9.10 -16.78 20.47
N LEU A 302 -9.11 -18.09 20.71
CA LEU A 302 -9.07 -19.05 19.61
C LEU A 302 -10.32 -18.96 18.76
N SER A 303 -11.49 -18.76 19.39
CA SER A 303 -12.73 -18.66 18.63
C SER A 303 -12.72 -17.46 17.70
N ILE A 304 -12.23 -16.32 18.17
CA ILE A 304 -12.17 -15.13 17.33
C ILE A 304 -11.16 -15.32 16.21
N SER A 305 -10.00 -15.90 16.53
CA SER A 305 -8.96 -16.08 15.52
C SER A 305 -9.39 -17.05 14.41
N ALA A 306 -10.20 -18.05 14.75
CA ALA A 306 -10.66 -19.01 13.75
C ALA A 306 -11.53 -18.32 12.69
N ARG A 307 -12.39 -17.40 13.12
CA ARG A 307 -13.28 -16.68 12.22
C ARG A 307 -12.61 -15.44 11.61
N HIS A 308 -11.35 -15.17 11.95
CA HIS A 308 -10.68 -13.99 11.42
C HIS A 308 -10.54 -14.05 9.90
N SER A 309 -9.83 -15.07 9.40
CA SER A 309 -9.68 -15.21 7.95
C SER A 309 -10.93 -15.75 7.30
N LEU A 310 -11.71 -16.56 8.02
CA LEU A 310 -12.93 -17.13 7.46
C LEU A 310 -13.96 -16.03 7.21
N PRO A 311 -14.62 -16.02 6.05
CA PRO A 311 -15.67 -15.02 5.81
C PRO A 311 -16.85 -15.23 6.73
N LYS A 312 -17.54 -14.13 7.03
CA LYS A 312 -18.68 -14.15 7.92
C LYS A 312 -19.90 -14.73 7.21
N VAL A 313 -20.43 -15.83 7.72
CA VAL A 313 -21.61 -16.47 7.15
C VAL A 313 -22.61 -16.74 8.27
N SER A 314 -23.88 -16.86 7.89
CA SER A 314 -24.94 -17.07 8.87
C SER A 314 -24.87 -18.48 9.46
N TYR A 315 -24.62 -19.48 8.62
CA TYR A 315 -24.59 -20.86 9.08
C TYR A 315 -23.32 -21.15 9.87
N ALA A 316 -23.33 -22.27 10.59
CA ALA A 316 -22.22 -22.68 11.43
C ALA A 316 -21.35 -23.69 10.69
N THR A 317 -20.05 -23.44 10.67
CA THR A 317 -19.11 -24.36 10.04
C THR A 317 -18.84 -25.54 10.97
N ALA A 318 -18.17 -26.56 10.42
CA ALA A 318 -17.81 -27.72 11.24
C ALA A 318 -16.84 -27.33 12.34
N MET A 319 -15.90 -26.45 12.05
CA MET A 319 -14.95 -26.01 13.06
C MET A 319 -15.64 -25.20 14.16
N ASP A 320 -16.74 -24.51 13.83
CA ASP A 320 -17.48 -23.76 14.84
C ASP A 320 -18.07 -24.69 15.88
N TRP A 321 -18.60 -25.83 15.46
CA TRP A 321 -19.14 -26.80 16.42
C TRP A 321 -18.04 -27.34 17.33
N PHE A 322 -16.86 -27.62 16.77
CA PHE A 322 -15.76 -28.12 17.58
C PHE A 322 -15.33 -27.09 18.63
N ILE A 323 -15.25 -25.82 18.25
CA ILE A 323 -14.89 -24.79 19.19
C ILE A 323 -15.97 -24.62 20.25
N ALA A 324 -17.24 -24.65 19.83
CA ALA A 324 -18.34 -24.48 20.78
C ALA A 324 -18.36 -25.61 21.81
N VAL A 325 -18.17 -26.85 21.36
CA VAL A 325 -18.14 -27.96 22.29
C VAL A 325 -16.93 -27.85 23.22
N CYS A 326 -15.76 -27.51 22.67
CA CYS A 326 -14.58 -27.32 23.51
C CYS A 326 -14.78 -26.17 24.49
N PHE A 327 -15.49 -25.13 24.07
CA PHE A 327 -15.80 -24.03 24.98
C PHE A 327 -16.68 -24.50 26.13
N ALA A 328 -17.64 -25.39 25.84
CA ALA A 328 -18.48 -25.94 26.90
C ALA A 328 -17.67 -26.77 27.88
N PHE A 329 -16.74 -27.59 27.37
CA PHE A 329 -15.92 -28.41 28.25
C PHE A 329 -15.03 -27.54 29.13
N VAL A 330 -14.44 -26.49 28.57
CA VAL A 330 -13.59 -25.60 29.36
C VAL A 330 -14.41 -24.86 30.41
N PHE A 331 -15.58 -24.35 30.02
CA PHE A 331 -16.42 -23.62 30.97
C PHE A 331 -16.93 -24.56 32.07
N SER A 332 -17.29 -25.80 31.71
CA SER A 332 -17.77 -26.74 32.71
C SER A 332 -16.69 -27.10 33.71
N ALA A 333 -15.41 -27.04 33.30
CA ALA A 333 -14.32 -27.31 34.23
C ALA A 333 -14.30 -26.27 35.35
N LEU A 334 -14.50 -24.99 35.00
CA LEU A 334 -14.58 -23.95 36.03
C LEU A 334 -15.83 -24.13 36.89
N ILE A 335 -16.95 -24.52 36.26
CA ILE A 335 -18.16 -24.78 37.03
C ILE A 335 -17.95 -25.96 37.97
N GLU A 336 -17.19 -26.96 37.53
CA GLU A 336 -16.92 -28.12 38.38
C GLU A 336 -16.16 -27.70 39.64
N PHE A 337 -15.16 -26.84 39.49
CA PHE A 337 -14.42 -26.36 40.66
C PHE A 337 -15.31 -25.51 41.57
N ALA A 338 -16.20 -24.72 40.98
CA ALA A 338 -17.13 -23.94 41.79
C ALA A 338 -18.02 -24.84 42.63
N ALA A 339 -18.49 -25.95 42.05
CA ALA A 339 -19.26 -26.92 42.82
C ALA A 339 -18.40 -27.54 43.93
N VAL A 340 -17.15 -27.86 43.62
CA VAL A 340 -16.27 -28.44 44.63
C VAL A 340 -16.06 -27.46 45.78
N ASN A 341 -15.79 -26.20 45.45
CA ASN A 341 -15.58 -25.19 46.49
C ASN A 341 -16.85 -24.92 47.27
N TYR A 342 -17.99 -24.85 46.58
CA TYR A 342 -19.25 -24.58 47.27
C TYR A 342 -19.63 -25.71 48.22
N PHE A 343 -19.47 -26.96 47.78
CA PHE A 343 -19.89 -28.09 48.60
C PHE A 343 -18.91 -28.38 49.73
N THR A 344 -17.63 -28.05 49.56
CA THR A 344 -16.67 -28.32 50.63
C THR A 344 -16.83 -27.31 51.77
N ASN A 345 -17.32 -26.10 51.48
CA ASN A 345 -17.60 -25.15 52.54
C ASN A 345 -18.75 -25.62 53.42
N ILE A 346 -19.79 -26.20 52.80
CA ILE A 346 -20.89 -26.75 53.57
C ILE A 346 -20.40 -27.90 54.44
N GLN A 347 -19.55 -28.77 53.89
CA GLN A 347 -18.97 -29.84 54.67
C GLN A 347 -18.08 -29.28 55.78
N MET A 348 -17.31 -28.23 55.47
CA MET A 348 -16.46 -27.62 56.49
C MET A 348 -17.28 -27.00 57.60
N GLU A 349 -18.40 -26.37 57.24
CA GLU A 349 -19.30 -25.75 58.20
C GLU A 349 -20.35 -26.73 58.73
N LYS A 350 -20.08 -28.03 58.67
CA LYS A 350 -21.00 -29.06 59.17
C LYS A 350 -22.38 -28.96 58.52
N THR A 515 -9.66 -35.78 47.45
CA THR A 515 -10.48 -36.29 48.55
C THR A 515 -11.93 -35.85 48.41
N SER A 516 -12.28 -35.38 47.21
CA SER A 516 -13.63 -34.92 46.91
C SER A 516 -14.24 -35.84 45.86
N LYS A 517 -15.49 -36.25 46.10
CA LYS A 517 -16.17 -37.13 45.15
C LYS A 517 -16.36 -36.45 43.80
N ILE A 518 -16.64 -35.14 43.81
CA ILE A 518 -16.83 -34.41 42.55
C ILE A 518 -15.56 -34.46 41.71
N ASP A 519 -14.40 -34.25 42.34
CA ASP A 519 -13.15 -34.31 41.60
C ASP A 519 -12.88 -35.71 41.06
N LYS A 520 -13.15 -36.75 41.87
CA LYS A 520 -12.85 -38.11 41.45
C LYS A 520 -13.65 -38.50 40.21
N TYR A 521 -14.94 -38.17 40.18
CA TYR A 521 -15.73 -38.43 38.99
C TYR A 521 -15.29 -37.54 37.84
N ALA A 522 -14.94 -36.29 38.12
CA ALA A 522 -14.52 -35.37 37.07
C ALA A 522 -13.21 -35.82 36.42
N ARG A 523 -12.30 -36.40 37.20
CA ARG A 523 -11.03 -36.87 36.65
C ARG A 523 -11.23 -37.98 35.61
N ILE A 524 -12.36 -38.66 35.65
CA ILE A 524 -12.64 -39.77 34.73
C ILE A 524 -13.68 -39.38 33.68
N LEU A 525 -14.79 -38.78 34.12
CA LEU A 525 -15.88 -38.48 33.20
C LEU A 525 -15.46 -37.44 32.15
N PHE A 526 -14.75 -36.39 32.56
CA PHE A 526 -14.36 -35.35 31.63
C PHE A 526 -13.46 -35.86 30.50
N PRO A 527 -12.36 -36.58 30.78
CA PRO A 527 -11.57 -37.10 29.64
C PRO A 527 -12.34 -38.06 28.75
N VAL A 528 -13.21 -38.89 29.33
CA VAL A 528 -13.95 -39.86 28.53
C VAL A 528 -14.96 -39.17 27.63
N THR A 529 -15.73 -38.23 28.19
CA THR A 529 -16.74 -37.53 27.40
C THR A 529 -16.11 -36.72 26.28
N PHE A 530 -15.01 -36.02 26.59
CA PHE A 530 -14.31 -35.27 25.53
C PHE A 530 -13.71 -36.23 24.50
N GLY A 531 -13.14 -37.34 24.95
CA GLY A 531 -12.64 -38.33 24.02
C GLY A 531 -13.74 -38.94 23.17
N ALA A 532 -14.90 -39.20 23.77
CA ALA A 532 -16.02 -39.71 23.01
C ALA A 532 -16.51 -38.71 21.98
N PHE A 533 -16.51 -37.42 22.34
CA PHE A 533 -16.93 -36.40 21.38
C PHE A 533 -16.00 -36.36 20.16
N ASN A 534 -14.70 -36.49 20.39
CA ASN A 534 -13.75 -36.46 19.29
C ASN A 534 -13.99 -37.61 18.31
N MET A 535 -14.27 -38.81 18.84
CA MET A 535 -14.56 -39.94 17.98
C MET A 535 -15.82 -39.69 17.15
N VAL A 536 -16.86 -39.14 17.77
CA VAL A 536 -18.08 -38.84 17.03
C VAL A 536 -17.86 -37.72 16.03
N TYR A 537 -17.16 -36.66 16.45
CA TYR A 537 -17.01 -35.49 15.59
C TYR A 537 -16.19 -35.83 14.33
N TRP A 538 -15.07 -36.52 14.50
CA TRP A 538 -14.19 -36.78 13.36
C TRP A 538 -14.80 -37.79 12.40
N VAL A 539 -15.44 -38.84 12.93
CA VAL A 539 -16.00 -39.87 12.08
C VAL A 539 -17.11 -39.30 11.20
N VAL A 540 -17.97 -38.45 11.78
CA VAL A 540 -19.11 -37.91 11.03
C VAL A 540 -18.63 -37.07 9.85
N TYR A 541 -17.66 -36.20 10.09
CA TYR A 541 -17.24 -35.26 9.05
C TYR A 541 -16.27 -35.89 8.06
N LEU A 542 -15.33 -36.72 8.54
CA LEU A 542 -14.39 -37.35 7.63
C LEU A 542 -15.06 -38.38 6.73
N SER A 543 -16.22 -38.90 7.12
CA SER A 543 -16.93 -39.85 6.27
C SER A 543 -17.51 -39.18 5.05
N LYS A 544 -17.93 -37.92 5.17
CA LYS A 544 -18.51 -37.19 4.05
C LYS A 544 -17.48 -36.95 2.95
N GLY B 32 25.64 14.76 -39.01
CA GLY B 32 25.67 16.20 -38.82
C GLY B 32 24.60 16.92 -39.61
N ASN B 33 24.48 16.58 -40.89
CA ASN B 33 23.39 17.07 -41.72
C ASN B 33 22.10 16.38 -41.31
N MET B 34 21.20 17.11 -40.65
CA MET B 34 19.99 16.49 -40.10
C MET B 34 18.98 16.18 -41.18
N SER B 35 18.95 16.96 -42.26
CA SER B 35 18.09 16.64 -43.40
C SER B 35 18.54 15.36 -44.08
N PHE B 36 19.85 15.13 -44.15
CA PHE B 36 20.37 13.89 -44.72
C PHE B 36 20.01 12.70 -43.84
N VAL B 37 20.19 12.83 -42.53
CA VAL B 37 19.81 11.74 -41.62
C VAL B 37 18.32 11.51 -41.67
N LYS B 38 17.52 12.59 -41.70
CA LYS B 38 16.07 12.45 -41.76
C LYS B 38 15.67 11.72 -43.04
N GLU B 39 16.29 12.05 -44.16
CA GLU B 39 16.01 11.38 -45.42
C GLU B 39 16.32 9.89 -45.33
N THR B 40 17.52 9.56 -44.83
CA THR B 40 17.92 8.17 -44.67
C THR B 40 16.91 7.39 -43.84
N VAL B 41 16.51 7.94 -42.69
CA VAL B 41 15.62 7.22 -41.79
C VAL B 41 14.23 7.11 -42.40
N ASP B 42 13.75 8.18 -43.03
CA ASP B 42 12.46 8.12 -43.73
C ASP B 42 12.46 7.01 -44.76
N LYS B 43 13.57 6.86 -45.50
CA LYS B 43 13.67 5.83 -46.52
C LYS B 43 13.59 4.45 -45.88
N LEU B 44 14.26 4.28 -44.74
CA LEU B 44 14.23 3.00 -44.02
C LEU B 44 12.80 2.59 -43.69
N LEU B 45 11.97 3.54 -43.27
CA LEU B 45 10.64 3.25 -42.77
C LEU B 45 9.57 3.32 -43.85
N LYS B 46 9.96 3.71 -45.08
CA LYS B 46 9.01 3.80 -46.18
C LYS B 46 8.65 2.40 -46.64
N GLY B 47 7.36 2.05 -46.56
CA GLY B 47 6.92 0.72 -46.93
C GLY B 47 7.34 -0.37 -45.96
N TYR B 48 7.81 0.00 -44.77
CA TYR B 48 8.17 -0.98 -43.76
C TYR B 48 6.89 -1.60 -43.20
N ASP B 49 6.83 -2.94 -43.21
CA ASP B 49 5.68 -3.67 -42.68
C ASP B 49 6.02 -4.24 -41.31
N ILE B 50 5.47 -3.61 -40.26
CA ILE B 50 5.67 -4.08 -38.90
C ILE B 50 5.11 -5.48 -38.68
N ARG B 51 4.22 -5.94 -39.55
CA ARG B 51 3.57 -7.23 -39.35
C ARG B 51 4.52 -8.39 -39.58
N LEU B 52 5.56 -8.20 -40.38
CA LEU B 52 6.43 -9.27 -40.84
C LEU B 52 7.74 -9.21 -40.07
N ARG B 53 8.13 -10.33 -39.46
CA ARG B 53 9.43 -10.42 -38.83
C ARG B 53 10.55 -10.29 -39.88
N PRO B 54 11.74 -9.87 -39.45
CA PRO B 54 12.90 -9.93 -40.34
C PRO B 54 13.12 -11.33 -40.89
N ASP B 55 13.39 -11.41 -42.19
CA ASP B 55 13.62 -12.69 -42.88
C ASP B 55 12.40 -13.59 -42.82
N PHE B 56 11.21 -12.99 -42.77
CA PHE B 56 9.95 -13.72 -42.84
C PHE B 56 10.02 -14.79 -43.93
N GLY B 57 9.63 -16.01 -43.57
CA GLY B 57 9.65 -17.12 -44.50
C GLY B 57 11.01 -17.75 -44.67
N GLY B 58 12.05 -17.22 -44.02
CA GLY B 58 13.39 -17.73 -44.14
C GLY B 58 13.85 -18.32 -42.82
N PRO B 59 15.17 -18.40 -42.63
CA PRO B 59 15.70 -18.92 -41.36
C PRO B 59 15.26 -18.06 -40.19
N PRO B 60 15.23 -18.61 -38.99
CA PRO B 60 14.78 -17.82 -37.84
C PRO B 60 15.69 -16.63 -37.58
N VAL B 61 15.10 -15.56 -37.05
CA VAL B 61 15.87 -14.42 -36.57
C VAL B 61 16.45 -14.75 -35.21
N CYS B 62 17.76 -14.55 -35.07
CA CYS B 62 18.45 -14.78 -33.79
C CYS B 62 18.35 -13.51 -32.96
N VAL B 63 17.77 -13.63 -31.76
CA VAL B 63 17.60 -12.51 -30.85
C VAL B 63 18.48 -12.73 -29.63
N GLY B 64 19.45 -11.83 -29.43
CA GLY B 64 20.30 -11.87 -28.26
C GLY B 64 19.71 -11.04 -27.13
N MET B 65 19.81 -11.56 -25.91
CA MET B 65 19.22 -10.93 -24.75
C MET B 65 20.26 -10.81 -23.64
N ASN B 66 20.32 -9.63 -23.02
CA ASN B 66 21.15 -9.41 -21.85
C ASN B 66 20.35 -8.62 -20.83
N ILE B 67 20.60 -8.88 -19.56
CA ILE B 67 19.85 -8.28 -18.46
C ILE B 67 20.84 -7.57 -17.53
N ASP B 68 20.48 -6.36 -17.10
CA ASP B 68 21.16 -5.67 -16.02
C ASP B 68 20.19 -5.51 -14.86
N ILE B 69 20.44 -6.24 -13.78
CA ILE B 69 19.55 -6.23 -12.63
CA ILE B 69 19.54 -6.22 -12.64
C ILE B 69 19.73 -4.93 -11.85
N ALA B 70 18.61 -4.24 -11.60
CA ALA B 70 18.64 -3.02 -10.80
C ALA B 70 18.40 -3.31 -9.32
N SER B 71 17.43 -4.17 -9.01
CA SER B 71 17.01 -4.43 -7.64
C SER B 71 16.16 -5.69 -7.63
N ILE B 72 16.14 -6.36 -6.48
CA ILE B 72 15.03 -7.23 -6.10
C ILE B 72 14.36 -6.60 -4.88
N ASP B 73 13.18 -6.01 -5.11
CA ASP B 73 12.58 -5.14 -4.10
C ASP B 73 12.03 -5.95 -2.93
N MET B 74 11.41 -7.10 -3.21
CA MET B 74 10.60 -7.80 -2.23
C MET B 74 10.63 -9.29 -2.56
N VAL B 75 10.58 -10.10 -1.52
CA VAL B 75 10.32 -11.53 -1.62
C VAL B 75 9.20 -11.87 -0.64
N SER B 76 8.12 -12.44 -1.16
CA SER B 76 6.92 -12.71 -0.37
C SER B 76 6.72 -14.22 -0.26
N GLU B 77 6.80 -14.73 0.97
CA GLU B 77 6.42 -16.11 1.22
C GLU B 77 4.90 -16.30 1.11
N VAL B 78 4.13 -15.33 1.61
CA VAL B 78 2.67 -15.46 1.62
CA VAL B 78 2.67 -15.48 1.62
C VAL B 78 2.14 -15.54 0.20
N ASN B 79 2.62 -14.68 -0.68
CA ASN B 79 2.19 -14.67 -2.07
C ASN B 79 3.04 -15.56 -2.96
N MET B 80 4.11 -16.15 -2.43
CA MET B 80 5.05 -16.97 -3.18
C MET B 80 5.46 -16.28 -4.49
N ASP B 81 6.06 -15.11 -4.34
CA ASP B 81 6.53 -14.34 -5.48
C ASP B 81 7.63 -13.39 -5.04
N TYR B 82 8.27 -12.76 -6.02
CA TYR B 82 9.31 -11.79 -5.78
C TYR B 82 9.17 -10.68 -6.82
N THR B 83 9.72 -9.52 -6.52
CA THR B 83 9.63 -8.35 -7.39
C THR B 83 11.02 -7.95 -7.86
N LEU B 84 11.21 -7.92 -9.17
CA LEU B 84 12.50 -7.67 -9.78
C LEU B 84 12.41 -6.42 -10.65
N THR B 85 13.44 -5.58 -10.59
CA THR B 85 13.62 -4.48 -11.53
C THR B 85 14.90 -4.71 -12.31
N MET B 86 14.82 -4.57 -13.63
CA MET B 86 15.94 -4.89 -14.50
C MET B 86 15.90 -3.98 -15.72
N TYR B 87 17.06 -3.86 -16.38
CA TYR B 87 17.15 -3.31 -17.73
C TYR B 87 17.22 -4.47 -18.71
N PHE B 88 16.17 -4.63 -19.51
CA PHE B 88 16.03 -5.76 -20.42
C PHE B 88 16.34 -5.29 -21.83
N GLN B 89 17.34 -5.90 -22.45
CA GLN B 89 17.82 -5.48 -23.76
C GLN B 89 17.76 -6.63 -24.75
N GLN B 90 17.32 -6.34 -25.97
CA GLN B 90 17.20 -7.33 -27.03
C GLN B 90 18.04 -6.91 -28.22
N TYR B 91 18.78 -7.86 -28.77
N TYR B 91 18.70 -7.88 -28.84
CA TYR B 91 19.66 -7.63 -29.91
CA TYR B 91 19.68 -7.65 -29.90
C TYR B 91 19.24 -8.51 -31.06
C TYR B 91 19.34 -8.53 -31.08
N TRP B 92 19.05 -7.91 -32.23
CA TRP B 92 18.76 -8.68 -33.44
C TRP B 92 19.14 -7.84 -34.65
N ARG B 93 19.18 -8.51 -35.80
CA ARG B 93 19.46 -7.87 -37.08
C ARG B 93 18.18 -7.81 -37.90
N ASP B 94 17.84 -6.61 -38.38
CA ASP B 94 16.75 -6.42 -39.33
C ASP B 94 17.35 -5.77 -40.58
N LYS B 95 17.55 -6.58 -41.62
CA LYS B 95 18.17 -6.08 -42.85
C LYS B 95 17.35 -5.00 -43.53
N ARG B 96 16.06 -4.86 -43.19
CA ARG B 96 15.26 -3.77 -43.73
C ARG B 96 15.72 -2.42 -43.22
N LEU B 97 16.45 -2.37 -42.12
CA LEU B 97 16.85 -1.13 -41.48
C LEU B 97 18.32 -0.78 -41.73
N ALA B 98 19.00 -1.56 -42.56
CA ALA B 98 20.40 -1.28 -42.88
C ALA B 98 20.51 0.03 -43.64
N TYR B 99 21.52 0.82 -43.29
CA TYR B 99 21.76 2.11 -43.93
C TYR B 99 23.24 2.27 -44.21
N SER B 100 23.55 3.02 -45.25
CA SER B 100 24.91 3.26 -45.69
C SER B 100 25.22 4.74 -45.68
N GLY B 101 26.52 5.05 -45.67
CA GLY B 101 26.99 6.41 -45.79
C GLY B 101 26.91 7.22 -44.52
N ILE B 102 26.64 6.57 -43.39
CA ILE B 102 26.64 7.20 -42.07
C ILE B 102 27.43 6.30 -41.15
N PRO B 103 28.66 6.64 -40.79
CA PRO B 103 29.46 5.81 -39.88
C PRO B 103 29.20 6.10 -38.40
N LEU B 104 27.93 6.07 -38.02
CA LEU B 104 27.50 6.26 -36.64
C LEU B 104 26.46 5.20 -36.31
N ASN B 105 26.32 4.92 -35.02
CA ASN B 105 25.12 4.28 -34.52
C ASN B 105 24.08 5.34 -34.16
N LEU B 106 22.88 5.19 -34.70
CA LEU B 106 21.80 6.16 -34.52
C LEU B 106 21.01 5.78 -33.28
N THR B 107 21.09 6.63 -32.25
CA THR B 107 20.16 6.56 -31.13
C THR B 107 18.92 7.39 -31.49
N LEU B 108 17.77 6.73 -31.51
CA LEU B 108 16.52 7.35 -31.92
C LEU B 108 15.60 7.52 -30.72
N ASP B 109 14.72 8.52 -30.82
CA ASP B 109 13.70 8.71 -29.80
C ASP B 109 12.88 7.43 -29.63
N ASN B 110 12.52 7.13 -28.37
CA ASN B 110 11.89 5.86 -28.06
C ASN B 110 10.56 5.66 -28.78
N ARG B 111 9.93 6.74 -29.25
CA ARG B 111 8.66 6.61 -29.95
C ARG B 111 8.79 5.92 -31.30
N VAL B 112 10.01 5.81 -31.85
CA VAL B 112 10.21 5.10 -33.10
C VAL B 112 9.91 3.62 -32.94
N ALA B 113 10.00 3.09 -31.71
CA ALA B 113 9.74 1.67 -31.47
C ALA B 113 8.35 1.26 -31.96
N ASP B 114 7.40 2.20 -31.98
CA ASP B 114 6.04 1.89 -32.41
C ASP B 114 5.95 1.70 -33.93
N GLN B 115 6.99 2.08 -34.67
CA GLN B 115 7.00 1.92 -36.12
C GLN B 115 7.87 0.75 -36.57
N LEU B 116 8.45 0.01 -35.63
CA LEU B 116 9.36 -1.08 -35.93
C LEU B 116 8.74 -2.40 -35.50
N TRP B 117 9.17 -3.48 -36.14
CA TRP B 117 8.98 -4.80 -35.58
C TRP B 117 9.85 -4.96 -34.34
N VAL B 118 9.27 -5.53 -33.28
CA VAL B 118 10.06 -5.98 -32.14
C VAL B 118 9.63 -7.39 -31.78
N PRO B 119 10.50 -8.16 -31.11
CA PRO B 119 10.11 -9.51 -30.69
C PRO B 119 8.93 -9.49 -29.74
N ASP B 120 8.19 -10.59 -29.73
CA ASP B 120 7.02 -10.72 -28.85
C ASP B 120 7.40 -11.44 -27.56
N THR B 121 8.43 -10.92 -26.90
CA THR B 121 8.98 -11.53 -25.71
C THR B 121 8.06 -11.29 -24.52
N TYR B 122 7.88 -12.34 -23.70
CA TYR B 122 7.11 -12.23 -22.47
C TYR B 122 7.77 -13.07 -21.39
N PHE B 123 7.32 -12.85 -20.15
CA PHE B 123 7.82 -13.57 -18.98
C PHE B 123 6.75 -14.55 -18.53
N LEU B 124 7.00 -15.84 -18.76
CA LEU B 124 5.94 -16.84 -18.61
C LEU B 124 5.47 -16.98 -17.17
N ASN B 125 6.35 -16.72 -16.20
CA ASN B 125 5.99 -16.85 -14.79
C ASN B 125 5.79 -15.52 -14.10
N ASP B 126 5.55 -14.45 -14.87
CA ASP B 126 5.27 -13.15 -14.26
C ASP B 126 3.81 -13.03 -13.82
N LYS B 127 3.61 -12.30 -12.73
CA LYS B 127 2.28 -12.01 -12.20
C LYS B 127 1.78 -10.63 -12.57
N LYS B 128 2.68 -9.63 -12.55
CA LYS B 128 2.32 -8.25 -12.85
C LYS B 128 3.58 -7.50 -13.23
N SER B 129 3.59 -6.87 -14.40
CA SER B 129 4.76 -6.18 -14.89
C SER B 129 4.35 -4.91 -15.60
N PHE B 130 5.27 -3.94 -15.65
CA PHE B 130 5.04 -2.70 -16.36
C PHE B 130 6.37 -2.11 -16.79
N VAL B 131 6.33 -1.34 -17.88
CA VAL B 131 7.44 -0.49 -18.29
C VAL B 131 7.29 0.87 -17.64
N HIS B 132 8.35 1.33 -16.97
CA HIS B 132 8.33 2.63 -16.33
C HIS B 132 8.06 3.73 -17.35
N GLY B 133 7.30 4.75 -16.94
CA GLY B 133 6.79 5.72 -17.88
C GLY B 133 7.14 7.18 -17.63
N VAL B 134 7.97 7.45 -16.62
CA VAL B 134 8.35 8.81 -16.28
C VAL B 134 9.86 8.97 -16.49
N THR B 135 10.26 10.09 -17.10
CA THR B 135 9.35 11.12 -17.61
C THR B 135 8.81 10.71 -18.97
N VAL B 136 9.44 9.69 -19.54
CA VAL B 136 9.01 9.09 -20.80
C VAL B 136 9.06 7.58 -20.60
N LYS B 137 8.53 6.85 -21.57
CA LYS B 137 8.61 5.40 -21.51
CA LYS B 137 8.61 5.39 -21.52
C LYS B 137 10.08 4.97 -21.49
N ASN B 138 10.46 4.21 -20.47
CA ASN B 138 11.86 3.84 -20.29
C ASN B 138 12.21 2.80 -21.35
N ARG B 139 12.50 3.31 -22.54
CA ARG B 139 12.69 2.49 -23.72
C ARG B 139 13.79 3.11 -24.58
N MET B 140 14.60 2.27 -25.20
CA MET B 140 15.67 2.73 -26.07
C MET B 140 15.61 2.00 -27.40
N ILE B 141 15.96 2.72 -28.47
CA ILE B 141 16.20 2.13 -29.79
C ILE B 141 17.51 2.67 -30.32
N ARG B 142 18.45 1.78 -30.60
CA ARG B 142 19.70 2.14 -31.25
C ARG B 142 19.87 1.29 -32.51
N LEU B 143 19.98 1.97 -33.66
CA LEU B 143 20.23 1.32 -34.93
C LEU B 143 21.71 1.34 -35.27
N HIS B 144 22.13 0.31 -36.01
CA HIS B 144 23.51 0.17 -36.46
C HIS B 144 23.55 0.06 -37.99
N PRO B 145 24.64 0.52 -38.62
CA PRO B 145 24.68 0.54 -40.10
C PRO B 145 24.34 -0.79 -40.76
N ASP B 146 24.67 -1.91 -40.13
CA ASP B 146 24.38 -3.22 -40.71
C ASP B 146 22.95 -3.68 -40.48
N GLY B 147 22.12 -2.85 -39.84
CA GLY B 147 20.75 -3.21 -39.57
C GLY B 147 20.51 -3.90 -38.25
N THR B 148 21.52 -3.96 -37.38
CA THR B 148 21.32 -4.43 -36.02
C THR B 148 20.48 -3.43 -35.23
N VAL B 149 19.46 -3.93 -34.56
CA VAL B 149 18.58 -3.12 -33.71
C VAL B 149 18.85 -3.48 -32.26
N LEU B 150 19.13 -2.46 -31.44
CA LEU B 150 19.25 -2.61 -30.00
C LEU B 150 18.02 -2.01 -29.36
N TYR B 151 17.27 -2.84 -28.62
CA TYR B 151 16.01 -2.42 -28.01
C TYR B 151 16.08 -2.69 -26.52
N GLY B 152 16.00 -1.63 -25.72
CA GLY B 152 16.14 -1.73 -24.28
C GLY B 152 14.88 -1.28 -23.57
N LEU B 153 14.54 -1.98 -22.50
CA LEU B 153 13.38 -1.63 -21.67
C LEU B 153 13.78 -1.71 -20.20
N ARG B 154 13.23 -0.82 -19.39
CA ARG B 154 13.35 -0.92 -17.94
C ARG B 154 12.04 -1.43 -17.39
N ILE B 155 12.07 -2.63 -16.80
CA ILE B 155 10.87 -3.37 -16.44
C ILE B 155 10.93 -3.67 -14.95
N THR B 156 9.80 -3.52 -14.27
CA THR B 156 9.59 -4.11 -12.96
C THR B 156 8.58 -5.24 -13.10
N THR B 157 8.95 -6.42 -12.60
CA THR B 157 8.11 -7.61 -12.71
C THR B 157 7.94 -8.22 -11.32
N THR B 158 6.70 -8.57 -10.99
CA THR B 158 6.43 -9.52 -9.92
C THR B 158 6.24 -10.90 -10.54
N ALA B 159 7.10 -11.84 -10.16
CA ALA B 159 7.14 -13.16 -10.80
C ALA B 159 6.92 -14.24 -9.75
N ALA B 160 6.21 -15.29 -10.16
CA ALA B 160 5.92 -16.40 -9.25
C ALA B 160 7.20 -17.13 -8.87
N CYS B 161 7.23 -17.64 -7.64
CA CYS B 161 8.32 -18.49 -7.19
C CYS B 161 7.76 -19.43 -6.13
N MET B 162 7.45 -20.66 -6.53
CA MET B 162 7.00 -21.68 -5.60
C MET B 162 8.14 -22.03 -4.65
N MET B 163 7.89 -21.93 -3.35
CA MET B 163 8.93 -22.13 -2.34
C MET B 163 8.64 -23.40 -1.56
N ASP B 164 9.71 -24.13 -1.23
CA ASP B 164 9.64 -25.30 -0.37
C ASP B 164 9.97 -24.85 1.05
N LEU B 165 8.95 -24.75 1.89
CA LEU B 165 9.10 -24.19 3.23
C LEU B 165 9.23 -25.26 4.30
N ARG B 166 9.60 -26.48 3.91
CA ARG B 166 9.73 -27.57 4.87
C ARG B 166 10.85 -27.31 5.86
N ARG B 167 11.90 -26.62 5.43
CA ARG B 167 13.05 -26.29 6.28
C ARG B 167 13.01 -24.85 6.78
N TYR B 168 11.92 -24.15 6.53
CA TYR B 168 11.81 -22.74 6.91
C TYR B 168 11.93 -22.59 8.42
N PRO B 169 12.70 -21.61 8.91
CA PRO B 169 13.43 -20.61 8.13
C PRO B 169 14.90 -20.92 7.85
N LEU B 170 15.25 -22.21 7.79
CA LEU B 170 16.60 -22.63 7.41
C LEU B 170 16.64 -23.14 5.99
N ASP B 171 15.88 -22.50 5.09
CA ASP B 171 15.60 -23.02 3.77
C ASP B 171 16.43 -22.30 2.71
N GLU B 172 16.58 -22.99 1.58
CA GLU B 172 17.20 -22.42 0.39
C GLU B 172 16.18 -22.51 -0.74
N GLN B 173 15.96 -21.40 -1.43
CA GLN B 173 14.96 -21.35 -2.48
C GLN B 173 15.60 -21.13 -3.85
N ASN B 174 14.91 -21.62 -4.88
CA ASN B 174 15.28 -21.43 -6.27
C ASN B 174 14.16 -20.62 -6.92
N CYS B 175 14.43 -19.36 -7.25
CA CYS B 175 13.47 -18.51 -7.94
C CYS B 175 13.98 -18.23 -9.34
N THR B 176 13.13 -18.46 -10.34
CA THR B 176 13.50 -18.33 -11.73
C THR B 176 12.74 -17.20 -12.39
N LEU B 177 13.26 -16.73 -13.52
CA LEU B 177 12.54 -15.92 -14.47
C LEU B 177 12.58 -16.60 -15.83
N GLU B 178 11.41 -16.96 -16.35
CA GLU B 178 11.31 -17.72 -17.60
C GLU B 178 10.95 -16.77 -18.73
N ILE B 179 11.83 -16.69 -19.73
CA ILE B 179 11.70 -15.74 -20.84
C ILE B 179 11.40 -16.54 -22.10
N GLU B 180 10.34 -16.17 -22.81
CA GLU B 180 9.90 -16.97 -23.94
C GLU B 180 9.33 -16.07 -25.02
N SER B 181 9.31 -16.58 -26.25
CA SER B 181 8.56 -15.97 -27.33
C SER B 181 7.10 -16.36 -27.24
N TYR B 182 6.21 -15.38 -27.31
CA TYR B 182 4.78 -15.68 -27.15
C TYR B 182 4.23 -16.45 -28.33
N GLY B 183 4.40 -15.92 -29.55
CA GLY B 183 3.69 -16.45 -30.70
C GLY B 183 4.58 -17.05 -31.78
N TYR B 184 5.85 -16.66 -31.81
CA TYR B 184 6.79 -17.16 -32.81
C TYR B 184 7.44 -18.44 -32.30
N THR B 185 7.38 -19.49 -33.12
CA THR B 185 8.05 -20.74 -32.81
C THR B 185 9.54 -20.64 -33.15
N THR B 186 10.28 -21.73 -32.86
CA THR B 186 11.70 -21.81 -33.19
C THR B 186 11.95 -21.90 -34.68
N ASP B 187 10.91 -22.13 -35.50
CA ASP B 187 11.04 -21.94 -36.94
C ASP B 187 11.25 -20.48 -37.30
N ASP B 188 10.76 -19.56 -36.46
CA ASP B 188 10.75 -18.14 -36.80
C ASP B 188 11.69 -17.29 -35.97
N ILE B 189 11.90 -17.65 -34.70
CA ILE B 189 12.73 -16.85 -33.81
C ILE B 189 13.57 -17.79 -32.93
N GLU B 190 14.77 -17.34 -32.58
CA GLU B 190 15.64 -18.06 -31.68
C GLU B 190 16.23 -17.10 -30.67
N PHE B 191 16.36 -17.56 -29.42
CA PHE B 191 16.95 -16.76 -28.36
C PHE B 191 18.32 -17.31 -27.99
N TYR B 192 19.20 -16.41 -27.56
CA TYR B 192 20.45 -16.80 -26.93
C TYR B 192 20.85 -15.76 -25.90
N TRP B 193 21.63 -16.19 -24.91
CA TRP B 193 22.24 -15.29 -23.95
C TRP B 193 23.44 -14.60 -24.60
N ARG B 194 23.34 -13.30 -24.85
CA ARG B 194 24.37 -12.57 -25.56
C ARG B 194 25.53 -12.32 -24.60
N GLY B 195 26.68 -12.95 -24.88
CA GLY B 195 27.79 -12.96 -23.96
C GLY B 195 27.89 -14.21 -23.10
N GLY B 196 27.03 -15.20 -23.33
CA GLY B 196 27.03 -16.41 -22.53
C GLY B 196 26.80 -16.12 -21.07
N ASP B 197 27.79 -16.48 -20.24
CA ASP B 197 27.64 -16.39 -18.79
C ASP B 197 27.77 -14.96 -18.27
N LYS B 198 28.13 -14.01 -19.12
CA LYS B 198 28.18 -12.60 -18.76
C LYS B 198 26.96 -11.82 -19.23
N ALA B 199 25.95 -12.50 -19.76
CA ALA B 199 24.78 -11.79 -20.29
C ALA B 199 23.98 -11.11 -19.20
N VAL B 200 24.10 -11.54 -17.95
CA VAL B 200 23.35 -10.96 -16.84
C VAL B 200 24.34 -10.32 -15.89
N THR B 201 24.19 -9.02 -15.66
CA THR B 201 25.06 -8.28 -14.76
C THR B 201 24.24 -7.78 -13.58
N GLY B 202 24.96 -7.36 -12.53
CA GLY B 202 24.35 -6.68 -11.41
C GLY B 202 23.83 -7.59 -10.33
N VAL B 203 24.18 -8.89 -10.34
CA VAL B 203 23.72 -9.79 -9.29
C VAL B 203 24.32 -9.37 -7.95
N GLU B 204 25.50 -8.75 -7.98
CA GLU B 204 26.13 -8.27 -6.75
C GLU B 204 25.37 -7.09 -6.15
N ARG B 205 24.53 -6.41 -6.94
CA ARG B 205 23.79 -5.27 -6.43
C ARG B 205 22.62 -5.68 -5.55
N ILE B 206 22.13 -6.91 -5.71
CA ILE B 206 20.96 -7.36 -4.98
C ILE B 206 21.27 -7.35 -3.48
N GLU B 207 20.45 -6.62 -2.72
CA GLU B 207 20.64 -6.44 -1.28
C GLU B 207 19.32 -6.72 -0.60
N LEU B 208 19.03 -8.00 -0.40
CA LEU B 208 17.87 -8.43 0.36
C LEU B 208 18.29 -8.68 1.80
N PRO B 209 17.69 -8.00 2.79
CA PRO B 209 18.09 -8.26 4.19
C PRO B 209 17.93 -9.71 4.59
N GLN B 210 16.89 -10.39 4.14
CA GLN B 210 16.56 -11.72 4.63
C GLN B 210 17.22 -12.83 3.81
N PHE B 211 17.85 -12.50 2.69
CA PHE B 211 18.42 -13.50 1.80
C PHE B 211 19.79 -13.06 1.32
N SER B 212 20.65 -14.04 1.06
CA SER B 212 21.85 -13.86 0.26
C SER B 212 21.68 -14.59 -1.06
N ILE B 213 22.15 -13.98 -2.14
CA ILE B 213 22.19 -14.64 -3.44
C ILE B 213 23.43 -15.53 -3.48
N VAL B 214 23.23 -16.85 -3.47
CA VAL B 214 24.33 -17.78 -3.49
C VAL B 214 24.92 -17.88 -4.89
N GLU B 215 24.05 -17.98 -5.90
CA GLU B 215 24.45 -18.32 -7.26
C GLU B 215 23.36 -17.86 -8.21
N HIS B 216 23.75 -17.60 -9.45
CA HIS B 216 22.80 -17.47 -10.55
C HIS B 216 23.27 -18.33 -11.71
N ARG B 217 22.31 -18.80 -12.51
CA ARG B 217 22.60 -19.63 -13.66
C ARG B 217 21.77 -19.17 -14.85
N LEU B 218 22.32 -19.38 -16.05
CA LEU B 218 21.66 -19.06 -17.30
C LEU B 218 21.43 -20.35 -18.07
N VAL B 219 20.19 -20.57 -18.51
CA VAL B 219 19.86 -21.78 -19.25
C VAL B 219 19.18 -21.38 -20.55
N SER B 220 19.32 -22.22 -21.58
CA SER B 220 18.68 -22.06 -22.86
C SER B 220 18.10 -23.41 -23.27
N ARG B 221 16.84 -23.42 -23.68
CA ARG B 221 16.23 -24.64 -24.19
C ARG B 221 15.03 -24.29 -25.04
N ASN B 222 14.48 -25.33 -25.68
CA ASN B 222 13.23 -25.22 -26.42
C ASN B 222 12.11 -25.89 -25.64
N VAL B 223 10.95 -25.26 -25.64
CA VAL B 223 9.78 -25.76 -24.92
C VAL B 223 8.67 -26.03 -25.93
N VAL B 224 8.08 -27.22 -25.84
CA VAL B 224 7.07 -27.68 -26.79
C VAL B 224 5.69 -27.53 -26.17
N PHE B 225 4.77 -26.92 -26.92
CA PHE B 225 3.36 -26.85 -26.60
C PHE B 225 2.55 -27.40 -27.76
N ALA B 226 1.23 -27.46 -27.58
CA ALA B 226 0.35 -27.92 -28.65
C ALA B 226 0.51 -27.07 -29.91
N THR B 227 0.83 -25.79 -29.75
CA THR B 227 0.96 -24.88 -30.88
C THR B 227 2.36 -24.91 -31.50
N GLY B 228 3.31 -25.60 -30.90
CA GLY B 228 4.60 -25.82 -31.49
C GLY B 228 5.71 -25.68 -30.46
N ALA B 229 6.94 -25.65 -30.96
CA ALA B 229 8.13 -25.53 -30.13
C ALA B 229 8.55 -24.06 -30.04
N TYR B 230 8.80 -23.60 -28.82
CA TYR B 230 9.11 -22.20 -28.60
C TYR B 230 10.48 -22.04 -27.93
N PRO B 231 11.22 -21.00 -28.27
CA PRO B 231 12.49 -20.74 -27.59
C PRO B 231 12.29 -20.24 -26.18
N ARG B 232 13.16 -20.69 -25.28
CA ARG B 232 13.10 -20.33 -23.87
C ARG B 232 14.47 -19.94 -23.37
N LEU B 233 14.53 -18.87 -22.59
CA LEU B 233 15.67 -18.54 -21.75
C LEU B 233 15.22 -18.48 -20.30
N SER B 234 16.04 -19.03 -19.41
CA SER B 234 15.70 -19.09 -17.99
C SER B 234 16.83 -18.50 -17.17
N LEU B 235 16.50 -17.56 -16.29
CA LEU B 235 17.42 -16.99 -15.32
C LEU B 235 16.92 -17.40 -13.94
N SER B 236 17.80 -18.05 -13.16
CA SER B 236 17.44 -18.49 -11.83
C SER B 236 18.46 -17.99 -10.81
N PHE B 237 18.00 -17.83 -9.58
CA PHE B 237 18.86 -17.46 -8.46
C PHE B 237 18.65 -18.46 -7.33
N ARG B 238 19.71 -18.70 -6.56
CA ARG B 238 19.63 -19.48 -5.33
C ARG B 238 19.69 -18.53 -4.16
N LEU B 239 18.63 -18.50 -3.36
CA LEU B 239 18.51 -17.60 -2.23
C LEU B 239 18.67 -18.39 -0.93
N LYS B 240 19.55 -17.91 -0.05
CA LYS B 240 19.77 -18.53 1.26
C LYS B 240 19.25 -17.59 2.32
N ARG B 241 18.28 -18.06 3.10
CA ARG B 241 17.65 -17.24 4.14
C ARG B 241 18.66 -16.96 5.25
N ASN B 242 18.74 -15.69 5.68
CA ASN B 242 19.51 -15.34 6.85
C ASN B 242 18.76 -15.70 8.12
N ILE B 243 19.42 -16.48 8.99
CA ILE B 243 18.78 -16.98 10.20
C ILE B 243 18.59 -15.87 11.23
N GLY B 244 19.45 -14.85 11.21
CA GLY B 244 19.58 -13.94 12.35
C GLY B 244 18.26 -13.38 12.84
N TYR B 245 17.41 -12.92 11.92
CA TYR B 245 16.13 -12.35 12.32
C TYR B 245 15.30 -13.36 13.09
N PHE B 246 15.32 -14.61 12.65
CA PHE B 246 14.45 -15.65 13.22
C PHE B 246 14.96 -16.10 14.58
N ILE B 247 16.28 -16.20 14.75
CA ILE B 247 16.86 -16.43 16.07
C ILE B 247 16.31 -15.41 17.05
N LEU B 248 16.27 -14.14 16.66
CA LEU B 248 15.90 -13.08 17.58
C LEU B 248 14.39 -13.03 17.77
N GLN B 249 13.63 -13.27 16.71
CA GLN B 249 12.19 -13.02 16.74
C GLN B 249 11.42 -14.18 17.33
N THR B 250 11.79 -15.41 17.01
CA THR B 250 11.04 -16.59 17.43
C THR B 250 11.84 -17.54 18.31
N TYR B 251 13.07 -17.88 17.90
CA TYR B 251 13.84 -18.87 18.63
C TYR B 251 14.17 -18.39 20.04
N MET B 252 14.69 -17.17 20.17
CA MET B 252 15.10 -16.70 21.51
C MET B 252 13.92 -16.56 22.45
N PRO B 253 12.79 -15.92 22.10
CA PRO B 253 11.64 -15.91 23.01
C PRO B 253 11.22 -17.30 23.47
N SER B 254 11.23 -18.29 22.56
CA SER B 254 10.84 -19.64 22.94
C SER B 254 11.81 -20.24 23.95
N ILE B 255 13.11 -20.00 23.76
CA ILE B 255 14.11 -20.46 24.72
C ILE B 255 13.89 -19.80 26.07
N LEU B 256 13.59 -18.51 26.07
CA LEU B 256 13.44 -17.77 27.32
C LEU B 256 12.17 -18.21 28.06
N ILE B 257 11.10 -18.50 27.33
CA ILE B 257 9.89 -19.01 27.96
C ILE B 257 10.15 -20.38 28.57
N THR B 258 10.90 -21.23 27.87
CA THR B 258 11.18 -22.57 28.36
C THR B 258 12.01 -22.51 29.64
N ILE B 259 13.01 -21.63 29.68
CA ILE B 259 13.81 -21.45 30.88
C ILE B 259 12.92 -20.93 32.01
N LEU B 260 12.06 -19.96 31.70
CA LEU B 260 11.12 -19.43 32.68
C LEU B 260 10.30 -20.54 33.33
N SER B 261 9.88 -21.52 32.52
CA SER B 261 9.06 -22.61 33.03
C SER B 261 9.78 -23.40 34.14
N TRP B 262 11.11 -23.44 34.08
CA TRP B 262 11.88 -24.25 35.02
C TRP B 262 11.98 -23.60 36.39
N VAL B 263 11.82 -22.27 36.47
CA VAL B 263 11.83 -21.56 37.75
C VAL B 263 10.89 -22.23 38.74
N SER B 264 9.76 -22.75 38.25
CA SER B 264 8.80 -23.45 39.09
C SER B 264 9.46 -24.49 39.99
N PHE B 265 10.45 -25.21 39.46
CA PHE B 265 11.01 -26.35 40.19
C PHE B 265 11.81 -25.90 41.41
N TRP B 266 12.17 -24.63 41.50
CA TRP B 266 12.87 -24.09 42.66
CA TRP B 266 12.87 -24.09 42.66
C TRP B 266 11.93 -23.46 43.68
N ILE B 267 10.62 -23.50 43.43
CA ILE B 267 9.63 -22.93 44.34
C ILE B 267 9.07 -24.04 45.21
N ASN B 268 8.72 -23.70 46.45
CA ASN B 268 8.16 -24.67 47.37
C ASN B 268 6.85 -25.22 46.82
N TYR B 269 6.62 -26.51 47.06
CA TYR B 269 5.42 -27.17 46.53
C TYR B 269 4.14 -26.66 47.18
N ASP B 270 4.23 -25.97 48.32
CA ASP B 270 3.05 -25.39 48.94
C ASP B 270 2.59 -24.11 48.24
N ALA B 271 3.48 -23.50 47.45
CA ALA B 271 3.19 -22.26 46.73
C ALA B 271 2.38 -22.59 45.47
N SER B 272 1.15 -23.06 45.70
CA SER B 272 0.35 -23.60 44.61
C SER B 272 0.01 -22.51 43.59
N ALA B 273 -0.39 -21.33 44.07
CA ALA B 273 -0.74 -20.25 43.16
C ALA B 273 0.46 -19.85 42.30
N ALA B 274 1.63 -19.71 42.94
CA ALA B 274 2.82 -19.27 42.22
C ALA B 274 3.23 -20.28 41.15
N ARG B 275 3.27 -21.56 41.49
CA ARG B 275 3.78 -22.57 40.57
C ARG B 275 2.79 -22.87 39.46
N VAL B 276 1.49 -22.82 39.76
CA VAL B 276 0.49 -23.02 38.73
C VAL B 276 0.47 -21.83 37.78
N ALA B 277 0.68 -20.63 38.32
CA ALA B 277 0.75 -19.43 37.47
C ALA B 277 1.88 -19.55 36.46
N LEU B 278 3.06 -20.00 36.91
CA LEU B 278 4.19 -20.18 36.01
C LEU B 278 3.83 -21.15 34.90
N GLY B 279 3.20 -22.28 35.26
CA GLY B 279 2.83 -23.27 34.26
C GLY B 279 1.90 -22.69 33.21
N ILE B 280 0.83 -22.03 33.66
CA ILE B 280 -0.17 -21.50 32.74
C ILE B 280 0.46 -20.47 31.80
N THR B 281 1.14 -19.47 32.37
CA THR B 281 1.60 -18.34 31.59
C THR B 281 2.57 -18.79 30.50
N THR B 282 3.45 -19.74 30.80
CA THR B 282 4.42 -20.21 29.82
C THR B 282 3.72 -21.02 28.73
N VAL B 283 2.78 -21.88 29.12
CA VAL B 283 2.05 -22.69 28.15
C VAL B 283 1.27 -21.79 27.21
N LEU B 284 0.57 -20.79 27.76
CA LEU B 284 -0.28 -19.93 26.94
C LEU B 284 0.56 -19.00 26.08
N THR B 285 1.69 -18.53 26.60
CA THR B 285 2.59 -17.70 25.80
C THR B 285 3.10 -18.47 24.59
N MET B 286 3.38 -19.78 24.75
CA MET B 286 3.88 -20.57 23.65
C MET B 286 2.80 -20.80 22.59
N THR B 287 1.54 -20.80 23.00
CA THR B 287 0.45 -20.90 22.03
C THR B 287 0.32 -19.61 21.23
N THR B 288 0.38 -18.46 21.90
CA THR B 288 0.27 -17.19 21.19
C THR B 288 1.41 -17.01 20.20
N ILE B 289 2.62 -17.45 20.58
CA ILE B 289 3.77 -17.35 19.67
C ILE B 289 3.55 -18.21 18.44
N ASN B 290 3.09 -19.45 18.65
CA ASN B 290 2.85 -20.36 17.54
C ASN B 290 1.83 -19.78 16.57
N THR B 291 0.65 -19.42 17.08
CA THR B 291 -0.44 -19.00 16.21
C THR B 291 -0.10 -17.71 15.48
N HIS B 292 0.50 -16.76 16.19
CA HIS B 292 0.97 -15.53 15.55
C HIS B 292 1.90 -15.83 14.39
N LEU B 293 2.90 -16.70 14.61
CA LEU B 293 3.90 -16.98 13.59
C LEU B 293 3.26 -17.45 12.29
N ARG B 294 2.33 -18.40 12.38
CA ARG B 294 1.78 -19.03 11.18
C ARG B 294 0.81 -18.11 10.46
N GLU B 295 0.40 -17.00 11.08
CA GLU B 295 -0.39 -15.97 10.43
C GLU B 295 0.46 -15.05 9.56
N THR B 296 1.78 -15.15 9.65
CA THR B 296 2.70 -14.39 8.82
C THR B 296 3.07 -15.13 7.54
N LEU B 297 2.59 -16.35 7.37
CA LEU B 297 3.02 -17.30 6.36
C LEU B 297 1.80 -17.83 5.63
N PRO B 298 1.99 -18.42 4.45
CA PRO B 298 0.85 -19.03 3.75
C PRO B 298 0.34 -20.27 4.46
N LYS B 299 -0.90 -20.63 4.12
CA LYS B 299 -1.63 -21.71 4.78
C LYS B 299 -1.21 -23.05 4.19
N ILE B 300 0.04 -23.41 4.45
CA ILE B 300 0.60 -24.67 3.96
C ILE B 300 0.14 -25.80 4.87
N PRO B 301 -0.08 -27.00 4.34
CA PRO B 301 -0.55 -28.12 5.17
C PRO B 301 0.53 -28.93 5.87
N TYR B 302 1.82 -28.63 5.67
CA TYR B 302 2.88 -29.44 6.24
C TYR B 302 3.57 -28.72 7.38
N VAL B 303 4.37 -29.46 8.13
CA VAL B 303 5.10 -28.94 9.28
C VAL B 303 6.44 -28.41 8.83
N LYS B 304 6.75 -27.18 9.24
CA LYS B 304 8.03 -26.55 8.93
C LYS B 304 9.05 -26.86 10.02
N ALA B 305 10.30 -26.41 9.79
CA ALA B 305 11.33 -26.56 10.80
C ALA B 305 10.99 -25.77 12.05
N ILE B 306 10.49 -24.54 11.88
CA ILE B 306 10.19 -23.70 13.03
C ILE B 306 9.02 -24.27 13.83
N ASP B 307 8.04 -24.87 13.14
CA ASP B 307 6.95 -25.56 13.83
C ASP B 307 7.48 -26.67 14.72
N MET B 308 8.48 -27.42 14.24
CA MET B 308 9.03 -28.51 15.04
C MET B 308 9.67 -27.97 16.32
N TYR B 309 10.38 -26.85 16.22
CA TYR B 309 11.00 -26.26 17.39
C TYR B 309 9.95 -25.82 18.39
N LEU B 310 8.93 -25.10 17.93
CA LEU B 310 7.90 -24.57 18.83
C LEU B 310 7.13 -25.70 19.48
N MET B 311 6.91 -26.80 18.74
CA MET B 311 6.22 -27.95 19.31
C MET B 311 7.07 -28.62 20.38
N GLY B 312 8.38 -28.70 20.16
CA GLY B 312 9.26 -29.21 21.21
C GLY B 312 9.22 -28.32 22.44
N CYS B 313 9.29 -27.00 22.24
CA CYS B 313 9.29 -26.09 23.39
C CYS B 313 7.97 -26.18 24.15
N PHE B 314 6.86 -26.30 23.41
CA PHE B 314 5.56 -26.45 24.04
C PHE B 314 5.53 -27.67 24.94
N VAL B 315 6.06 -28.80 24.46
CA VAL B 315 6.03 -30.04 25.22
C VAL B 315 6.82 -29.89 26.51
N PHE B 316 7.97 -29.20 26.45
CA PHE B 316 8.77 -29.00 27.66
C PHE B 316 7.97 -28.21 28.70
N VAL B 317 7.38 -27.09 28.30
CA VAL B 317 6.75 -26.22 29.28
C VAL B 317 5.47 -26.86 29.80
N PHE B 318 4.78 -27.61 28.93
CA PHE B 318 3.57 -28.32 29.34
C PHE B 318 3.91 -29.40 30.37
N LEU B 319 4.98 -30.16 30.12
CA LEU B 319 5.41 -31.18 31.07
C LEU B 319 5.87 -30.58 32.39
N ALA B 320 6.43 -29.36 32.35
CA ALA B 320 6.83 -28.70 33.59
C ALA B 320 5.62 -28.42 34.48
N LEU B 321 4.50 -28.00 33.87
CA LEU B 321 3.29 -27.79 34.63
C LEU B 321 2.73 -29.13 35.12
N LEU B 322 2.73 -30.14 34.25
CA LEU B 322 2.26 -31.47 34.64
C LEU B 322 3.12 -32.05 35.74
N GLU B 323 4.42 -31.72 35.74
CA GLU B 323 5.29 -32.14 36.83
C GLU B 323 4.78 -31.63 38.17
N TYR B 324 4.33 -30.37 38.21
CA TYR B 324 3.82 -29.82 39.46
C TYR B 324 2.52 -30.50 39.87
N ALA B 325 1.64 -30.75 38.90
CA ALA B 325 0.41 -31.48 39.18
C ALA B 325 0.75 -32.81 39.85
N PHE B 326 1.79 -33.48 39.35
CA PHE B 326 2.20 -34.75 39.93
C PHE B 326 2.71 -34.54 41.35
N VAL B 327 3.58 -33.53 41.54
CA VAL B 327 4.06 -33.22 42.89
C VAL B 327 2.87 -32.88 43.77
N ASN B 328 2.00 -31.99 43.27
CA ASN B 328 0.81 -31.57 44.01
C ASN B 328 -0.03 -32.80 44.34
N TYR B 329 -0.13 -33.72 43.39
CA TYR B 329 -0.99 -34.89 43.51
C TYR B 329 -0.59 -35.78 44.67
N ILE B 330 0.68 -35.81 45.06
CA ILE B 330 1.07 -36.82 46.03
C ILE B 330 1.38 -36.17 47.35
N PHE B 331 1.59 -34.86 47.39
CA PHE B 331 2.07 -34.28 48.64
C PHE B 331 0.92 -34.28 49.63
N PHE B 332 -0.30 -34.27 49.08
CA PHE B 332 -1.56 -34.33 49.78
C PHE B 332 -2.21 -35.70 49.67
N ALA B 447 12.14 -34.58 46.25
CA ALA B 447 13.06 -35.34 45.41
C ALA B 447 12.71 -35.19 43.94
N ILE B 448 11.41 -35.19 43.65
CA ILE B 448 10.95 -35.06 42.27
C ILE B 448 11.35 -33.70 41.70
N ASP B 449 11.22 -32.64 42.50
CA ASP B 449 11.66 -31.32 42.05
C ASP B 449 13.15 -31.32 41.76
N ARG B 450 13.95 -31.90 42.67
CA ARG B 450 15.40 -31.89 42.48
C ARG B 450 15.78 -32.62 41.20
N TRP B 451 15.15 -33.77 40.96
CA TRP B 451 15.36 -34.52 39.73
C TRP B 451 14.89 -33.74 38.51
N SER B 452 13.82 -32.95 38.66
CA SER B 452 13.37 -32.11 37.56
C SER B 452 14.35 -30.99 37.27
N ARG B 453 15.01 -30.46 38.31
CA ARG B 453 15.94 -29.35 38.13
C ARG B 453 17.11 -29.72 37.23
N ILE B 454 17.47 -30.99 37.16
CA ILE B 454 18.59 -31.43 36.34
C ILE B 454 18.10 -32.00 35.01
N VAL B 455 17.06 -32.83 35.04
CA VAL B 455 16.68 -33.58 33.84
C VAL B 455 16.08 -32.65 32.79
N PHE B 456 15.30 -31.66 33.22
CA PHE B 456 14.66 -30.77 32.24
C PHE B 456 15.67 -29.91 31.49
N PRO B 457 16.57 -29.16 32.13
CA PRO B 457 17.54 -28.39 31.34
C PRO B 457 18.40 -29.27 30.46
N PHE B 458 18.79 -30.43 30.97
CA PHE B 458 19.64 -31.35 30.19
C PHE B 458 18.90 -31.88 28.97
N THR B 459 17.62 -32.24 29.14
CA THR B 459 16.85 -32.73 28.00
C THR B 459 16.64 -31.64 26.96
N PHE B 460 16.42 -30.40 27.40
CA PHE B 460 16.29 -29.29 26.47
C PHE B 460 17.58 -29.10 25.67
N SER B 461 18.73 -29.28 26.33
CA SER B 461 20.00 -29.21 25.62
C SER B 461 20.11 -30.30 24.56
N LEU B 462 19.73 -31.53 24.91
CA LEU B 462 19.68 -32.61 23.94
C LEU B 462 18.76 -32.26 22.78
N PHE B 463 17.54 -31.80 23.09
CA PHE B 463 16.58 -31.44 22.05
C PHE B 463 17.19 -30.42 21.09
N ASN B 464 17.82 -29.37 21.65
CA ASN B 464 18.40 -28.33 20.81
C ASN B 464 19.54 -28.90 19.97
N LEU B 465 20.38 -29.75 20.57
CA LEU B 465 21.51 -30.33 19.85
C LEU B 465 21.03 -31.10 18.63
N VAL B 466 20.08 -32.00 18.82
CA VAL B 466 19.55 -32.81 17.73
C VAL B 466 18.95 -31.91 16.66
N TYR B 467 18.14 -30.93 17.09
CA TYR B 467 17.45 -30.05 16.15
C TYR B 467 18.46 -29.31 15.27
N TRP B 468 19.40 -28.60 15.89
CA TRP B 468 20.26 -27.70 15.15
C TRP B 468 21.29 -28.47 14.32
N LEU B 469 21.59 -29.72 14.69
CA LEU B 469 22.44 -30.56 13.86
C LEU B 469 21.71 -31.02 12.61
N TYR B 470 20.45 -31.44 12.78
CA TYR B 470 19.67 -31.95 11.65
C TYR B 470 19.48 -30.86 10.58
N TYR B 471 19.27 -29.62 11.01
CA TYR B 471 18.81 -28.55 10.12
C TYR B 471 19.92 -27.59 9.72
N VAL B 472 20.96 -27.45 10.53
CA VAL B 472 22.13 -26.68 10.11
C VAL B 472 23.24 -27.64 9.69
N GLY C 32 -0.47 39.10 -30.86
CA GLY C 32 -1.83 39.61 -30.94
C GLY C 32 -2.61 39.07 -32.11
N ASN C 33 -2.00 39.12 -33.29
CA ASN C 33 -2.56 38.49 -34.48
C ASN C 33 -2.43 36.98 -34.35
N MET C 34 -3.55 36.28 -34.12
CA MET C 34 -3.50 34.86 -33.85
C MET C 34 -3.24 34.05 -35.11
N SER C 35 -3.69 34.54 -36.28
CA SER C 35 -3.36 33.89 -37.54
C SER C 35 -1.86 33.97 -37.82
N PHE C 36 -1.23 35.10 -37.46
CA PHE C 36 0.20 35.24 -37.63
C PHE C 36 0.96 34.29 -36.71
N VAL C 37 0.55 34.21 -35.45
CA VAL C 37 1.19 33.28 -34.51
C VAL C 37 0.95 31.85 -34.95
N LYS C 38 -0.26 31.54 -35.41
CA LYS C 38 -0.56 30.18 -35.87
C LYS C 38 0.32 29.82 -37.06
N GLU C 39 0.49 30.76 -37.99
CA GLU C 39 1.36 30.53 -39.14
C GLU C 39 2.79 30.25 -38.70
N THR C 40 3.33 31.10 -37.82
CA THR C 40 4.69 30.92 -37.33
C THR C 40 4.87 29.55 -36.70
N VAL C 41 3.95 29.14 -35.84
CA VAL C 41 4.10 27.87 -35.12
C VAL C 41 3.93 26.71 -36.09
N ASP C 42 2.97 26.80 -37.01
CA ASP C 42 2.81 25.76 -38.02
C ASP C 42 4.10 25.58 -38.82
N LYS C 43 4.76 26.69 -39.15
CA LYS C 43 6.01 26.61 -39.90
C LYS C 43 7.09 25.91 -39.09
N LEU C 44 7.15 26.20 -37.79
CA LEU C 44 8.12 25.55 -36.91
C LEU C 44 7.97 24.04 -36.95
N LEU C 45 6.73 23.54 -36.95
CA LEU C 45 6.46 22.12 -36.83
C LEU C 45 6.34 21.42 -38.17
N LYS C 46 6.43 22.17 -39.27
CA LYS C 46 6.35 21.58 -40.59
C LYS C 46 7.65 20.85 -40.90
N GLY C 47 7.56 19.54 -41.14
CA GLY C 47 8.73 18.73 -41.38
C GLY C 47 9.61 18.51 -40.17
N TYR C 48 9.10 18.81 -38.98
CA TYR C 48 9.83 18.55 -37.74
C TYR C 48 9.87 17.06 -37.48
N ASP C 49 11.07 16.51 -37.28
CA ASP C 49 11.25 15.09 -37.01
C ASP C 49 11.51 14.90 -35.51
N ILE C 50 10.50 14.40 -34.80
CA ILE C 50 10.62 14.11 -33.38
C ILE C 50 11.68 13.05 -33.10
N ARG C 51 12.06 12.26 -34.10
CA ARG C 51 12.98 11.16 -33.86
C ARG C 51 14.40 11.65 -33.61
N LEU C 52 14.75 12.84 -34.09
CA LEU C 52 16.12 13.33 -34.08
C LEU C 52 16.26 14.36 -32.98
N ARG C 53 17.25 14.18 -32.11
CA ARG C 53 17.57 15.20 -31.12
C ARG C 53 18.05 16.48 -31.80
N PRO C 54 17.92 17.62 -31.12
CA PRO C 54 18.57 18.84 -31.61
C PRO C 54 20.06 18.64 -31.81
N ASP C 55 20.57 19.15 -32.94
CA ASP C 55 21.98 19.04 -33.30
C ASP C 55 22.42 17.59 -33.45
N PHE C 56 21.50 16.72 -33.86
CA PHE C 56 21.80 15.33 -34.16
C PHE C 56 23.08 15.23 -34.98
N GLY C 57 23.99 14.36 -34.55
CA GLY C 57 25.25 14.17 -35.23
C GLY C 57 26.29 15.21 -34.88
N GLY C 58 25.95 16.20 -34.06
CA GLY C 58 26.85 17.26 -33.69
C GLY C 58 27.19 17.19 -32.21
N PRO C 59 27.62 18.30 -31.62
CA PRO C 59 27.92 18.32 -30.19
C PRO C 59 26.69 17.99 -29.37
N PRO C 60 26.87 17.49 -28.15
CA PRO C 60 25.70 17.12 -27.33
C PRO C 60 24.83 18.33 -27.03
N VAL C 61 23.53 18.08 -26.90
CA VAL C 61 22.59 19.08 -26.41
C VAL C 61 22.72 19.20 -24.90
N CYS C 62 22.89 20.43 -24.42
CA CYS C 62 22.98 20.68 -22.99
C CYS C 62 21.56 20.88 -22.45
N VAL C 63 21.19 20.05 -21.47
CA VAL C 63 19.86 20.12 -20.86
C VAL C 63 20.01 20.57 -19.41
N GLY C 64 19.44 21.73 -19.10
CA GLY C 64 19.43 22.23 -17.74
C GLY C 64 18.19 21.76 -16.99
N MET C 65 18.38 21.39 -15.72
CA MET C 65 17.31 20.84 -14.91
C MET C 65 17.23 21.58 -13.59
N ASN C 66 16.02 21.94 -13.19
CA ASN C 66 15.75 22.51 -11.89
C ASN C 66 14.51 21.85 -11.30
N ILE C 67 14.50 21.72 -9.98
CA ILE C 67 13.43 21.03 -9.27
C ILE C 67 12.84 21.96 -8.22
N ASP C 68 11.51 21.99 -8.15
CA ASP C 68 10.79 22.63 -7.05
C ASP C 68 10.05 21.56 -6.27
N ILE C 69 10.49 21.30 -5.04
CA ILE C 69 9.92 20.24 -4.23
C ILE C 69 8.58 20.70 -3.66
N ALA C 70 7.54 19.89 -3.88
CA ALA C 70 6.23 20.18 -3.33
C ALA C 70 6.02 19.54 -1.96
N SER C 71 6.43 18.28 -1.81
CA SER C 71 6.19 17.52 -0.60
C SER C 71 7.08 16.28 -0.62
N ILE C 72 7.38 15.77 0.57
CA ILE C 72 7.74 14.36 0.76
C ILE C 72 6.64 13.73 1.60
N ASP C 73 5.80 12.92 0.94
CA ASP C 73 4.55 12.48 1.56
C ASP C 73 4.82 11.43 2.63
N MET C 74 5.74 10.51 2.38
CA MET C 74 5.89 9.30 3.18
C MET C 74 7.34 8.87 3.15
N VAL C 75 7.79 8.30 4.25
CA VAL C 75 9.06 7.57 4.32
C VAL C 75 8.77 6.22 4.98
N SER C 76 9.08 5.14 4.27
CA SER C 76 8.76 3.79 4.71
C SER C 76 10.05 3.04 5.02
N GLU C 77 10.23 2.66 6.28
CA GLU C 77 11.31 1.74 6.64
C GLU C 77 11.04 0.33 6.12
N VAL C 78 9.79 -0.13 6.20
CA VAL C 78 9.49 -1.51 5.80
C VAL C 78 9.74 -1.71 4.32
N ASN C 79 9.33 -0.76 3.49
CA ASN C 79 9.56 -0.84 2.05
C ASN C 79 10.88 -0.21 1.62
N MET C 80 11.60 0.43 2.54
CA MET C 80 12.84 1.15 2.25
C MET C 80 12.67 2.04 1.02
N ASP C 81 11.74 2.99 1.13
CA ASP C 81 11.48 3.95 0.07
C ASP C 81 10.83 5.19 0.65
N TYR C 82 10.71 6.21 -0.20
CA TYR C 82 10.07 7.46 0.15
C TYR C 82 9.30 7.95 -1.05
N THR C 83 8.32 8.82 -0.80
CA THR C 83 7.46 9.35 -1.85
C THR C 83 7.64 10.86 -1.94
N LEU C 84 8.01 11.32 -3.13
CA LEU C 84 8.34 12.71 -3.38
C LEU C 84 7.39 13.28 -4.42
N THR C 85 6.92 14.50 -4.21
CA THR C 85 6.22 15.26 -5.23
C THR C 85 7.02 16.51 -5.56
N MET C 86 7.22 16.77 -6.85
CA MET C 86 8.08 17.85 -7.28
C MET C 86 7.57 18.42 -8.60
N TYR C 87 7.98 19.65 -8.90
CA TYR C 87 7.87 20.23 -10.23
C TYR C 87 9.21 20.08 -10.94
N PHE C 88 9.25 19.24 -11.97
CA PHE C 88 10.47 18.90 -12.67
C PHE C 88 10.51 19.65 -13.99
N GLN C 89 11.53 20.48 -14.17
CA GLN C 89 11.64 21.34 -15.34
C GLN C 89 12.93 21.07 -16.09
N GLN C 90 12.85 21.06 -17.41
CA GLN C 90 14.00 20.81 -18.28
C GLN C 90 14.19 21.99 -19.22
N TYR C 91 15.43 22.42 -19.36
N TYR C 91 15.45 22.36 -19.45
CA TYR C 91 15.79 23.56 -20.21
CA TYR C 91 15.80 23.57 -20.18
C TYR C 91 16.78 23.11 -21.27
C TYR C 91 16.82 23.21 -21.25
N TRP C 92 16.47 23.40 -22.52
CA TRP C 92 17.40 23.11 -23.61
C TRP C 92 17.07 24.03 -24.78
N ARG C 93 18.00 24.07 -25.74
CA ARG C 93 17.83 24.83 -26.97
C ARG C 93 17.60 23.87 -28.13
N ASP C 94 16.53 24.11 -28.88
CA ASP C 94 16.27 23.39 -30.13
C ASP C 94 16.18 24.44 -31.25
N LYS C 95 17.26 24.56 -32.02
CA LYS C 95 17.32 25.56 -33.07
C LYS C 95 16.26 25.36 -34.15
N ARG C 96 15.65 24.17 -34.23
CA ARG C 96 14.55 23.96 -35.16
C ARG C 96 13.31 24.76 -34.77
N LEU C 97 13.21 25.20 -33.53
CA LEU C 97 12.01 25.88 -33.04
C LEU C 97 12.22 27.39 -32.89
N ALA C 98 13.36 27.90 -33.34
CA ALA C 98 13.62 29.33 -33.28
C ALA C 98 12.65 30.08 -34.19
N TYR C 99 12.15 31.21 -33.70
CA TYR C 99 11.20 32.02 -34.45
C TYR C 99 11.59 33.49 -34.30
N SER C 100 11.27 34.27 -35.33
CA SER C 100 11.59 35.69 -35.39
C SER C 100 10.31 36.51 -35.54
N GLY C 101 10.43 37.80 -35.20
CA GLY C 101 9.36 38.75 -35.42
C GLY C 101 8.26 38.69 -34.39
N ILE C 102 8.47 37.96 -33.29
CA ILE C 102 7.55 37.91 -32.16
C ILE C 102 8.37 38.09 -30.89
N PRO C 103 8.35 39.26 -30.26
CA PRO C 103 9.10 39.49 -29.01
C PRO C 103 8.37 39.03 -27.76
N LEU C 104 7.91 37.79 -27.77
CA LEU C 104 7.24 37.17 -26.63
C LEU C 104 7.80 35.77 -26.44
N ASN C 105 7.68 35.26 -25.22
CA ASN C 105 7.77 33.83 -24.99
C ASN C 105 6.39 33.21 -25.14
N LEU C 106 6.30 32.18 -25.98
CA LEU C 106 5.04 31.51 -26.30
C LEU C 106 4.81 30.40 -25.29
N THR C 107 3.79 30.55 -24.45
CA THR C 107 3.27 29.45 -23.65
C THR C 107 2.24 28.71 -24.49
N LEU C 108 2.49 27.42 -24.74
CA LEU C 108 1.65 26.60 -25.60
C LEU C 108 0.90 25.57 -24.77
N ASP C 109 -0.26 25.16 -25.30
CA ASP C 109 -1.01 24.08 -24.67
C ASP C 109 -0.14 22.84 -24.53
N ASN C 110 -0.31 22.14 -23.40
CA ASN C 110 0.59 21.03 -23.08
C ASN C 110 0.55 19.91 -24.11
N ARG C 111 -0.51 19.84 -24.93
CA ARG C 111 -0.59 18.79 -25.93
C ARG C 111 0.44 18.95 -27.04
N VAL C 112 1.05 20.14 -27.18
CA VAL C 112 2.09 20.33 -28.17
C VAL C 112 3.31 19.47 -27.86
N ALA C 113 3.50 19.11 -26.59
CA ALA C 113 4.65 18.30 -26.20
C ALA C 113 4.73 17.00 -26.98
N ASP C 114 3.59 16.48 -27.44
CA ASP C 114 3.58 15.24 -28.20
C ASP C 114 4.12 15.41 -29.61
N GLN C 115 4.28 16.64 -30.09
CA GLN C 115 4.82 16.91 -31.41
C GLN C 115 6.26 17.37 -31.37
N LEU C 116 6.87 17.42 -30.20
CA LEU C 116 8.23 17.92 -30.02
C LEU C 116 9.14 16.78 -29.56
N TRP C 117 10.43 16.91 -29.86
CA TRP C 117 11.43 16.13 -29.16
C TRP C 117 11.52 16.60 -27.71
N VAL C 118 11.58 15.64 -26.79
CA VAL C 118 11.94 15.94 -25.40
C VAL C 118 12.99 14.95 -24.95
N PRO C 119 13.79 15.32 -23.94
CA PRO C 119 14.80 14.39 -23.42
C PRO C 119 14.16 13.12 -22.88
N ASP C 120 14.94 12.04 -22.89
CA ASP C 120 14.48 10.75 -22.38
C ASP C 120 14.91 10.55 -20.93
N THR C 121 14.57 11.54 -20.10
CA THR C 121 14.98 11.55 -18.71
C THR C 121 14.18 10.54 -17.90
N TYR C 122 14.85 9.82 -17.01
CA TYR C 122 14.20 8.90 -16.10
C TYR C 122 14.89 8.96 -14.75
N PHE C 123 14.23 8.36 -13.75
CA PHE C 123 14.73 8.31 -12.38
C PHE C 123 15.17 6.88 -12.10
N LEU C 124 16.49 6.68 -12.02
CA LEU C 124 17.05 5.33 -12.02
C LEU C 124 16.65 4.55 -10.78
N ASN C 125 16.43 5.23 -9.65
CA ASN C 125 16.07 4.54 -8.40
C ASN C 125 14.59 4.70 -8.05
N ASP C 126 13.76 5.04 -9.03
CA ASP C 126 12.32 5.13 -8.76
C ASP C 126 11.66 3.76 -8.80
N LYS C 127 10.63 3.60 -7.96
CA LYS C 127 9.82 2.39 -7.89
C LYS C 127 8.50 2.53 -8.63
N LYS C 128 7.85 3.68 -8.52
CA LYS C 128 6.56 3.94 -9.15
C LYS C 128 6.37 5.43 -9.25
N SER C 129 6.10 5.92 -10.46
CA SER C 129 5.96 7.35 -10.70
C SER C 129 4.84 7.59 -11.72
N PHE C 130 4.26 8.79 -11.65
CA PHE C 130 3.23 9.18 -12.61
C PHE C 130 3.22 10.70 -12.73
N VAL C 131 2.79 11.17 -13.89
CA VAL C 131 2.47 12.58 -14.10
C VAL C 131 1.00 12.80 -13.77
N HIS C 132 0.73 13.79 -12.91
CA HIS C 132 -0.65 14.10 -12.53
C HIS C 132 -1.45 14.49 -13.76
N GLY C 133 -2.72 14.08 -13.77
CA GLY C 133 -3.53 14.17 -14.97
C GLY C 133 -4.82 14.96 -14.89
N VAL C 134 -5.08 15.59 -13.75
CA VAL C 134 -6.30 16.36 -13.54
C VAL C 134 -5.93 17.83 -13.34
N THR C 135 -6.67 18.74 -13.98
CA THR C 135 -7.76 18.41 -14.89
C THR C 135 -7.20 18.06 -16.26
N VAL C 136 -5.92 18.38 -16.45
CA VAL C 136 -5.16 18.04 -17.65
C VAL C 136 -3.82 17.48 -17.19
N LYS C 137 -3.05 16.95 -18.12
CA LYS C 137 -1.72 16.48 -17.80
CA LYS C 137 -1.72 16.48 -17.80
C LYS C 137 -0.89 17.65 -17.28
N ASN C 138 -0.35 17.50 -16.08
CA ASN C 138 0.37 18.59 -15.42
C ASN C 138 1.71 18.77 -16.14
N ARG C 139 1.64 19.46 -17.26
CA ARG C 139 2.77 19.60 -18.18
C ARG C 139 2.76 21.00 -18.77
N MET C 140 3.94 21.56 -18.97
CA MET C 140 4.08 22.89 -19.55
C MET C 140 5.08 22.87 -20.70
N ILE C 141 4.81 23.67 -21.72
CA ILE C 141 5.76 23.95 -22.80
C ILE C 141 5.81 25.45 -23.00
N ARG C 142 6.99 26.04 -22.84
CA ARG C 142 7.21 27.44 -23.15
C ARG C 142 8.36 27.56 -24.13
N LEU C 143 8.08 28.15 -25.29
CA LEU C 143 9.09 28.42 -26.31
C LEU C 143 9.62 29.84 -26.19
N HIS C 144 10.88 30.01 -26.59
CA HIS C 144 11.54 31.31 -26.59
C HIS C 144 12.06 31.62 -27.99
N PRO C 145 12.15 32.91 -28.34
CA PRO C 145 12.53 33.27 -29.73
C PRO C 145 13.82 32.63 -30.22
N ASP C 146 14.78 32.38 -29.34
CA ASP C 146 16.04 31.77 -29.75
C ASP C 146 15.96 30.26 -29.86
N GLY C 147 14.79 29.67 -29.65
CA GLY C 147 14.61 28.24 -29.74
C GLY C 147 14.82 27.49 -28.44
N THR C 148 14.96 28.19 -27.32
CA THR C 148 14.97 27.55 -26.01
C THR C 148 13.60 26.98 -25.69
N VAL C 149 13.56 25.71 -25.27
CA VAL C 149 12.33 25.04 -24.87
C VAL C 149 12.36 24.84 -23.37
N LEU C 150 11.30 25.28 -22.69
N LEU C 150 11.29 25.28 -22.70
CA LEU C 150 11.09 25.05 -21.28
CA LEU C 150 11.10 25.04 -21.27
C LEU C 150 10.00 23.99 -21.14
C LEU C 150 10.00 24.01 -21.10
N TYR C 151 10.34 22.86 -20.53
CA TYR C 151 9.41 21.74 -20.39
C TYR C 151 9.29 21.38 -18.92
N GLY C 152 8.09 21.52 -18.38
CA GLY C 152 7.84 21.30 -16.96
C GLY C 152 6.85 20.17 -16.75
N LEU C 153 7.10 19.37 -15.72
CA LEU C 153 6.21 18.29 -15.33
C LEU C 153 6.02 18.29 -13.83
N ARG C 154 4.82 17.94 -13.38
CA ARG C 154 4.57 17.71 -11.96
C ARG C 154 4.50 16.20 -11.75
N ILE C 155 5.45 15.68 -10.97
CA ILE C 155 5.66 14.25 -10.85
C ILE C 155 5.57 13.86 -9.39
N THR C 156 4.90 12.74 -9.11
CA THR C 156 5.03 12.06 -7.83
C THR C 156 5.79 10.77 -8.06
N THR C 157 6.85 10.56 -7.29
CA THR C 157 7.71 9.39 -7.42
C THR C 157 7.86 8.72 -6.06
N THR C 158 7.70 7.39 -6.05
CA THR C 158 8.22 6.57 -4.97
C THR C 158 9.58 6.03 -5.38
N ALA C 159 10.60 6.38 -4.60
CA ALA C 159 11.98 6.07 -4.95
C ALA C 159 12.64 5.26 -3.86
N ALA C 160 13.48 4.31 -4.26
CA ALA C 160 14.17 3.46 -3.31
C ALA C 160 15.13 4.26 -2.45
N CYS C 161 15.28 3.84 -1.19
CA CYS C 161 16.28 4.42 -0.30
C CYS C 161 16.69 3.34 0.70
N MET C 162 17.83 2.70 0.44
CA MET C 162 18.38 1.72 1.36
C MET C 162 18.80 2.42 2.65
N MET C 163 18.28 1.95 3.78
CA MET C 163 18.52 2.59 5.07
C MET C 163 19.39 1.71 5.94
N ASP C 164 20.30 2.33 6.68
CA ASP C 164 21.12 1.66 7.68
C ASP C 164 20.44 1.82 9.03
N LEU C 165 19.81 0.75 9.50
CA LEU C 165 18.99 0.80 10.71
C LEU C 165 19.73 0.29 11.94
N ARG C 166 21.07 0.27 11.89
CA ARG C 166 21.85 -0.21 13.02
C ARG C 166 21.69 0.68 14.24
N ARG C 167 21.48 1.98 14.03
CA ARG C 167 21.32 2.94 15.10
C ARG C 167 19.86 3.34 15.31
N TYR C 168 18.94 2.66 14.63
CA TYR C 168 17.53 2.99 14.71
C TYR C 168 17.03 2.83 16.15
N PRO C 169 16.23 3.78 16.66
CA PRO C 169 15.75 4.97 15.97
C PRO C 169 16.56 6.25 16.19
N LEU C 170 17.86 6.11 16.45
CA LEU C 170 18.75 7.26 16.57
C LEU C 170 19.61 7.41 15.34
N ASP C 171 19.03 7.16 14.17
CA ASP C 171 19.76 7.00 12.92
C ASP C 171 19.64 8.24 12.05
N GLU C 172 20.60 8.37 11.15
CA GLU C 172 20.59 9.40 10.11
C GLU C 172 20.66 8.68 8.77
N GLN C 173 19.76 9.03 7.86
CA GLN C 173 19.69 8.38 6.57
C GLN C 173 20.04 9.33 5.44
N ASN C 174 20.54 8.76 4.36
CA ASN C 174 20.85 9.45 3.11
C ASN C 174 19.94 8.87 2.03
N CYS C 175 18.95 9.64 1.60
CA CYS C 175 18.07 9.23 0.51
C CYS C 175 18.33 10.11 -0.70
N THR C 176 18.55 9.46 -1.85
CA THR C 176 18.91 10.15 -3.08
C THR C 176 17.81 10.01 -4.12
N LEU C 177 17.85 10.91 -5.10
CA LEU C 177 17.12 10.75 -6.36
C LEU C 177 18.12 10.83 -7.50
N GLU C 178 18.23 9.76 -8.27
CA GLU C 178 19.22 9.66 -9.34
C GLU C 178 18.55 9.92 -10.68
N ILE C 179 19.01 10.96 -11.37
CA ILE C 179 18.40 11.43 -12.61
C ILE C 179 19.37 11.14 -13.75
N GLU C 180 18.88 10.47 -14.80
CA GLU C 180 19.78 10.03 -15.84
C GLU C 180 19.06 10.06 -17.19
N SER C 181 19.85 10.12 -18.26
CA SER C 181 19.35 9.90 -19.60
C SER C 181 19.24 8.41 -19.87
N TYR C 182 18.09 7.98 -20.39
CA TYR C 182 17.88 6.55 -20.59
C TYR C 182 18.73 6.02 -21.73
N GLY C 183 18.62 6.63 -22.91
CA GLY C 183 19.18 6.05 -24.12
C GLY C 183 20.29 6.86 -24.77
N TYR C 184 20.33 8.16 -24.49
CA TYR C 184 21.34 9.03 -25.06
C TYR C 184 22.57 9.06 -24.18
N THR C 185 23.73 8.80 -24.78
CA THR C 185 25.00 8.89 -24.08
C THR C 185 25.46 10.35 -23.98
N THR C 186 26.59 10.54 -23.30
CA THR C 186 27.19 11.88 -23.19
C THR C 186 27.75 12.39 -24.50
N ASP C 187 27.84 11.54 -25.53
CA ASP C 187 28.09 12.05 -26.87
C ASP C 187 26.91 12.85 -27.41
N ASP C 188 25.71 12.56 -26.93
CA ASP C 188 24.49 13.14 -27.49
C ASP C 188 23.79 14.11 -26.57
N ILE C 189 23.84 13.91 -25.25
N ILE C 189 23.83 13.91 -25.26
CA ILE C 189 23.14 14.77 -24.31
CA ILE C 189 23.10 14.74 -24.30
C ILE C 189 24.01 14.98 -23.09
C ILE C 189 23.97 14.96 -23.06
N GLU C 190 23.88 16.15 -22.48
CA GLU C 190 24.58 16.49 -21.25
C GLU C 190 23.60 17.16 -20.29
N PHE C 191 23.74 16.84 -19.00
CA PHE C 191 22.91 17.44 -17.97
C PHE C 191 23.73 18.40 -17.12
N TYR C 192 23.06 19.43 -16.62
CA TYR C 192 23.64 20.29 -15.59
C TYR C 192 22.53 20.80 -14.69
N TRP C 193 22.90 21.14 -13.46
CA TRP C 193 22.01 21.82 -12.53
C TRP C 193 21.93 23.30 -12.90
N ARG C 194 20.77 23.73 -13.39
CA ARG C 194 20.60 25.09 -13.88
C ARG C 194 20.48 26.02 -12.68
N GLY C 195 21.48 26.88 -12.51
CA GLY C 195 21.58 27.69 -11.31
C GLY C 195 22.52 27.13 -10.26
N GLY C 196 23.23 26.06 -10.55
CA GLY C 196 24.14 25.44 -9.59
C GLY C 196 23.42 25.02 -8.33
N ASP C 197 23.82 25.60 -7.20
CA ASP C 197 23.31 25.20 -5.89
C ASP C 197 21.91 25.71 -5.62
N LYS C 198 21.36 26.57 -6.48
CA LYS C 198 20.00 27.05 -6.37
C LYS C 198 19.04 26.34 -7.29
N ALA C 199 19.49 25.28 -7.99
CA ALA C 199 18.63 24.60 -8.94
C ALA C 199 17.47 23.89 -8.28
N VAL C 200 17.57 23.57 -6.98
CA VAL C 200 16.53 22.85 -6.26
C VAL C 200 15.99 23.79 -5.18
N THR C 201 14.70 24.08 -5.24
CA THR C 201 14.04 24.93 -4.27
C THR C 201 13.02 24.12 -3.48
N GLY C 202 12.59 24.71 -2.36
CA GLY C 202 11.49 24.15 -1.60
C GLY C 202 11.88 23.12 -0.57
N VAL C 203 13.16 22.97 -0.27
CA VAL C 203 13.58 22.01 0.74
C VAL C 203 13.03 22.41 2.10
N GLU C 204 12.82 23.71 2.33
CA GLU C 204 12.25 24.19 3.57
C GLU C 204 10.79 23.79 3.72
N ARG C 205 10.11 23.46 2.62
CA ARG C 205 8.70 23.09 2.68
C ARG C 205 8.50 21.69 3.24
N ILE C 206 9.52 20.83 3.15
CA ILE C 206 9.38 19.44 3.57
C ILE C 206 9.07 19.41 5.06
N GLU C 207 7.95 18.77 5.42
CA GLU C 207 7.46 18.71 6.80
C GLU C 207 7.13 17.24 7.10
N LEU C 208 8.17 16.48 7.41
CA LEU C 208 8.00 15.11 7.87
C LEU C 208 7.98 15.09 9.39
N PRO C 209 6.92 14.58 10.02
CA PRO C 209 6.91 14.54 11.49
C PRO C 209 8.08 13.79 12.09
N GLN C 210 8.50 12.70 11.48
CA GLN C 210 9.49 11.79 12.06
C GLN C 210 10.92 12.18 11.68
N PHE C 211 11.10 13.10 10.74
CA PHE C 211 12.44 13.44 10.26
C PHE C 211 12.58 14.96 10.14
N SER C 212 13.80 15.43 10.31
CA SER C 212 14.22 16.75 9.87
C SER C 212 15.18 16.62 8.71
N ILE C 213 15.04 17.50 7.72
CA ILE C 213 16.01 17.58 6.64
C ILE C 213 17.21 18.39 7.11
N VAL C 214 18.34 17.71 7.28
CA VAL C 214 19.55 18.39 7.76
C VAL C 214 20.19 19.18 6.63
N GLU C 215 20.28 18.58 5.44
CA GLU C 215 21.07 19.11 4.34
C GLU C 215 20.56 18.49 3.04
N HIS C 216 20.77 19.21 1.95
CA HIS C 216 20.66 18.64 0.61
C HIS C 216 21.89 19.00 -0.20
N ARG C 217 22.24 18.13 -1.14
CA ARG C 217 23.39 18.33 -2.00
C ARG C 217 23.03 18.00 -3.44
N LEU C 218 23.71 18.69 -4.36
CA LEU C 218 23.53 18.47 -5.80
C LEU C 218 24.85 17.97 -6.36
N VAL C 219 24.79 16.86 -7.10
CA VAL C 219 25.99 16.27 -7.69
C VAL C 219 25.75 16.08 -9.18
N SER C 220 26.85 16.13 -9.94
CA SER C 220 26.83 15.88 -11.39
C SER C 220 28.01 14.96 -11.70
N ARG C 221 27.74 13.90 -12.46
CA ARG C 221 28.81 13.01 -12.90
C ARG C 221 28.35 12.23 -14.11
N ASN C 222 29.28 11.49 -14.70
CA ASN C 222 29.01 10.56 -15.79
C ASN C 222 29.07 9.13 -15.26
N VAL C 223 28.14 8.31 -15.71
CA VAL C 223 28.04 6.91 -15.29
C VAL C 223 28.22 6.03 -16.52
N VAL C 224 29.10 5.04 -16.40
CA VAL C 224 29.46 4.16 -17.52
C VAL C 224 28.74 2.84 -17.36
N PHE C 225 28.10 2.39 -18.44
CA PHE C 225 27.52 1.07 -18.56
C PHE C 225 28.08 0.39 -19.80
N ALA C 226 27.69 -0.88 -20.01
CA ALA C 226 28.11 -1.60 -21.19
C ALA C 226 27.72 -0.88 -22.47
N THR C 227 26.60 -0.17 -22.46
CA THR C 227 26.12 0.54 -23.63
C THR C 227 26.73 1.92 -23.81
N GLY C 228 27.50 2.40 -22.84
CA GLY C 228 28.24 3.63 -22.97
C GLY C 228 28.18 4.45 -21.70
N ALA C 229 28.66 5.69 -21.82
CA ALA C 229 28.70 6.63 -20.71
C ALA C 229 27.47 7.54 -20.75
N TYR C 230 26.79 7.67 -19.61
CA TYR C 230 25.55 8.42 -19.56
C TYR C 230 25.64 9.55 -18.56
N PRO C 231 25.00 10.69 -18.84
CA PRO C 231 24.98 11.79 -17.87
C PRO C 231 24.10 11.48 -16.69
N ARG C 232 24.54 11.90 -15.51
CA ARG C 232 23.82 11.67 -14.27
C ARG C 232 23.75 12.95 -13.45
N LEU C 233 22.57 13.23 -12.89
CA LEU C 233 22.41 14.20 -11.82
C LEU C 233 21.83 13.50 -10.60
N SER C 234 22.35 13.85 -9.43
N SER C 234 22.34 13.86 -9.43
CA SER C 234 21.94 13.24 -8.18
CA SER C 234 21.93 13.23 -8.18
C SER C 234 21.50 14.30 -7.19
C SER C 234 21.50 14.30 -7.19
N LEU C 235 20.31 14.13 -6.63
CA LEU C 235 19.83 14.96 -5.53
C LEU C 235 19.69 14.06 -4.30
N SER C 236 20.35 14.45 -3.21
CA SER C 236 20.30 13.69 -1.98
C SER C 236 19.88 14.57 -0.82
N PHE C 237 19.26 13.95 0.18
CA PHE C 237 18.89 14.61 1.43
C PHE C 237 19.45 13.82 2.60
N ARG C 238 19.78 14.53 3.67
CA ARG C 238 20.16 13.91 4.93
C ARG C 238 18.99 14.06 5.89
N LEU C 239 18.44 12.93 6.34
N LEU C 239 18.44 12.93 6.34
CA LEU C 239 17.27 12.92 7.22
CA LEU C 239 17.28 12.91 7.21
C LEU C 239 17.68 12.48 8.61
C LEU C 239 17.72 12.49 8.60
N LYS C 240 17.30 13.26 9.61
CA LYS C 240 17.59 12.95 11.01
C LYS C 240 16.29 12.59 11.70
N ARG C 241 16.22 11.38 12.23
CA ARG C 241 15.00 10.90 12.87
C ARG C 241 14.76 11.66 14.17
N ASN C 242 13.51 12.09 14.37
CA ASN C 242 13.13 12.68 15.65
C ASN C 242 12.89 11.59 16.69
N ILE C 243 13.58 11.72 17.82
CA ILE C 243 13.51 10.69 18.86
C ILE C 243 12.18 10.70 19.58
N GLY C 244 11.50 11.86 19.65
CA GLY C 244 10.42 12.06 20.59
C GLY C 244 9.37 10.96 20.58
N TYR C 245 8.93 10.57 19.38
CA TYR C 245 7.91 9.53 19.28
C TYR C 245 8.37 8.23 19.94
N PHE C 246 9.64 7.89 19.74
CA PHE C 246 10.18 6.61 20.20
C PHE C 246 10.38 6.60 21.71
N ILE C 247 10.84 7.72 22.27
CA ILE C 247 10.88 7.89 23.72
C ILE C 247 9.52 7.54 24.31
N LEU C 248 8.46 8.07 23.71
CA LEU C 248 7.12 7.92 24.28
C LEU C 248 6.56 6.52 24.02
N GLN C 249 6.84 5.97 22.83
CA GLN C 249 6.16 4.76 22.39
C GLN C 249 6.83 3.50 22.93
N THR C 250 8.16 3.47 22.94
CA THR C 250 8.89 2.26 23.32
C THR C 250 9.77 2.46 24.54
N TYR C 251 10.56 3.54 24.58
CA TYR C 251 11.51 3.72 25.67
C TYR C 251 10.81 3.88 27.01
N MET C 252 9.81 4.76 27.08
CA MET C 252 9.16 5.02 28.36
C MET C 252 8.42 3.80 28.89
N PRO C 253 7.59 3.09 28.11
CA PRO C 253 6.99 1.85 28.63
C PRO C 253 8.01 0.87 29.18
N SER C 254 9.15 0.70 28.50
CA SER C 254 10.17 -0.22 28.97
C SER C 254 10.75 0.22 30.31
N ILE C 255 10.98 1.53 30.47
CA ILE C 255 11.45 2.06 31.74
C ILE C 255 10.42 1.81 32.84
N LEU C 256 9.15 2.02 32.53
CA LEU C 256 8.10 1.87 33.53
C LEU C 256 7.91 0.41 33.93
N ILE C 257 8.05 -0.52 32.98
CA ILE C 257 7.98 -1.94 33.30
C ILE C 257 9.15 -2.33 34.19
N THR C 258 10.35 -1.81 33.89
CA THR C 258 11.53 -2.15 34.67
C THR C 258 11.39 -1.65 36.10
N ILE C 259 10.89 -0.43 36.28
CA ILE C 259 10.64 0.10 37.62
C ILE C 259 9.61 -0.76 38.33
N LEU C 260 8.53 -1.12 37.62
CA LEU C 260 7.50 -1.99 38.19
C LEU C 260 8.10 -3.27 38.74
N SER C 261 9.07 -3.84 38.02
CA SER C 261 9.69 -5.09 38.45
C SER C 261 10.33 -4.96 39.83
N TRP C 262 10.80 -3.77 40.18
CA TRP C 262 11.52 -3.56 41.44
C TRP C 262 10.60 -3.53 42.63
N VAL C 263 9.31 -3.21 42.43
CA VAL C 263 8.33 -3.22 43.52
C VAL C 263 8.40 -4.53 44.29
N SER C 264 8.66 -5.63 43.59
CA SER C 264 8.78 -6.95 44.22
C SER C 264 9.70 -6.92 45.43
N PHE C 265 10.80 -6.16 45.35
CA PHE C 265 11.82 -6.23 46.39
C PHE C 265 11.34 -5.61 47.70
N TRP C 266 10.26 -4.83 47.67
CA TRP C 266 9.68 -4.26 48.89
CA TRP C 266 9.68 -4.25 48.88
C TRP C 266 8.54 -5.09 49.44
N ILE C 267 8.24 -6.25 48.84
CA ILE C 267 7.18 -7.12 49.30
C ILE C 267 7.80 -8.23 50.15
N ASN C 268 7.05 -8.68 51.16
CA ASN C 268 7.53 -9.74 52.03
C ASN C 268 7.77 -11.02 51.22
N TYR C 269 8.82 -11.75 51.60
CA TYR C 269 9.18 -12.96 50.86
C TYR C 269 8.16 -14.08 51.01
N ASP C 270 7.26 -13.98 51.99
CA ASP C 270 6.20 -14.98 52.12
C ASP C 270 5.08 -14.77 51.12
N ALA C 271 5.00 -13.58 50.53
CA ALA C 271 3.97 -13.24 49.54
C ALA C 271 4.36 -13.82 48.19
N SER C 272 4.36 -15.15 48.12
CA SER C 272 4.88 -15.83 46.94
C SER C 272 4.05 -15.52 45.71
N ALA C 273 2.72 -15.57 45.84
CA ALA C 273 1.87 -15.30 44.69
C ALA C 273 2.09 -13.88 44.17
N ALA C 274 2.16 -12.90 45.08
CA ALA C 274 2.30 -11.51 44.68
C ALA C 274 3.63 -11.27 43.96
N ARG C 275 4.73 -11.78 44.52
CA ARG C 275 6.05 -11.48 43.98
C ARG C 275 6.32 -12.24 42.70
N VAL C 276 5.80 -13.47 42.60
CA VAL C 276 5.94 -14.24 41.36
C VAL C 276 5.10 -13.62 40.26
N ALA C 277 3.92 -13.09 40.62
CA ALA C 277 3.07 -12.42 39.64
C ALA C 277 3.80 -11.22 39.04
N LEU C 278 4.44 -10.41 39.89
CA LEU C 278 5.19 -9.26 39.40
C LEU C 278 6.27 -9.70 38.42
N GLY C 279 7.00 -10.75 38.78
CA GLY C 279 8.06 -11.24 37.89
C GLY C 279 7.53 -11.65 36.54
N ILE C 280 6.48 -12.48 36.53
CA ILE C 280 5.92 -12.99 35.27
C ILE C 280 5.42 -11.84 34.41
N THR C 281 4.57 -10.98 34.97
CA THR C 281 3.88 -9.97 34.16
C THR C 281 4.87 -9.02 33.50
N THR C 282 5.93 -8.65 34.21
CA THR C 282 6.92 -7.73 33.65
C THR C 282 7.73 -8.41 32.56
N VAL C 283 8.14 -9.66 32.81
CA VAL C 283 8.90 -10.42 31.82
C VAL C 283 8.08 -10.58 30.54
N LEU C 284 6.82 -10.98 30.68
CA LEU C 284 5.98 -11.26 29.52
C LEU C 284 5.61 -9.97 28.79
N THR C 285 5.40 -8.89 29.54
CA THR C 285 5.13 -7.60 28.89
C THR C 285 6.31 -7.16 28.05
N MET C 286 7.53 -7.42 28.51
CA MET C 286 8.72 -7.02 27.76
C MET C 286 8.87 -7.85 26.49
N THR C 287 8.37 -9.08 26.49
CA THR C 287 8.39 -9.89 25.28
C THR C 287 7.38 -9.37 24.27
N THR C 288 6.17 -9.04 24.72
CA THR C 288 5.15 -8.52 23.80
C THR C 288 5.60 -7.20 23.18
N ILE C 289 6.28 -6.36 23.96
CA ILE C 289 6.77 -5.09 23.43
C ILE C 289 7.82 -5.34 22.35
N ASN C 290 8.76 -6.24 22.63
CA ASN C 290 9.81 -6.55 21.68
C ASN C 290 9.22 -7.06 20.36
N THR C 291 8.40 -8.10 20.43
CA THR C 291 7.91 -8.76 19.22
C THR C 291 7.02 -7.81 18.41
N HIS C 292 6.15 -7.07 19.09
CA HIS C 292 5.34 -6.06 18.42
C HIS C 292 6.20 -5.08 17.64
N LEU C 293 7.24 -4.54 18.30
CA LEU C 293 8.07 -3.51 17.68
C LEU C 293 8.64 -3.98 16.35
N ARG C 294 9.21 -5.19 16.33
CA ARG C 294 9.93 -5.67 15.15
C ARG C 294 8.99 -6.05 14.02
N GLU C 295 7.69 -6.15 14.31
CA GLU C 295 6.68 -6.35 13.28
C GLU C 295 6.32 -5.06 12.55
N THR C 296 6.79 -3.92 13.04
CA THR C 296 6.59 -2.63 12.39
C THR C 296 7.72 -2.28 11.43
N LEU C 297 8.73 -3.13 11.34
CA LEU C 297 10.01 -2.87 10.68
C LEU C 297 10.31 -4.01 9.73
N PRO C 298 11.22 -3.79 8.77
CA PRO C 298 11.61 -4.91 7.89
C PRO C 298 12.40 -5.97 8.63
N LYS C 299 12.43 -7.15 8.00
CA LYS C 299 13.03 -8.35 8.59
C LYS C 299 14.55 -8.33 8.39
N ILE C 300 15.19 -7.39 9.07
CA ILE C 300 16.64 -7.23 8.99
C ILE C 300 17.29 -8.25 9.91
N PRO C 301 18.47 -8.79 9.55
CA PRO C 301 19.13 -9.80 10.38
C PRO C 301 20.01 -9.25 11.51
N TYR C 302 20.18 -7.94 11.63
CA TYR C 302 21.11 -7.40 12.62
C TYR C 302 20.34 -6.76 13.77
N VAL C 303 21.08 -6.47 14.84
CA VAL C 303 20.53 -5.87 16.04
C VAL C 303 20.56 -4.35 15.92
N LYS C 304 19.43 -3.71 16.19
CA LYS C 304 19.31 -2.26 16.17
C LYS C 304 19.63 -1.68 17.54
N ALA C 305 19.66 -0.35 17.61
CA ALA C 305 19.84 0.32 18.89
C ALA C 305 18.69 0.03 19.83
N ILE C 306 17.46 0.06 19.32
CA ILE C 306 16.29 -0.15 20.16
C ILE C 306 16.26 -1.59 20.67
N ASP C 307 16.68 -2.54 19.84
CA ASP C 307 16.80 -3.93 20.28
C ASP C 307 17.74 -4.04 21.48
N MET C 308 18.86 -3.32 21.45
CA MET C 308 19.82 -3.38 22.55
C MET C 308 19.18 -2.89 23.83
N TYR C 309 18.40 -1.81 23.76
CA TYR C 309 17.74 -1.28 24.95
C TYR C 309 16.76 -2.30 25.51
N LEU C 310 15.90 -2.85 24.64
CA LEU C 310 14.87 -3.79 25.10
C LEU C 310 15.50 -5.05 25.67
N MET C 311 16.63 -5.48 25.10
CA MET C 311 17.32 -6.65 25.63
C MET C 311 17.90 -6.35 27.01
N GLY C 312 18.45 -5.15 27.20
CA GLY C 312 18.89 -4.76 28.53
C GLY C 312 17.75 -4.73 29.53
N CYS C 313 16.62 -4.15 29.14
CA CYS C 313 15.48 -4.06 30.05
C CYS C 313 14.96 -5.46 30.39
N PHE C 314 14.93 -6.35 29.40
CA PHE C 314 14.49 -7.72 29.63
C PHE C 314 15.37 -8.39 30.68
N VAL C 315 16.69 -8.22 30.57
CA VAL C 315 17.62 -8.86 31.49
C VAL C 315 17.38 -8.36 32.91
N PHE C 316 17.12 -7.06 33.08
CA PHE C 316 16.86 -6.53 34.41
C PHE C 316 15.63 -7.18 35.02
N VAL C 317 14.52 -7.23 34.28
CA VAL C 317 13.27 -7.69 34.86
C VAL C 317 13.33 -9.20 35.08
N PHE C 318 14.03 -9.91 34.20
CA PHE C 318 14.20 -11.35 34.36
C PHE C 318 15.03 -11.66 35.60
N LEU C 319 16.11 -10.91 35.82
CA LEU C 319 16.93 -11.09 37.01
C LEU C 319 16.16 -10.75 38.29
N ALA C 320 15.23 -9.79 38.20
CA ALA C 320 14.43 -9.46 39.37
C ALA C 320 13.57 -10.65 39.80
N LEU C 321 13.01 -11.36 38.83
CA LEU C 321 12.24 -12.55 39.15
C LEU C 321 13.16 -13.65 39.68
N LEU C 322 14.32 -13.83 39.04
CA LEU C 322 15.29 -14.83 39.49
C LEU C 322 15.80 -14.50 40.89
N GLU C 323 15.89 -13.21 41.21
CA GLU C 323 16.26 -12.80 42.56
C GLU C 323 15.29 -13.37 43.58
N TYR C 324 13.98 -13.33 43.27
CA TYR C 324 12.99 -13.85 44.21
C TYR C 324 13.12 -15.36 44.32
N ALA C 325 13.32 -16.04 43.19
CA ALA C 325 13.54 -17.48 43.22
C ALA C 325 14.68 -17.80 44.17
N PHE C 326 15.75 -17.00 44.13
CA PHE C 326 16.89 -17.21 45.01
C PHE C 326 16.48 -16.97 46.46
N VAL C 327 15.76 -15.87 46.73
CA VAL C 327 15.27 -15.61 48.07
C VAL C 327 14.37 -16.76 48.50
N ASN C 328 13.41 -17.11 47.63
CA ASN C 328 12.48 -18.19 47.90
C ASN C 328 13.25 -19.48 48.17
N TYR C 329 14.33 -19.70 47.40
CA TYR C 329 15.09 -20.93 47.48
C TYR C 329 15.73 -21.15 48.83
N ILE C 330 16.04 -20.09 49.58
CA ILE C 330 16.83 -20.32 50.78
C ILE C 330 15.98 -20.08 52.00
N PHE C 331 14.82 -19.42 51.88
CA PHE C 331 14.13 -19.05 53.08
C PHE C 331 13.52 -20.30 53.68
N PHE C 332 13.27 -21.28 52.81
CA PHE C 332 12.75 -22.60 53.11
C PHE C 332 13.84 -23.66 53.04
N ALA C 447 18.11 -9.51 53.85
CA ALA C 447 19.31 -8.78 53.46
C ALA C 447 19.44 -8.72 51.95
N ILE C 448 19.13 -9.85 51.29
CA ILE C 448 19.22 -9.91 49.84
C ILE C 448 18.26 -8.93 49.19
N ASP C 449 17.03 -8.83 49.71
CA ASP C 449 16.09 -7.86 49.19
C ASP C 449 16.60 -6.44 49.36
N ARG C 450 17.14 -6.13 50.55
CA ARG C 450 17.63 -4.77 50.80
C ARG C 450 18.75 -4.42 49.83
N TRP C 451 19.67 -5.36 49.61
CA TRP C 451 20.75 -5.16 48.65
C TRP C 451 20.22 -5.06 47.22
N SER C 452 19.12 -5.76 46.92
CA SER C 452 18.50 -5.64 45.61
C SER C 452 17.85 -4.27 45.43
N ARG C 453 17.30 -3.71 46.51
CA ARG C 453 16.62 -2.42 46.43
C ARG C 453 17.55 -1.30 45.98
N ILE C 454 18.84 -1.42 46.25
CA ILE C 454 19.80 -0.39 45.88
C ILE C 454 20.52 -0.75 44.59
N VAL C 455 20.95 -2.01 44.44
CA VAL C 455 21.84 -2.37 43.34
C VAL C 455 21.09 -2.34 42.01
N PHE C 456 19.83 -2.79 42.01
CA PHE C 456 19.07 -2.82 40.76
C PHE C 456 18.80 -1.43 40.20
N PRO C 457 18.22 -0.48 40.94
CA PRO C 457 18.01 0.84 40.34
C PRO C 457 19.32 1.50 39.92
N PHE C 458 20.37 1.32 40.71
CA PHE C 458 21.66 1.92 40.39
C PHE C 458 22.24 1.32 39.12
N THR C 459 22.14 0.01 38.96
CA THR C 459 22.65 -0.65 37.75
C THR C 459 21.87 -0.21 36.53
N PHE C 460 20.54 -0.05 36.66
CA PHE C 460 19.74 0.44 35.55
C PHE C 460 20.16 1.85 35.15
N SER C 461 20.52 2.67 36.13
CA SER C 461 21.02 4.02 35.83
C SER C 461 22.33 3.94 35.04
N LEU C 462 23.24 3.07 35.48
CA LEU C 462 24.48 2.85 34.74
C LEU C 462 24.18 2.38 33.32
N PHE C 463 23.31 1.38 33.18
CA PHE C 463 22.95 0.88 31.86
C PHE C 463 22.46 2.01 30.96
N ASN C 464 21.56 2.84 31.48
CA ASN C 464 21.00 3.92 30.68
C ASN C 464 22.09 4.93 30.33
N LEU C 465 22.96 5.24 31.28
CA LEU C 465 24.02 6.22 31.05
C LEU C 465 24.90 5.77 29.89
N VAL C 466 25.38 4.53 29.94
CA VAL C 466 26.26 4.00 28.90
C VAL C 466 25.53 4.01 27.56
N TYR C 467 24.27 3.54 27.56
CA TYR C 467 23.51 3.44 26.32
C TYR C 467 23.36 4.81 25.66
N TRP C 468 22.84 5.78 26.40
CA TRP C 468 22.48 7.06 25.80
C TRP C 468 23.70 7.89 25.45
N LEU C 469 24.85 7.62 26.10
CA LEU C 469 26.09 8.27 25.71
C LEU C 469 26.62 7.71 24.41
N TYR C 470 26.59 6.38 24.26
CA TYR C 470 27.09 5.73 23.06
C TYR C 470 26.33 6.18 21.83
N TYR C 471 25.01 6.36 21.95
CA TYR C 471 24.14 6.52 20.80
C TYR C 471 23.70 7.95 20.57
N VAL C 472 23.67 8.78 21.61
CA VAL C 472 23.45 10.22 21.43
C VAL C 472 24.77 10.96 21.53
N GLY D 32 -32.98 22.61 -34.83
CA GLY D 32 -33.85 21.59 -35.36
C GLY D 32 -33.29 20.94 -36.62
N ASN D 33 -32.84 21.77 -37.56
CA ASN D 33 -32.14 21.29 -38.74
C ASN D 33 -30.74 20.83 -38.32
N MET D 34 -30.52 19.52 -38.32
CA MET D 34 -29.26 18.98 -37.82
C MET D 34 -28.11 19.20 -38.80
N SER D 35 -28.40 19.22 -40.10
CA SER D 35 -27.38 19.56 -41.08
C SER D 35 -26.93 21.00 -40.93
N PHE D 36 -27.86 21.90 -40.59
CA PHE D 36 -27.50 23.30 -40.36
C PHE D 36 -26.63 23.43 -39.11
N VAL D 37 -27.01 22.75 -38.02
CA VAL D 37 -26.21 22.80 -36.81
C VAL D 37 -24.84 22.17 -37.06
N LYS D 38 -24.82 21.05 -37.79
CA LYS D 38 -23.55 20.38 -38.09
C LYS D 38 -22.65 21.30 -38.89
N GLU D 39 -23.21 22.01 -39.86
CA GLU D 39 -22.44 22.97 -40.66
C GLU D 39 -21.86 24.06 -39.77
N THR D 40 -22.69 24.66 -38.93
CA THR D 40 -22.24 25.72 -38.03
C THR D 40 -21.09 25.25 -37.17
N VAL D 41 -21.23 24.07 -36.56
CA VAL D 41 -20.19 23.60 -35.64
C VAL D 41 -18.93 23.23 -36.39
N ASP D 42 -19.07 22.59 -37.56
CA ASP D 42 -17.91 22.29 -38.39
C ASP D 42 -17.15 23.56 -38.73
N LYS D 43 -17.87 24.64 -39.03
CA LYS D 43 -17.23 25.91 -39.36
C LYS D 43 -16.46 26.45 -38.17
N LEU D 44 -17.05 26.32 -36.97
CA LEU D 44 -16.38 26.78 -35.75
C LEU D 44 -15.02 26.10 -35.58
N LEU D 45 -14.95 24.80 -35.86
CA LEU D 45 -13.77 24.01 -35.59
C LEU D 45 -12.81 23.95 -36.77
N LYS D 46 -13.19 24.53 -37.91
CA LYS D 46 -12.33 24.54 -39.08
C LYS D 46 -11.19 25.52 -38.86
N GLY D 47 -9.95 25.00 -38.90
CA GLY D 47 -8.79 25.83 -38.65
C GLY D 47 -8.63 26.27 -37.22
N TYR D 48 -9.37 25.66 -36.29
CA TYR D 48 -9.22 25.96 -34.88
C TYR D 48 -7.91 25.40 -34.36
N ASP D 49 -7.09 26.25 -33.74
CA ASP D 49 -5.80 25.83 -33.19
C ASP D 49 -5.93 25.67 -31.68
N ILE D 50 -5.97 24.41 -31.23
CA ILE D 50 -6.03 24.11 -29.79
C ILE D 50 -4.81 24.62 -29.05
N ARG D 51 -3.71 24.89 -29.75
CA ARG D 51 -2.48 25.27 -29.08
C ARG D 51 -2.55 26.68 -28.50
N LEU D 52 -3.42 27.54 -29.05
CA LEU D 52 -3.44 28.96 -28.71
C LEU D 52 -4.64 29.22 -27.82
N ARG D 53 -4.39 29.86 -26.67
CA ARG D 53 -5.48 30.30 -25.82
C ARG D 53 -6.33 31.35 -26.52
N PRO D 54 -7.59 31.50 -26.11
CA PRO D 54 -8.38 32.64 -26.58
C PRO D 54 -7.69 33.96 -26.31
N ASP D 55 -7.72 34.85 -27.30
CA ASP D 55 -7.09 36.17 -27.21
C ASP D 55 -5.57 36.07 -26.98
N PHE D 56 -4.96 35.00 -27.49
CA PHE D 56 -3.51 34.84 -27.46
C PHE D 56 -2.82 36.15 -27.84
N GLY D 57 -1.86 36.56 -27.02
CA GLY D 57 -1.13 37.78 -27.26
C GLY D 57 -1.84 39.03 -26.79
N GLY D 58 -3.07 38.90 -26.29
CA GLY D 58 -3.86 40.01 -25.84
C GLY D 58 -4.06 39.98 -24.34
N PRO D 59 -5.11 40.65 -23.85
CA PRO D 59 -5.40 40.61 -22.42
C PRO D 59 -5.69 39.20 -21.94
N PRO D 60 -5.49 38.91 -20.66
CA PRO D 60 -5.72 37.54 -20.18
C PRO D 60 -7.17 37.12 -20.35
N VAL D 61 -7.36 35.83 -20.56
CA VAL D 61 -8.70 35.23 -20.55
C VAL D 61 -9.16 35.06 -19.11
N CYS D 62 -10.35 35.56 -18.80
CA CYS D 62 -10.93 35.42 -17.47
C CYS D 62 -11.68 34.10 -17.40
N VAL D 63 -11.29 33.24 -16.46
CA VAL D 63 -11.92 31.93 -16.28
C VAL D 63 -12.65 31.92 -14.96
N GLY D 64 -13.97 31.74 -15.02
CA GLY D 64 -14.79 31.62 -13.82
C GLY D 64 -14.93 30.17 -13.41
N MET D 65 -14.85 29.93 -12.11
CA MET D 65 -14.89 28.58 -11.56
C MET D 65 -15.93 28.49 -10.46
N ASN D 66 -16.74 27.43 -10.50
CA ASN D 66 -17.67 27.11 -9.44
C ASN D 66 -17.60 25.63 -9.14
N ILE D 67 -17.83 25.27 -7.88
CA ILE D 67 -17.70 23.90 -7.41
C ILE D 67 -19.00 23.48 -6.77
N ASP D 68 -19.46 22.28 -7.09
CA ASP D 68 -20.54 21.62 -6.37
C ASP D 68 -19.99 20.38 -5.67
N ILE D 69 -19.93 20.42 -4.35
CA ILE D 69 -19.35 19.34 -3.57
C ILE D 69 -20.32 18.18 -3.51
N ALA D 70 -19.85 16.99 -3.89
CA ALA D 70 -20.65 15.79 -3.80
C ALA D 70 -20.48 15.07 -2.47
N SER D 71 -19.24 14.95 -1.99
CA SER D 71 -18.93 14.18 -0.79
C SER D 71 -17.52 14.54 -0.35
N ILE D 72 -17.26 14.37 0.93
CA ILE D 72 -15.91 14.14 1.45
C ILE D 72 -15.88 12.73 2.02
N ASP D 73 -15.23 11.82 1.29
CA ASP D 73 -15.36 10.40 1.58
C ASP D 73 -14.60 10.01 2.84
N MET D 74 -13.40 10.58 3.03
CA MET D 74 -12.46 10.09 4.03
C MET D 74 -11.60 11.25 4.49
N VAL D 75 -11.23 11.21 5.77
CA VAL D 75 -10.19 12.08 6.32
C VAL D 75 -9.21 11.18 7.07
N SER D 76 -7.94 11.23 6.68
CA SER D 76 -6.91 10.36 7.22
C SER D 76 -5.91 11.18 8.01
N GLU D 77 -5.83 10.92 9.32
CA GLU D 77 -4.76 11.49 10.13
C GLU D 77 -3.41 10.84 9.80
N VAL D 78 -3.39 9.53 9.58
CA VAL D 78 -2.13 8.84 9.35
C VAL D 78 -1.47 9.32 8.06
N ASN D 79 -2.26 9.49 7.00
CA ASN D 79 -1.74 9.97 5.73
C ASN D 79 -1.81 11.48 5.59
N MET D 80 -2.41 12.16 6.57
CA MET D 80 -2.61 13.61 6.54
C MET D 80 -3.17 14.06 5.18
N ASP D 81 -4.35 13.54 4.87
CA ASP D 81 -5.03 13.88 3.63
C ASP D 81 -6.52 13.63 3.77
N TYR D 82 -7.27 14.07 2.78
CA TYR D 82 -8.71 13.87 2.71
C TYR D 82 -9.09 13.62 1.26
N THR D 83 -10.25 12.98 1.08
CA THR D 83 -10.72 12.63 -0.25
C THR D 83 -12.02 13.36 -0.54
N LEU D 84 -12.03 14.13 -1.62
CA LEU D 84 -13.15 14.98 -1.99
C LEU D 84 -13.68 14.55 -3.35
N THR D 85 -15.01 14.53 -3.49
CA THR D 85 -15.65 14.41 -4.79
C THR D 85 -16.47 15.65 -5.06
N MET D 86 -16.32 16.21 -6.26
CA MET D 86 -16.95 17.48 -6.60
C MET D 86 -17.27 17.50 -8.08
N TYR D 87 -18.20 18.39 -8.44
CA TYR D 87 -18.42 18.79 -9.82
C TYR D 87 -17.69 20.11 -10.07
N PHE D 88 -16.65 20.05 -10.90
CA PHE D 88 -15.77 21.19 -11.13
C PHE D 88 -16.12 21.79 -12.49
N GLN D 89 -16.51 23.06 -12.51
CA GLN D 89 -16.98 23.72 -13.71
C GLN D 89 -16.14 24.96 -13.99
N GLN D 90 -15.81 25.17 -15.26
CA GLN D 90 -15.00 26.31 -15.70
C GLN D 90 -15.80 27.11 -16.72
N TYR D 91 -15.77 28.44 -16.56
N TYR D 91 -15.70 28.44 -16.62
CA TYR D 91 -16.48 29.36 -17.43
CA TYR D 91 -16.49 29.36 -17.41
C TYR D 91 -15.48 30.29 -18.07
C TYR D 91 -15.56 30.37 -18.06
N TRP D 92 -15.54 30.42 -19.40
CA TRP D 92 -14.71 31.39 -20.10
C TRP D 92 -15.35 31.69 -21.45
N ARG D 93 -14.86 32.74 -22.09
CA ARG D 93 -15.29 33.14 -23.42
C ARG D 93 -14.18 32.83 -24.42
N ASP D 94 -14.53 32.11 -25.48
CA ASP D 94 -13.64 31.89 -26.62
C ASP D 94 -14.33 32.44 -27.86
N LYS D 95 -13.91 33.62 -28.30
CA LYS D 95 -14.55 34.27 -29.44
C LYS D 95 -14.42 33.48 -30.72
N ARG D 96 -13.49 32.52 -30.79
CA ARG D 96 -13.40 31.64 -31.95
C ARG D 96 -14.61 30.72 -32.08
N LEU D 97 -15.36 30.52 -31.02
CA LEU D 97 -16.48 29.58 -31.01
C LEU D 97 -17.83 30.29 -31.07
N ALA D 98 -17.83 31.61 -31.24
CA ALA D 98 -19.08 32.35 -31.34
C ALA D 98 -19.83 31.94 -32.61
N TYR D 99 -21.15 31.79 -32.48
CA TYR D 99 -21.99 31.40 -33.60
C TYR D 99 -23.26 32.24 -33.59
N SER D 100 -23.81 32.46 -34.79
CA SER D 100 -24.99 33.28 -34.97
C SER D 100 -26.10 32.46 -35.62
N GLY D 101 -27.33 32.97 -35.49
CA GLY D 101 -28.47 32.38 -36.16
C GLY D 101 -29.02 31.14 -35.50
N ILE D 102 -28.57 30.83 -34.29
CA ILE D 102 -29.10 29.73 -33.48
C ILE D 102 -29.33 30.27 -32.08
N PRO D 103 -30.59 30.53 -31.69
CA PRO D 103 -30.87 31.03 -30.33
C PRO D 103 -31.01 29.91 -29.30
N LEU D 104 -30.00 29.05 -29.24
CA LEU D 104 -29.93 27.97 -28.26
C LEU D 104 -28.53 27.93 -27.68
N ASN D 105 -28.41 27.37 -26.48
CA ASN D 105 -27.13 26.87 -25.99
C ASN D 105 -26.95 25.43 -26.44
N LEU D 106 -25.81 25.17 -27.09
CA LEU D 106 -25.51 23.85 -27.64
C LEU D 106 -24.82 23.01 -26.58
N THR D 107 -25.49 21.97 -26.11
CA THR D 107 -24.83 20.92 -25.34
C THR D 107 -24.26 19.90 -26.31
N LEU D 108 -22.95 19.71 -26.25
CA LEU D 108 -22.23 18.84 -27.17
C LEU D 108 -21.74 17.60 -26.45
N ASP D 109 -21.57 16.51 -27.21
CA ASP D 109 -20.98 15.30 -26.67
C ASP D 109 -19.61 15.62 -26.07
N ASN D 110 -19.30 14.97 -24.94
CA ASN D 110 -18.10 15.30 -24.19
C ASN D 110 -16.82 15.08 -24.99
N ARG D 111 -16.87 14.28 -26.05
CA ARG D 111 -15.67 14.03 -26.85
C ARG D 111 -15.22 15.27 -27.62
N VAL D 112 -16.08 16.28 -27.77
CA VAL D 112 -15.69 17.51 -28.43
C VAL D 112 -14.60 18.24 -27.64
N ALA D 113 -14.53 18.00 -26.32
CA ALA D 113 -13.54 18.66 -25.47
C ALA D 113 -12.13 18.43 -25.99
N ASP D 114 -11.87 17.31 -26.66
CA ASP D 114 -10.55 17.01 -27.18
C ASP D 114 -10.18 17.87 -28.38
N GLN D 115 -11.14 18.57 -28.98
CA GLN D 115 -10.88 19.44 -30.11
C GLN D 115 -10.86 20.91 -29.73
N LEU D 116 -11.03 21.23 -28.44
CA LEU D 116 -11.12 22.60 -27.97
C LEU D 116 -9.91 22.90 -27.09
N TRP D 117 -9.56 24.18 -27.01
CA TRP D 117 -8.72 24.65 -25.92
C TRP D 117 -9.49 24.59 -24.60
N VAL D 118 -8.83 24.09 -23.56
CA VAL D 118 -9.35 24.22 -22.20
C VAL D 118 -8.23 24.72 -21.30
N PRO D 119 -8.58 25.35 -20.18
CA PRO D 119 -7.56 25.82 -19.25
C PRO D 119 -6.73 24.66 -18.71
N ASP D 120 -5.50 24.98 -18.31
CA ASP D 120 -4.60 23.97 -17.75
C ASP D 120 -4.65 23.97 -16.23
N THR D 121 -5.87 23.85 -15.72
CA THR D 121 -6.11 23.93 -14.28
C THR D 121 -5.64 22.65 -13.60
N TYR D 122 -5.00 22.81 -12.43
CA TYR D 122 -4.60 21.68 -11.61
C TYR D 122 -4.79 22.03 -10.15
N PHE D 123 -4.69 21.00 -9.31
CA PHE D 123 -4.84 21.12 -7.86
C PHE D 123 -3.47 20.96 -7.22
N LEU D 124 -2.90 22.06 -6.74
CA LEU D 124 -1.49 22.07 -6.35
C LEU D 124 -1.22 21.15 -5.17
N ASN D 125 -2.19 20.94 -4.28
CA ASN D 125 -1.99 20.11 -3.11
C ASN D 125 -2.69 18.75 -3.24
N ASP D 126 -3.00 18.32 -4.45
CA ASP D 126 -3.59 17.00 -4.63
C ASP D 126 -2.54 15.90 -4.64
N LYS D 127 -2.93 14.73 -4.12
CA LYS D 127 -2.07 13.56 -4.10
C LYS D 127 -2.42 12.56 -5.20
N LYS D 128 -3.71 12.38 -5.48
CA LYS D 128 -4.17 11.45 -6.50
C LYS D 128 -5.58 11.83 -6.90
N SER D 129 -5.79 12.02 -8.20
CA SER D 129 -7.08 12.47 -8.70
C SER D 129 -7.39 11.78 -10.02
N PHE D 130 -8.68 11.66 -10.33
CA PHE D 130 -9.11 11.09 -11.59
C PHE D 130 -10.47 11.66 -11.97
N VAL D 131 -10.74 11.69 -13.26
CA VAL D 131 -12.08 11.95 -13.79
C VAL D 131 -12.82 10.63 -13.94
N HIS D 132 -14.02 10.56 -13.37
CA HIS D 132 -14.83 9.36 -13.47
C HIS D 132 -15.12 9.02 -14.93
N GLY D 133 -15.13 7.73 -15.25
CA GLY D 133 -15.15 7.30 -16.64
C GLY D 133 -16.29 6.40 -17.06
N VAL D 134 -17.24 6.15 -16.17
CA VAL D 134 -18.38 5.27 -16.46
C VAL D 134 -19.66 6.11 -16.40
N THR D 135 -20.55 5.90 -17.36
CA THR D 135 -20.34 5.00 -18.50
C THR D 135 -19.50 5.67 -19.57
N VAL D 136 -19.35 6.99 -19.41
CA VAL D 136 -18.51 7.81 -20.27
C VAL D 136 -17.71 8.72 -19.35
N LYS D 137 -16.75 9.43 -19.93
CA LYS D 137 -15.99 10.40 -19.15
C LYS D 137 -16.93 11.46 -18.61
N ASN D 138 -16.94 11.63 -17.28
CA ASN D 138 -17.89 12.54 -16.64
C ASN D 138 -17.46 13.97 -16.95
N ARG D 139 -17.82 14.41 -18.15
CA ARG D 139 -17.37 15.68 -18.70
C ARG D 139 -18.51 16.30 -19.49
N MET D 140 -18.60 17.63 -19.43
CA MET D 140 -19.64 18.37 -20.15
C MET D 140 -19.01 19.50 -20.93
N ILE D 141 -19.57 19.78 -22.11
CA ILE D 141 -19.25 20.98 -22.88
C ILE D 141 -20.57 21.61 -23.31
N ARG D 142 -20.78 22.86 -22.91
CA ARG D 142 -21.92 23.65 -23.36
C ARG D 142 -21.42 24.94 -23.98
N LEU D 143 -21.75 25.16 -25.25
CA LEU D 143 -21.42 26.39 -25.96
C LEU D 143 -22.60 27.36 -25.93
N HIS D 144 -22.26 28.65 -25.96
CA HIS D 144 -23.25 29.72 -25.98
C HIS D 144 -23.03 30.62 -27.19
N PRO D 145 -24.09 31.24 -27.72
CA PRO D 145 -23.95 32.01 -28.97
C PRO D 145 -22.83 33.05 -28.95
N ASP D 146 -22.54 33.64 -27.79
CA ASP D 146 -21.49 34.65 -27.70
C ASP D 146 -20.09 34.05 -27.59
N GLY D 147 -19.96 32.73 -27.63
CA GLY D 147 -18.68 32.07 -27.53
C GLY D 147 -18.27 31.71 -26.12
N THR D 148 -19.16 31.84 -25.15
CA THR D 148 -18.90 31.33 -23.81
C THR D 148 -18.89 29.81 -23.81
N VAL D 149 -17.85 29.23 -23.23
CA VAL D 149 -17.70 27.78 -23.09
C VAL D 149 -17.90 27.40 -21.64
N LEU D 150 -18.80 26.46 -21.39
CA LEU D 150 -19.00 25.88 -20.07
C LEU D 150 -18.43 24.47 -20.08
N TYR D 151 -17.45 24.23 -19.23
CA TYR D 151 -16.73 22.95 -19.18
C TYR D 151 -16.81 22.39 -17.79
N GLY D 152 -17.45 21.23 -17.65
CA GLY D 152 -17.69 20.62 -16.35
C GLY D 152 -17.01 19.27 -16.24
N LEU D 153 -16.46 18.98 -15.07
CA LEU D 153 -15.83 17.69 -14.79
C LEU D 153 -16.30 17.20 -13.43
N ARG D 154 -16.45 15.88 -13.31
CA ARG D 154 -16.68 15.26 -12.01
C ARG D 154 -15.38 14.60 -11.56
N ILE D 155 -14.81 15.09 -10.48
CA ILE D 155 -13.46 14.74 -10.07
C ILE D 155 -13.51 14.20 -8.65
N THR D 156 -12.76 13.13 -8.40
CA THR D 156 -12.42 12.72 -7.05
C THR D 156 -10.95 12.98 -6.82
N THR D 157 -10.63 13.71 -5.75
CA THR D 157 -9.26 14.09 -5.43
C THR D 157 -8.94 13.67 -4.00
N THR D 158 -7.78 13.06 -3.82
CA THR D 158 -7.14 12.98 -2.51
C THR D 158 -6.13 14.11 -2.40
N ALA D 159 -6.33 15.00 -1.42
CA ALA D 159 -5.54 16.21 -1.31
C ALA D 159 -4.87 16.26 0.06
N ALA D 160 -3.64 16.78 0.08
CA ALA D 160 -2.89 16.88 1.33
C ALA D 160 -3.56 17.86 2.28
N CYS D 161 -3.45 17.56 3.58
CA CYS D 161 -3.90 18.48 4.61
C CYS D 161 -3.05 18.24 5.85
N MET D 162 -2.05 19.09 6.04
CA MET D 162 -1.21 19.03 7.24
C MET D 162 -2.05 19.39 8.46
N MET D 163 -2.07 18.50 9.45
CA MET D 163 -2.91 18.67 10.62
C MET D 163 -2.06 18.95 11.85
N ASP D 164 -2.56 19.83 12.71
CA ASP D 164 -1.94 20.12 13.99
C ASP D 164 -2.63 19.26 15.05
N LEU D 165 -1.97 18.20 15.49
CA LEU D 165 -2.58 17.21 16.36
C LEU D 165 -2.20 17.43 17.83
N ARG D 166 -1.76 18.64 18.17
CA ARG D 166 -1.37 18.93 19.55
C ARG D 166 -2.55 18.84 20.50
N ARG D 167 -3.75 19.18 20.03
CA ARG D 167 -4.95 19.14 20.84
C ARG D 167 -5.82 17.92 20.54
N TYR D 168 -5.30 16.98 19.75
CA TYR D 168 -6.06 15.81 19.34
C TYR D 168 -6.43 14.99 20.58
N PRO D 169 -7.68 14.50 20.67
CA PRO D 169 -8.74 14.65 19.68
C PRO D 169 -9.72 15.80 19.92
N LEU D 170 -9.27 16.86 20.57
CA LEU D 170 -10.07 18.06 20.75
C LEU D 170 -9.63 19.18 19.81
N ASP D 171 -9.27 18.81 18.58
CA ASP D 171 -8.59 19.68 17.66
C ASP D 171 -9.53 20.22 16.60
N GLU D 172 -9.14 21.34 16.01
CA GLU D 172 -9.81 21.92 14.86
C GLU D 172 -8.79 22.02 13.72
N GLN D 173 -9.16 21.53 12.55
CA GLN D 173 -8.25 21.50 11.42
C GLN D 173 -8.72 22.42 10.30
N ASN D 174 -7.76 22.91 9.52
CA ASN D 174 -7.98 23.71 8.33
C ASN D 174 -7.46 22.91 7.15
N CYS D 175 -8.35 22.39 6.32
CA CYS D 175 -7.98 21.67 5.11
C CYS D 175 -8.38 22.50 3.89
N THR D 176 -7.43 22.71 2.98
CA THR D 176 -7.63 23.56 1.82
C THR D 176 -7.58 22.74 0.54
N LEU D 177 -8.13 23.31 -0.52
CA LEU D 177 -7.89 22.87 -1.88
C LEU D 177 -7.37 24.06 -2.69
N GLU D 178 -6.15 23.93 -3.20
CA GLU D 178 -5.48 25.02 -3.91
C GLU D 178 -5.59 24.80 -5.41
N ILE D 179 -6.22 25.74 -6.10
CA ILE D 179 -6.52 25.62 -7.52
C ILE D 179 -5.66 26.65 -8.25
N GLU D 180 -4.93 26.20 -9.27
CA GLU D 180 -3.98 27.09 -9.93
C GLU D 180 -3.89 26.74 -11.40
N SER D 181 -3.42 27.71 -12.19
CA SER D 181 -3.03 27.47 -13.57
C SER D 181 -1.62 26.89 -13.62
N TYR D 182 -1.45 25.79 -14.36
CA TYR D 182 -0.15 25.13 -14.37
C TYR D 182 0.89 25.96 -15.12
N GLY D 183 0.60 26.34 -16.36
CA GLY D 183 1.61 26.90 -17.23
C GLY D 183 1.37 28.34 -17.66
N TYR D 184 0.12 28.79 -17.59
CA TYR D 184 -0.23 30.15 -17.99
C TYR D 184 -0.08 31.07 -16.79
N THR D 185 0.66 32.16 -16.98
CA THR D 185 0.78 33.19 -15.96
C THR D 185 -0.43 34.11 -15.97
N THR D 186 -0.45 35.07 -15.03
CA THR D 186 -1.52 36.06 -14.97
C THR D 186 -1.48 37.05 -16.13
N ASP D 187 -0.41 37.05 -16.92
CA ASP D 187 -0.45 37.75 -18.21
C ASP D 187 -1.40 37.10 -19.19
N ASP D 188 -1.64 35.79 -19.04
CA ASP D 188 -2.39 35.03 -20.02
C ASP D 188 -3.74 34.55 -19.53
N ILE D 189 -3.88 34.23 -18.24
CA ILE D 189 -5.11 33.70 -17.70
C ILE D 189 -5.36 34.31 -16.32
N GLU D 190 -6.63 34.47 -15.99
CA GLU D 190 -7.04 34.96 -14.67
C GLU D 190 -8.19 34.11 -14.17
N PHE D 191 -8.20 33.84 -12.87
CA PHE D 191 -9.26 33.08 -12.24
C PHE D 191 -10.11 33.98 -11.35
N TYR D 192 -11.39 33.65 -11.24
CA TYR D 192 -12.26 34.27 -10.24
C TYR D 192 -13.30 33.25 -9.81
N TRP D 193 -13.82 33.44 -8.59
CA TRP D 193 -14.96 32.67 -8.10
C TRP D 193 -16.23 33.22 -8.72
N ARG D 194 -16.86 32.43 -9.59
CA ARG D 194 -18.03 32.89 -10.33
C ARG D 194 -19.23 32.85 -9.39
N GLY D 195 -19.76 34.02 -9.07
CA GLY D 195 -20.78 34.16 -8.04
C GLY D 195 -20.26 34.58 -6.69
N GLY D 196 -18.96 34.89 -6.58
CA GLY D 196 -18.37 35.28 -5.31
C GLY D 196 -18.54 34.19 -4.26
N ASP D 197 -19.23 34.52 -3.18
CA ASP D 197 -19.35 33.63 -2.03
C ASP D 197 -20.33 32.49 -2.27
N LYS D 198 -21.06 32.50 -3.38
CA LYS D 198 -21.95 31.42 -3.75
C LYS D 198 -21.35 30.49 -4.79
N ALA D 199 -20.06 30.66 -5.14
CA ALA D 199 -19.46 29.84 -6.17
C ALA D 199 -19.33 28.38 -5.77
N VAL D 200 -19.34 28.09 -4.48
CA VAL D 200 -19.19 26.72 -3.98
C VAL D 200 -20.48 26.34 -3.28
N THR D 201 -21.13 25.29 -3.76
CA THR D 201 -22.37 24.79 -3.18
C THR D 201 -22.15 23.40 -2.60
N GLY D 202 -23.10 22.97 -1.77
CA GLY D 202 -23.13 21.61 -1.28
C GLY D 202 -22.31 21.36 -0.04
N VAL D 203 -21.87 22.41 0.65
CA VAL D 203 -21.11 22.20 1.89
C VAL D 203 -22.00 21.55 2.95
N GLU D 204 -23.31 21.80 2.88
CA GLU D 204 -24.25 21.19 3.81
C GLU D 204 -24.37 19.69 3.58
N ARG D 205 -23.98 19.20 2.40
CA ARG D 205 -24.10 17.77 2.10
C ARG D 205 -23.03 16.95 2.80
N ILE D 206 -21.91 17.58 3.17
CA ILE D 206 -20.79 16.86 3.75
C ILE D 206 -21.22 16.24 5.07
N GLU D 207 -21.08 14.91 5.17
CA GLU D 207 -21.52 14.15 6.34
C GLU D 207 -20.37 13.25 6.76
N LEU D 208 -19.43 13.84 7.49
CA LEU D 208 -18.33 13.09 8.11
C LEU D 208 -18.70 12.74 9.54
N PRO D 209 -18.74 11.46 9.90
CA PRO D 209 -19.09 11.10 11.29
C PRO D 209 -18.19 11.76 12.32
N GLN D 210 -16.89 11.88 12.05
CA GLN D 210 -15.93 12.32 13.03
C GLN D 210 -15.73 13.84 13.04
N PHE D 211 -16.28 14.55 12.05
CA PHE D 211 -16.06 15.98 11.93
C PHE D 211 -17.37 16.68 11.60
N SER D 212 -17.47 17.93 12.05
CA SER D 212 -18.45 18.89 11.55
C SER D 212 -17.74 19.96 10.75
N ILE D 213 -18.33 20.37 9.64
CA ILE D 213 -17.83 21.51 8.89
C ILE D 213 -18.32 22.79 9.56
N VAL D 214 -17.40 23.54 10.16
CA VAL D 214 -17.76 24.77 10.85
C VAL D 214 -18.01 25.89 9.83
N GLU D 215 -17.12 26.00 8.85
CA GLU D 215 -17.09 27.16 7.95
C GLU D 215 -16.34 26.75 6.70
N HIS D 216 -16.66 27.44 5.60
CA HIS D 216 -15.83 27.42 4.41
C HIS D 216 -15.57 28.85 3.94
N ARG D 217 -14.42 29.05 3.30
CA ARG D 217 -14.04 30.35 2.79
C ARG D 217 -13.47 30.23 1.39
N LEU D 218 -13.65 31.28 0.60
CA LEU D 218 -13.14 31.36 -0.75
C LEU D 218 -12.13 32.50 -0.82
N VAL D 219 -10.94 32.20 -1.35
CA VAL D 219 -9.89 33.20 -1.45
C VAL D 219 -9.41 33.25 -2.90
N SER D 220 -8.92 34.42 -3.30
CA SER D 220 -8.32 34.62 -4.62
C SER D 220 -7.04 35.42 -4.43
N ARG D 221 -5.95 34.96 -5.04
CA ARG D 221 -4.70 35.71 -5.00
C ARG D 221 -3.81 35.26 -6.15
N ASN D 222 -2.70 35.97 -6.30
CA ASN D 222 -1.65 35.62 -7.25
C ASN D 222 -0.46 35.04 -6.50
N VAL D 223 0.13 33.99 -7.06
CA VAL D 223 1.26 33.31 -6.46
C VAL D 223 2.44 33.42 -7.42
N VAL D 224 3.59 33.83 -6.90
CA VAL D 224 4.79 34.08 -7.69
C VAL D 224 5.75 32.91 -7.53
N PHE D 225 6.24 32.41 -8.65
CA PHE D 225 7.31 31.42 -8.73
C PHE D 225 8.43 31.96 -9.62
N ALA D 226 9.50 31.18 -9.72
CA ALA D 226 10.62 31.56 -10.59
C ALA D 226 10.16 31.75 -12.03
N THR D 227 9.16 31.00 -12.47
CA THR D 227 8.67 31.06 -13.83
C THR D 227 7.63 32.16 -14.05
N GLY D 228 7.17 32.82 -12.98
CA GLY D 228 6.32 33.98 -13.09
C GLY D 228 5.22 33.94 -12.05
N ALA D 229 4.26 34.85 -12.22
CA ALA D 229 3.12 34.98 -11.32
C ALA D 229 1.93 34.21 -11.88
N TYR D 230 1.31 33.40 -11.02
CA TYR D 230 0.23 32.53 -11.46
C TYR D 230 -1.05 32.82 -10.68
N PRO D 231 -2.22 32.71 -11.32
CA PRO D 231 -3.47 32.88 -10.59
C PRO D 231 -3.77 31.70 -9.68
N ARG D 232 -4.32 32.00 -8.52
CA ARG D 232 -4.65 30.99 -7.52
C ARG D 232 -6.05 31.23 -6.99
N LEU D 233 -6.81 30.13 -6.86
CA LEU D 233 -8.03 30.11 -6.07
C LEU D 233 -7.88 29.06 -4.96
N SER D 234 -8.35 29.40 -3.76
CA SER D 234 -8.22 28.54 -2.61
C SER D 234 -9.59 28.32 -1.98
N LEU D 235 -9.95 27.05 -1.77
CA LEU D 235 -11.13 26.67 -1.02
C LEU D 235 -10.67 25.96 0.25
N SER D 236 -11.09 26.45 1.40
CA SER D 236 -10.73 25.85 2.67
C SER D 236 -11.97 25.55 3.51
N PHE D 237 -11.85 24.55 4.37
CA PHE D 237 -12.89 24.18 5.32
C PHE D 237 -12.29 24.14 6.71
N ARG D 238 -13.12 24.46 7.70
CA ARG D 238 -12.75 24.30 9.10
C ARG D 238 -13.49 23.08 9.65
N LEU D 239 -12.74 22.08 10.09
CA LEU D 239 -13.29 20.84 10.58
C LEU D 239 -13.15 20.79 12.09
N LYS D 240 -14.24 20.46 12.78
CA LYS D 240 -14.22 20.31 14.23
C LYS D 240 -14.47 18.84 14.56
N ARG D 241 -13.51 18.22 15.24
CA ARG D 241 -13.61 16.80 15.57
C ARG D 241 -14.73 16.58 16.58
N ASN D 242 -15.54 15.56 16.35
CA ASN D 242 -16.53 15.14 17.34
C ASN D 242 -15.87 14.32 18.43
N ILE D 243 -16.06 14.73 19.67
CA ILE D 243 -15.41 14.07 20.80
C ILE D 243 -16.03 12.71 21.09
N GLY D 244 -17.30 12.52 20.76
CA GLY D 244 -18.06 11.39 21.30
C GLY D 244 -17.37 10.05 21.16
N TYR D 245 -16.84 9.77 19.97
CA TYR D 245 -16.18 8.48 19.75
C TYR D 245 -15.01 8.30 20.71
N PHE D 246 -14.26 9.36 20.96
CA PHE D 246 -13.04 9.28 21.76
C PHE D 246 -13.36 9.13 23.24
N ILE D 247 -14.39 9.83 23.72
CA ILE D 247 -14.90 9.60 25.06
C ILE D 247 -15.15 8.12 25.28
N LEU D 248 -15.81 7.48 24.32
CA LEU D 248 -16.23 6.10 24.49
C LEU D 248 -15.05 5.14 24.31
N GLN D 249 -14.16 5.44 23.36
CA GLN D 249 -13.14 4.48 22.95
C GLN D 249 -11.92 4.51 23.86
N THR D 250 -11.48 5.70 24.27
CA THR D 250 -10.25 5.84 25.04
C THR D 250 -10.47 6.45 26.41
N TYR D 251 -11.22 7.55 26.50
CA TYR D 251 -11.39 8.25 27.78
C TYR D 251 -12.09 7.36 28.81
N MET D 252 -13.23 6.77 28.43
CA MET D 252 -13.99 6.00 29.40
C MET D 252 -13.24 4.77 29.88
N PRO D 253 -12.64 3.93 29.02
CA PRO D 253 -11.83 2.82 29.55
C PRO D 253 -10.75 3.26 30.53
N SER D 254 -10.08 4.38 30.25
CA SER D 254 -9.03 4.87 31.15
C SER D 254 -9.61 5.26 32.50
N ILE D 255 -10.78 5.90 32.50
CA ILE D 255 -11.45 6.25 33.75
C ILE D 255 -11.81 4.99 34.53
N LEU D 256 -12.31 3.98 33.82
CA LEU D 256 -12.75 2.76 34.48
C LEU D 256 -11.57 1.97 35.05
N ILE D 257 -10.44 1.97 34.35
CA ILE D 257 -9.25 1.31 34.86
C ILE D 257 -8.75 2.05 36.11
N THR D 258 -8.79 3.38 36.09
CA THR D 258 -8.31 4.14 37.24
C THR D 258 -9.18 3.89 38.46
N ILE D 259 -10.51 3.85 38.27
CA ILE D 259 -11.40 3.53 39.37
C ILE D 259 -11.11 2.13 39.88
N LEU D 260 -10.93 1.18 38.96
CA LEU D 260 -10.60 -0.21 39.33
C LEU D 260 -9.38 -0.25 40.23
N SER D 261 -8.37 0.58 39.94
CA SER D 261 -7.15 0.59 40.74
C SER D 261 -7.43 0.91 42.20
N TRP D 262 -8.47 1.70 42.47
CA TRP D 262 -8.76 2.16 43.82
C TRP D 262 -9.38 1.07 44.68
N VAL D 263 -10.01 0.06 44.06
CA VAL D 263 -10.58 -1.07 44.79
C VAL D 263 -9.56 -1.65 45.76
N SER D 264 -8.28 -1.66 45.36
CA SER D 264 -7.20 -2.17 46.20
C SER D 264 -7.26 -1.58 47.61
N PHE D 265 -7.60 -0.29 47.73
CA PHE D 265 -7.50 0.37 49.03
C PHE D 265 -8.55 -0.13 50.01
N TRP D 266 -9.59 -0.82 49.54
CA TRP D 266 -10.60 -1.40 50.41
CA TRP D 266 -10.60 -1.40 50.40
C TRP D 266 -10.30 -2.84 50.78
N ILE D 267 -9.20 -3.41 50.28
CA ILE D 267 -8.84 -4.79 50.55
C ILE D 267 -7.86 -4.82 51.71
N ASN D 268 -7.94 -5.88 52.51
CA ASN D 268 -7.03 -6.03 53.65
C ASN D 268 -5.59 -6.10 53.17
N TYR D 269 -4.69 -5.50 53.96
CA TYR D 269 -3.28 -5.44 53.58
C TYR D 269 -2.61 -6.81 53.60
N ASP D 270 -3.21 -7.80 54.23
CA ASP D 270 -2.66 -9.15 54.22
C ASP D 270 -2.94 -9.87 52.90
N ALA D 271 -3.91 -9.39 52.13
CA ALA D 271 -4.28 -9.98 50.85
C ALA D 271 -3.29 -9.54 49.77
N SER D 272 -2.05 -10.02 49.94
CA SER D 272 -0.96 -9.53 49.10
C SER D 272 -1.18 -9.90 47.63
N ALA D 273 -1.57 -11.14 47.37
CA ALA D 273 -1.80 -11.57 46.00
C ALA D 273 -2.90 -10.74 45.34
N ALA D 274 -4.00 -10.51 46.06
CA ALA D 274 -5.14 -9.79 45.50
C ALA D 274 -4.76 -8.35 45.16
N ARG D 275 -4.11 -7.66 46.10
CA ARG D 275 -3.83 -6.24 45.93
C ARG D 275 -2.71 -6.00 44.93
N VAL D 276 -1.72 -6.89 44.88
CA VAL D 276 -0.66 -6.77 43.89
C VAL D 276 -1.22 -7.07 42.50
N ALA D 277 -2.15 -8.02 42.41
CA ALA D 277 -2.77 -8.33 41.13
C ALA D 277 -3.49 -7.10 40.57
N LEU D 278 -4.25 -6.42 41.43
CA LEU D 278 -4.95 -5.21 40.99
C LEU D 278 -3.97 -4.18 40.47
N GLY D 279 -2.86 -3.97 41.19
CA GLY D 279 -1.88 -3.00 40.74
C GLY D 279 -1.31 -3.33 39.38
N ILE D 280 -0.88 -4.59 39.21
CA ILE D 280 -0.25 -5.00 37.94
C ILE D 280 -1.24 -4.85 36.79
N THR D 281 -2.43 -5.43 36.92
CA THR D 281 -3.36 -5.51 35.80
C THR D 281 -3.75 -4.13 35.31
N THR D 282 -3.96 -3.18 36.23
CA THR D 282 -4.35 -1.84 35.84
C THR D 282 -3.20 -1.11 35.16
N VAL D 283 -1.99 -1.26 35.72
CA VAL D 283 -0.80 -0.62 35.14
C VAL D 283 -0.57 -1.14 33.73
N LEU D 284 -0.64 -2.46 33.55
CA LEU D 284 -0.34 -3.06 32.26
C LEU D 284 -1.45 -2.77 31.25
N THR D 285 -2.70 -2.73 31.70
CA THR D 285 -3.81 -2.37 30.82
C THR D 285 -3.62 -0.95 30.29
N MET D 286 -3.13 -0.04 31.13
CA MET D 286 -2.94 1.34 30.70
C MET D 286 -1.81 1.45 29.68
N THR D 287 -0.82 0.55 29.75
CA THR D 287 0.23 0.53 28.74
C THR D 287 -0.29 0.04 27.41
N THR D 288 -1.09 -1.04 27.42
CA THR D 288 -1.64 -1.57 26.18
C THR D 288 -2.55 -0.54 25.51
N ILE D 289 -3.32 0.20 26.29
CA ILE D 289 -4.20 1.22 25.73
C ILE D 289 -3.37 2.32 25.07
N ASN D 290 -2.33 2.78 25.75
CA ASN D 290 -1.47 3.83 25.22
C ASN D 290 -0.85 3.40 23.89
N THR D 291 -0.16 2.26 23.89
CA THR D 291 0.59 1.85 22.71
C THR D 291 -0.33 1.56 21.54
N HIS D 292 -1.46 0.89 21.79
CA HIS D 292 -2.46 0.67 20.76
C HIS D 292 -2.89 1.98 20.12
N LEU D 293 -3.24 2.98 20.94
CA LEU D 293 -3.77 4.24 20.44
C LEU D 293 -2.81 4.87 19.43
N ARG D 294 -1.53 4.96 19.78
CA ARG D 294 -0.57 5.69 18.96
C ARG D 294 -0.22 4.93 17.69
N GLU D 295 -0.59 3.66 17.59
CA GLU D 295 -0.46 2.89 16.35
C GLU D 295 -1.57 3.21 15.35
N THR D 296 -2.59 3.94 15.76
CA THR D 296 -3.67 4.37 14.89
C THR D 296 -3.39 5.73 14.25
N LEU D 297 -2.27 6.36 14.61
CA LEU D 297 -1.97 7.75 14.31
C LEU D 297 -0.59 7.82 13.69
N PRO D 298 -0.25 8.92 13.02
CA PRO D 298 1.10 9.07 12.48
C PRO D 298 2.15 9.23 13.59
N LYS D 299 3.40 8.97 13.21
CA LYS D 299 4.52 8.95 14.15
C LYS D 299 5.02 10.36 14.40
N ILE D 300 4.18 11.15 15.06
CA ILE D 300 4.50 12.54 15.38
C ILE D 300 5.40 12.55 16.61
N PRO D 301 6.35 13.50 16.70
CA PRO D 301 7.26 13.55 17.85
C PRO D 301 6.75 14.30 19.08
N TYR D 302 5.57 14.91 19.03
CA TYR D 302 5.10 15.73 20.15
C TYR D 302 3.98 15.02 20.90
N VAL D 303 3.66 15.56 22.07
CA VAL D 303 2.63 15.01 22.94
C VAL D 303 1.29 15.62 22.59
N LYS D 304 0.28 14.76 22.41
CA LYS D 304 -1.08 15.20 22.11
C LYS D 304 -1.87 15.39 23.40
N ALA D 305 -3.09 15.90 23.26
CA ALA D 305 -3.98 16.03 24.41
C ALA D 305 -4.30 14.67 25.00
N ILE D 306 -4.58 13.68 24.15
CA ILE D 306 -4.96 12.35 24.63
C ILE D 306 -3.78 11.70 25.34
N ASP D 307 -2.56 11.91 24.83
CA ASP D 307 -1.38 11.42 25.52
C ASP D 307 -1.28 11.97 26.94
N MET D 308 -1.61 13.25 27.11
CA MET D 308 -1.52 13.85 28.44
C MET D 308 -2.51 13.18 29.40
N TYR D 309 -3.71 12.88 28.91
CA TYR D 309 -4.71 12.21 29.75
C TYR D 309 -4.22 10.83 30.16
N LEU D 310 -3.75 10.04 29.19
CA LEU D 310 -3.33 8.67 29.46
C LEU D 310 -2.14 8.66 30.40
N MET D 311 -1.24 9.64 30.27
CA MET D 311 -0.10 9.72 31.17
C MET D 311 -0.54 10.06 32.58
N GLY D 312 -1.53 10.95 32.72
CA GLY D 312 -2.08 11.21 34.04
C GLY D 312 -2.71 9.97 34.64
N CYS D 313 -3.49 9.24 33.84
CA CYS D 313 -4.16 8.05 34.36
C CYS D 313 -3.13 6.99 34.75
N PHE D 314 -2.07 6.84 33.95
CA PHE D 314 -1.01 5.91 34.27
C PHE D 314 -0.39 6.22 35.63
N VAL D 315 -0.12 7.51 35.88
CA VAL D 315 0.52 7.92 37.14
C VAL D 315 -0.37 7.57 38.32
N PHE D 316 -1.68 7.77 38.18
CA PHE D 316 -2.60 7.44 39.27
C PHE D 316 -2.53 5.95 39.59
N VAL D 317 -2.64 5.10 38.58
CA VAL D 317 -2.75 3.67 38.83
C VAL D 317 -1.41 3.13 39.31
N PHE D 318 -0.30 3.70 38.81
CA PHE D 318 1.02 3.29 39.25
C PHE D 318 1.25 3.66 40.71
N LEU D 319 0.82 4.86 41.11
CA LEU D 319 0.94 5.28 42.50
C LEU D 319 0.06 4.43 43.41
N ALA D 320 -1.08 3.95 42.90
CA ALA D 320 -1.94 3.09 43.71
C ALA D 320 -1.22 1.80 44.06
N LEU D 321 -0.49 1.23 43.10
CA LEU D 321 0.29 0.03 43.39
C LEU D 321 1.44 0.35 44.33
N LEU D 322 2.13 1.48 44.09
CA LEU D 322 3.22 1.89 44.96
C LEU D 322 2.72 2.17 46.38
N GLU D 323 1.48 2.65 46.49
CA GLU D 323 0.88 2.83 47.81
C GLU D 323 0.84 1.52 48.57
N TYR D 324 0.48 0.42 47.89
CA TYR D 324 0.41 -0.86 48.57
C TYR D 324 1.81 -1.34 48.96
N ALA D 325 2.78 -1.14 48.07
CA ALA D 325 4.16 -1.47 48.41
C ALA D 325 4.57 -0.76 49.69
N PHE D 326 4.17 0.50 49.83
CA PHE D 326 4.49 1.26 51.03
C PHE D 326 3.77 0.66 52.23
N VAL D 327 2.47 0.35 52.09
CA VAL D 327 1.74 -0.29 53.18
C VAL D 327 2.39 -1.62 53.50
N ASN D 328 2.65 -2.42 52.46
CA ASN D 328 3.29 -3.71 52.62
C ASN D 328 4.63 -3.55 53.31
N TYR D 329 5.37 -2.49 52.93
CA TYR D 329 6.72 -2.25 53.43
C TYR D 329 6.75 -2.06 54.93
N ILE D 330 5.69 -1.56 55.55
CA ILE D 330 5.83 -1.18 56.95
C ILE D 330 5.05 -2.13 57.82
N PHE D 331 4.11 -2.90 57.25
CA PHE D 331 3.24 -3.67 58.12
C PHE D 331 4.06 -4.81 58.71
N PHE D 332 5.10 -5.20 57.98
CA PHE D 332 6.08 -6.22 58.32
C PHE D 332 7.40 -5.60 58.76
N ALA D 447 -4.47 3.23 58.43
CA ALA D 447 -4.68 4.68 58.30
C ALA D 447 -4.30 5.15 56.91
N ILE D 448 -3.20 4.60 56.37
CA ILE D 448 -2.73 4.98 55.05
C ILE D 448 -3.76 4.60 53.99
N ASP D 449 -4.36 3.41 54.12
CA ASP D 449 -5.41 3.03 53.18
C ASP D 449 -6.60 3.98 53.27
N ARG D 450 -7.02 4.33 54.49
CA ARG D 450 -8.17 5.20 54.63
C ARG D 450 -7.91 6.56 54.00
N TRP D 451 -6.71 7.10 54.22
CA TRP D 451 -6.31 8.35 53.59
C TRP D 451 -6.21 8.22 52.09
N SER D 452 -5.81 7.04 51.59
CA SER D 452 -5.78 6.81 50.15
C SER D 452 -7.19 6.77 49.56
N ARG D 453 -8.16 6.22 50.33
CA ARG D 453 -9.52 6.10 49.84
C ARG D 453 -10.15 7.45 49.50
N ILE D 454 -9.71 8.51 50.16
CA ILE D 454 -10.26 9.83 49.92
C ILE D 454 -9.37 10.64 48.97
N VAL D 455 -8.06 10.61 49.17
CA VAL D 455 -7.17 11.52 48.45
C VAL D 455 -7.09 11.13 46.98
N PHE D 456 -7.07 9.82 46.69
CA PHE D 456 -6.94 9.40 45.28
C PHE D 456 -8.16 9.79 44.45
N PRO D 457 -9.40 9.45 44.82
CA PRO D 457 -10.52 9.87 43.97
C PRO D 457 -10.62 11.39 43.85
N PHE D 458 -10.33 12.10 44.94
CA PHE D 458 -10.40 13.56 44.91
C PHE D 458 -9.34 14.15 43.99
N THR D 459 -8.13 13.61 44.03
CA THR D 459 -7.07 14.09 43.14
C THR D 459 -7.40 13.81 41.68
N PHE D 460 -7.98 12.64 41.40
CA PHE D 460 -8.40 12.34 40.04
C PHE D 460 -9.44 13.32 39.55
N SER D 461 -10.36 13.73 40.44
CA SER D 461 -11.35 14.74 40.09
C SER D 461 -10.67 16.06 39.75
N LEU D 462 -9.71 16.48 40.57
CA LEU D 462 -8.94 17.68 40.27
C LEU D 462 -8.25 17.55 38.92
N PHE D 463 -7.55 16.43 38.70
CA PHE D 463 -6.85 16.21 37.43
C PHE D 463 -7.82 16.37 36.26
N ASN D 464 -8.99 15.74 36.35
CA ASN D 464 -9.95 15.81 35.25
C ASN D 464 -10.45 17.24 35.07
N LEU D 465 -10.72 17.94 36.18
CA LEU D 465 -11.22 19.31 36.10
C LEU D 465 -10.24 20.19 35.34
N VAL D 466 -8.97 20.16 35.75
CA VAL D 466 -7.95 20.99 35.10
C VAL D 466 -7.83 20.62 33.63
N TYR D 467 -7.79 19.32 33.33
CA TYR D 467 -7.62 18.86 31.96
C TYR D 467 -8.75 19.37 31.07
N TRP D 468 -10.00 19.09 31.46
CA TRP D 468 -11.13 19.35 30.57
C TRP D 468 -11.42 20.85 30.47
N LEU D 469 -10.98 21.64 31.45
CA LEU D 469 -11.10 23.08 31.35
C LEU D 469 -10.08 23.64 30.36
N TYR D 470 -8.84 23.16 30.45
CA TYR D 470 -7.78 23.65 29.57
C TYR D 470 -8.11 23.39 28.10
N TYR D 471 -8.71 22.24 27.80
CA TYR D 471 -8.82 21.75 26.44
C TYR D 471 -10.22 21.92 25.85
N VAL D 472 -11.26 21.98 26.70
CA VAL D 472 -12.59 22.33 26.21
C VAL D 472 -12.89 23.79 26.57
N PRO E 42 -21.25 -2.05 -46.50
CA PRO E 42 -21.97 -1.38 -47.58
C PRO E 42 -22.75 -0.16 -47.07
N ASN E 43 -24.05 -0.34 -46.81
CA ASN E 43 -24.86 0.73 -46.26
C ASN E 43 -24.45 1.09 -44.84
N LEU E 44 -23.73 0.20 -44.15
CA LEU E 44 -23.23 0.53 -42.82
C LEU E 44 -22.27 1.70 -42.86
N ASP E 45 -21.38 1.72 -43.85
CA ASP E 45 -20.49 2.88 -44.04
C ASP E 45 -21.27 4.11 -44.46
N GLY E 46 -22.34 3.93 -45.24
CA GLY E 46 -23.15 5.07 -45.64
C GLY E 46 -23.81 5.76 -44.47
N LEU E 47 -24.27 4.98 -43.49
CA LEU E 47 -24.85 5.58 -42.28
C LEU E 47 -23.83 6.42 -41.53
N ILE E 48 -22.60 5.91 -41.41
CA ILE E 48 -21.54 6.68 -40.76
C ILE E 48 -21.17 7.89 -41.60
N ALA E 49 -21.17 7.73 -42.93
CA ALA E 49 -20.85 8.84 -43.80
C ALA E 49 -21.86 9.97 -43.61
N GLY E 50 -21.36 11.12 -43.12
CA GLY E 50 -22.21 12.24 -42.81
C GLY E 50 -22.86 12.19 -41.45
N TYR E 51 -22.60 11.15 -40.66
CA TYR E 51 -23.18 11.05 -39.33
C TYR E 51 -22.51 12.05 -38.40
N ALA E 52 -23.32 12.77 -37.63
CA ALA E 52 -22.84 13.78 -36.69
C ALA E 52 -22.76 13.16 -35.31
N ARG E 53 -21.54 12.86 -34.87
CA ARG E 53 -21.34 12.18 -33.60
C ARG E 53 -21.55 13.09 -32.40
N ASN E 54 -21.26 14.39 -32.55
CA ASN E 54 -21.29 15.31 -31.43
C ASN E 54 -22.69 15.77 -31.04
N PHE E 55 -23.72 15.39 -31.80
CA PHE E 55 -25.06 15.90 -31.58
C PHE E 55 -26.02 14.75 -31.32
N ARG E 56 -26.92 14.95 -30.36
CA ARG E 56 -27.95 13.98 -30.08
C ARG E 56 -28.98 13.96 -31.20
N PRO E 57 -29.72 12.86 -31.35
CA PRO E 57 -30.78 12.81 -32.36
C PRO E 57 -31.82 13.90 -32.12
N GLY E 58 -32.01 14.76 -33.11
CA GLY E 58 -32.90 15.90 -32.96
C GLY E 58 -32.40 16.87 -31.92
N ILE E 59 -31.28 17.53 -32.22
CA ILE E 59 -30.64 18.40 -31.23
C ILE E 59 -31.56 19.56 -30.87
N GLY E 60 -32.18 20.18 -31.85
CA GLY E 60 -33.10 21.27 -31.61
C GLY E 60 -34.54 20.89 -31.37
N GLY E 61 -34.85 19.60 -31.35
CA GLY E 61 -36.21 19.14 -31.20
C GLY E 61 -36.54 18.65 -29.81
N PRO E 62 -37.50 17.74 -29.71
CA PRO E 62 -37.89 17.22 -28.39
C PRO E 62 -36.81 16.36 -27.80
N PRO E 63 -36.80 16.19 -26.48
CA PRO E 63 -35.74 15.38 -25.85
C PRO E 63 -35.82 13.93 -26.25
N VAL E 64 -34.67 13.26 -26.20
CA VAL E 64 -34.57 11.86 -26.60
C VAL E 64 -34.98 10.98 -25.42
N ASN E 65 -35.92 10.07 -25.67
CA ASN E 65 -36.32 9.10 -24.66
C ASN E 65 -35.35 7.93 -24.67
N VAL E 66 -34.82 7.62 -23.49
CA VAL E 66 -33.83 6.55 -23.33
C VAL E 66 -34.39 5.53 -22.36
N ALA E 67 -34.79 4.37 -22.87
CA ALA E 67 -35.19 3.28 -22.01
C ALA E 67 -33.99 2.70 -21.29
N LEU E 68 -34.16 2.39 -20.00
CA LEU E 68 -33.06 1.94 -19.17
C LEU E 68 -33.42 0.63 -18.50
N ALA E 69 -32.51 -0.35 -18.57
CA ALA E 69 -32.70 -1.64 -17.95
C ALA E 69 -31.42 -2.05 -17.23
N LEU E 70 -31.58 -2.78 -16.13
CA LEU E 70 -30.47 -3.22 -15.31
C LEU E 70 -30.54 -4.72 -15.07
N GLU E 71 -29.40 -5.38 -15.13
CA GLU E 71 -29.27 -6.80 -14.79
C GLU E 71 -28.15 -6.92 -13.76
N VAL E 72 -28.51 -6.94 -12.47
CA VAL E 72 -27.52 -6.96 -11.41
C VAL E 72 -26.88 -8.33 -11.33
N ALA E 73 -25.67 -8.46 -11.90
CA ALA E 73 -24.99 -9.74 -11.90
C ALA E 73 -24.60 -10.18 -10.50
N SER E 74 -24.07 -9.26 -9.69
CA SER E 74 -23.63 -9.62 -8.35
C SER E 74 -23.51 -8.37 -7.49
N ILE E 75 -23.63 -8.56 -6.19
CA ILE E 75 -23.38 -7.52 -5.19
C ILE E 75 -22.40 -8.09 -4.17
N ASP E 76 -21.33 -7.37 -3.90
CA ASP E 76 -20.28 -7.86 -3.03
C ASP E 76 -19.57 -6.68 -2.37
N HIS E 77 -18.71 -7.00 -1.41
CA HIS E 77 -17.89 -6.01 -0.71
C HIS E 77 -18.76 -4.94 -0.04
N ILE E 78 -19.79 -5.39 0.66
CA ILE E 78 -20.66 -4.48 1.40
C ILE E 78 -19.96 -4.16 2.73
N SER E 79 -19.18 -3.09 2.74
CA SER E 79 -18.37 -2.73 3.89
C SER E 79 -19.05 -1.59 4.65
N GLU E 80 -19.31 -1.81 5.94
CA GLU E 80 -19.87 -0.77 6.78
C GLU E 80 -18.82 0.28 7.14
N ALA E 81 -17.56 -0.12 7.29
CA ALA E 81 -16.50 0.84 7.61
C ALA E 81 -16.33 1.86 6.49
N ASN E 82 -16.32 1.40 5.24
CA ASN E 82 -16.19 2.29 4.09
C ASN E 82 -17.52 2.82 3.58
N MET E 83 -18.64 2.29 4.08
CA MET E 83 -19.98 2.70 3.65
C MET E 83 -20.11 2.62 2.12
N GLU E 84 -19.77 1.46 1.57
CA GLU E 84 -19.79 1.26 0.13
C GLU E 84 -20.08 -0.20 -0.17
N TYR E 85 -20.55 -0.44 -1.39
CA TYR E 85 -20.76 -1.79 -1.88
C TYR E 85 -20.37 -1.85 -3.36
N THR E 86 -19.94 -3.03 -3.79
CA THR E 86 -19.52 -3.25 -5.17
C THR E 86 -20.61 -4.02 -5.90
N MET E 87 -21.01 -3.50 -7.07
CA MET E 87 -22.08 -4.09 -7.85
C MET E 87 -21.66 -4.20 -9.31
N THR E 88 -21.94 -5.35 -9.92
CA THR E 88 -21.70 -5.58 -11.33
C THR E 88 -23.04 -5.72 -12.04
N VAL E 89 -23.27 -4.91 -13.06
CA VAL E 89 -24.56 -4.86 -13.75
C VAL E 89 -24.35 -4.90 -15.25
N PHE E 90 -25.40 -5.33 -15.95
CA PHE E 90 -25.50 -5.23 -17.40
C PHE E 90 -26.44 -4.07 -17.70
N LEU E 91 -25.88 -2.89 -17.96
CA LEU E 91 -26.67 -1.70 -18.20
C LEU E 91 -27.15 -1.70 -19.66
N HIS E 92 -28.47 -1.67 -19.85
CA HIS E 92 -29.07 -1.63 -21.17
C HIS E 92 -29.71 -0.28 -21.42
N GLN E 93 -29.36 0.35 -22.53
CA GLN E 93 -29.92 1.64 -22.92
C GLN E 93 -30.50 1.52 -24.32
N SER E 94 -31.73 1.98 -24.49
CA SER E 94 -32.42 1.93 -25.77
C SER E 94 -32.93 3.32 -26.13
N TRP E 95 -32.65 3.75 -27.35
CA TRP E 95 -33.12 5.03 -27.85
C TRP E 95 -33.20 4.98 -29.36
N ARG E 96 -33.93 5.93 -29.94
CA ARG E 96 -34.15 5.98 -31.37
C ARG E 96 -33.30 7.08 -32.00
N ASP E 97 -32.58 6.75 -33.06
CA ASP E 97 -31.76 7.68 -33.81
C ASP E 97 -32.12 7.56 -35.27
N SER E 98 -32.83 8.56 -35.81
CA SER E 98 -33.30 8.51 -37.18
C SER E 98 -32.16 8.56 -38.19
N ARG E 99 -30.99 9.06 -37.80
CA ARG E 99 -29.86 9.15 -38.72
C ARG E 99 -29.37 7.77 -39.14
N LEU E 100 -29.59 6.75 -38.30
CA LEU E 100 -29.12 5.40 -38.57
C LEU E 100 -30.21 4.50 -39.13
N SER E 101 -31.35 5.05 -39.50
CA SER E 101 -32.43 4.24 -40.05
C SER E 101 -32.03 3.72 -41.43
N TYR E 102 -32.22 2.42 -41.64
CA TYR E 102 -31.91 1.78 -42.91
C TYR E 102 -33.10 0.93 -43.34
N ASN E 103 -33.31 0.85 -44.65
CA ASN E 103 -34.45 0.13 -45.21
C ASN E 103 -34.03 -0.93 -46.23
N HIS E 104 -32.73 -1.18 -46.39
CA HIS E 104 -32.29 -2.21 -47.33
C HIS E 104 -32.71 -3.59 -46.87
N THR E 105 -32.64 -3.85 -45.57
CA THR E 105 -33.06 -5.14 -45.00
C THR E 105 -33.90 -4.88 -43.77
N ASN E 106 -34.72 -5.87 -43.42
CA ASN E 106 -35.59 -5.81 -42.26
C ASN E 106 -35.04 -6.62 -41.08
N GLU E 107 -33.73 -6.84 -41.06
CA GLU E 107 -33.08 -7.62 -40.00
C GLU E 107 -32.18 -6.70 -39.17
N THR E 108 -32.24 -6.88 -37.85
CA THR E 108 -31.40 -6.11 -36.96
C THR E 108 -29.93 -6.43 -37.18
N LEU E 109 -29.08 -5.43 -37.05
CA LEU E 109 -27.65 -5.58 -37.27
C LEU E 109 -26.94 -5.75 -35.93
N GLY E 110 -26.38 -6.94 -35.70
CA GLY E 110 -25.62 -7.21 -34.50
C GLY E 110 -24.17 -6.78 -34.65
N LEU E 111 -23.79 -5.72 -33.95
CA LEU E 111 -22.46 -5.14 -34.07
C LEU E 111 -21.72 -5.26 -32.75
N ASP E 112 -20.39 -5.31 -32.84
CA ASP E 112 -19.53 -5.49 -31.69
C ASP E 112 -19.16 -4.13 -31.10
N SER E 113 -18.21 -4.12 -30.17
CA SER E 113 -17.80 -2.89 -29.49
C SER E 113 -17.01 -1.94 -30.38
N ARG E 114 -16.54 -2.39 -31.55
CA ARG E 114 -15.79 -1.52 -32.43
C ARG E 114 -16.65 -0.38 -32.94
N PHE E 115 -17.92 -0.67 -33.27
CA PHE E 115 -18.83 0.32 -33.81
C PHE E 115 -19.32 1.32 -32.78
N VAL E 116 -19.04 1.08 -31.49
CA VAL E 116 -19.55 1.93 -30.42
C VAL E 116 -18.99 3.35 -30.55
N ASP E 117 -17.70 3.47 -30.84
CA ASP E 117 -17.06 4.78 -30.88
C ASP E 117 -17.61 5.67 -31.98
N LYS E 118 -18.24 5.09 -33.01
CA LYS E 118 -18.73 5.88 -34.13
C LYS E 118 -20.00 6.65 -33.80
N LEU E 119 -20.86 6.10 -32.94
CA LEU E 119 -22.19 6.63 -32.71
C LEU E 119 -22.24 7.53 -31.49
N TRP E 120 -23.25 8.39 -31.47
CA TRP E 120 -23.54 9.18 -30.29
C TRP E 120 -24.17 8.30 -29.21
N LEU E 121 -23.77 8.53 -27.97
CA LEU E 121 -24.27 7.74 -26.85
C LEU E 121 -24.72 8.66 -25.73
N PRO E 122 -25.73 8.24 -24.96
CA PRO E 122 -26.12 9.04 -23.78
C PRO E 122 -24.99 9.09 -22.76
N ASP E 123 -24.87 10.22 -22.09
CA ASP E 123 -23.85 10.41 -21.07
C ASP E 123 -24.35 9.97 -19.69
N THR E 124 -24.84 8.74 -19.62
CA THR E 124 -25.35 8.22 -18.36
C THR E 124 -24.20 7.90 -17.42
N PHE E 125 -24.29 8.40 -16.19
CA PHE E 125 -23.27 8.15 -15.17
C PHE E 125 -23.95 7.81 -13.86
N ILE E 126 -23.25 7.08 -13.02
CA ILE E 126 -23.75 6.71 -11.70
C ILE E 126 -23.43 7.84 -10.74
N VAL E 127 -24.47 8.40 -10.12
CA VAL E 127 -24.31 9.60 -9.30
C VAL E 127 -23.48 9.31 -8.07
N ASN E 128 -23.78 8.20 -7.38
CA ASN E 128 -23.15 7.87 -6.10
C ASN E 128 -22.08 6.80 -6.24
N ALA E 129 -21.35 6.78 -7.34
CA ALA E 129 -20.30 5.81 -7.58
C ALA E 129 -18.95 6.39 -7.16
N LYS E 130 -18.33 5.78 -6.15
CA LYS E 130 -16.98 6.19 -5.78
C LYS E 130 -15.99 5.88 -6.90
N SER E 131 -16.11 4.72 -7.52
CA SER E 131 -15.26 4.35 -8.64
C SER E 131 -15.97 3.29 -9.47
N ALA E 132 -15.67 3.27 -10.76
CA ALA E 132 -16.29 2.31 -11.67
C ALA E 132 -15.36 2.11 -12.86
N TRP E 133 -15.55 0.97 -13.53
CA TRP E 133 -14.68 0.61 -14.65
C TRP E 133 -15.41 -0.41 -15.52
N PHE E 134 -14.88 -0.60 -16.72
CA PHE E 134 -15.43 -1.54 -17.69
C PHE E 134 -14.63 -2.84 -17.70
N HIS E 135 -15.29 -3.91 -18.12
CA HIS E 135 -14.64 -5.19 -18.34
C HIS E 135 -14.21 -5.27 -19.79
N ASP E 136 -12.90 -5.36 -20.02
CA ASP E 136 -12.34 -5.34 -21.37
C ASP E 136 -11.63 -6.64 -21.72
N VAL E 137 -12.01 -7.75 -21.08
CA VAL E 137 -11.44 -9.06 -21.36
C VAL E 137 -12.57 -9.97 -21.81
N THR E 138 -12.40 -10.59 -22.99
CA THR E 138 -11.21 -10.45 -23.81
C THR E 138 -11.21 -9.15 -24.62
N VAL E 139 -12.41 -8.67 -24.95
CA VAL E 139 -12.58 -7.37 -25.59
C VAL E 139 -13.52 -6.55 -24.73
N GLU E 140 -13.79 -5.31 -25.13
CA GLU E 140 -14.73 -4.48 -24.41
C GLU E 140 -16.11 -5.12 -24.42
N ASN E 141 -16.72 -5.23 -23.23
CA ASN E 141 -18.01 -5.90 -23.09
C ASN E 141 -19.13 -4.91 -23.44
N LYS E 142 -19.24 -4.63 -24.73
CA LYS E 142 -20.25 -3.73 -25.25
C LYS E 142 -20.90 -4.37 -26.47
N LEU E 143 -22.15 -4.00 -26.73
CA LEU E 143 -22.85 -4.47 -27.91
C LEU E 143 -23.76 -3.36 -28.43
N ILE E 144 -23.82 -3.24 -29.75
CA ILE E 144 -24.72 -2.31 -30.43
C ILE E 144 -25.58 -3.13 -31.38
N ARG E 145 -26.90 -3.05 -31.19
CA ARG E 145 -27.85 -3.71 -32.07
C ARG E 145 -28.72 -2.64 -32.70
N LEU E 146 -28.55 -2.42 -34.00
CA LEU E 146 -29.23 -1.37 -34.73
C LEU E 146 -30.41 -1.96 -35.49
N GLN E 147 -31.59 -1.44 -35.25
CA GLN E 147 -32.81 -1.87 -35.91
C GLN E 147 -33.11 -0.98 -37.11
N PRO E 148 -33.84 -1.50 -38.11
CA PRO E 148 -34.10 -0.69 -39.31
C PRO E 148 -34.82 0.62 -39.04
N ASP E 149 -35.71 0.66 -38.05
CA ASP E 149 -36.42 1.91 -37.74
C ASP E 149 -35.54 2.93 -37.04
N GLY E 150 -34.32 2.55 -36.64
CA GLY E 150 -33.41 3.46 -35.96
C GLY E 150 -33.29 3.24 -34.47
N VAL E 151 -33.95 2.24 -33.92
CA VAL E 151 -33.83 1.94 -32.50
C VAL E 151 -32.48 1.29 -32.23
N ILE E 152 -31.77 1.78 -31.21
CA ILE E 152 -30.44 1.31 -30.87
C ILE E 152 -30.49 0.64 -29.51
N LEU E 153 -29.96 -0.57 -29.42
CA LEU E 153 -29.81 -1.28 -28.16
C LEU E 153 -28.32 -1.27 -27.79
N TYR E 154 -28.01 -0.69 -26.64
CA TYR E 154 -26.64 -0.51 -26.19
C TYR E 154 -26.50 -1.10 -24.80
N SER E 155 -25.71 -2.17 -24.69
CA SER E 155 -25.51 -2.88 -23.42
C SER E 155 -24.04 -2.90 -23.07
N ILE E 156 -23.74 -2.65 -21.80
CA ILE E 156 -22.37 -2.62 -21.29
C ILE E 156 -22.34 -3.33 -19.95
N ARG E 157 -21.27 -4.08 -19.71
CA ARG E 157 -21.03 -4.76 -18.44
C ARG E 157 -20.05 -3.93 -17.64
N ILE E 158 -20.51 -3.36 -16.53
CA ILE E 158 -19.72 -2.45 -15.72
C ILE E 158 -19.75 -2.90 -14.27
N THR E 159 -18.60 -2.76 -13.60
CA THR E 159 -18.49 -3.00 -12.16
C THR E 159 -18.21 -1.68 -11.48
N SER E 160 -19.04 -1.32 -10.50
CA SER E 160 -18.96 -0.02 -9.85
C SER E 160 -19.01 -0.18 -8.34
N THR E 161 -18.18 0.59 -7.65
CA THR E 161 -18.25 0.72 -6.20
C THR E 161 -19.12 1.91 -5.86
N VAL E 162 -20.27 1.66 -5.25
CA VAL E 162 -21.30 2.67 -5.02
C VAL E 162 -21.33 3.02 -3.55
N ALA E 163 -21.25 4.31 -3.24
CA ALA E 163 -21.36 4.76 -1.87
C ALA E 163 -22.78 4.57 -1.36
N CYS E 164 -22.89 4.08 -0.13
CA CYS E 164 -24.19 3.85 0.51
C CYS E 164 -24.07 4.23 1.98
N ASP E 165 -24.73 5.32 2.37
CA ASP E 165 -24.72 5.75 3.76
C ASP E 165 -25.50 4.73 4.59
N MET E 166 -24.89 4.25 5.67
CA MET E 166 -25.47 3.23 6.51
C MET E 166 -25.65 3.75 7.93
N ASP E 167 -26.82 3.53 8.50
CA ASP E 167 -27.10 3.89 9.89
C ASP E 167 -26.81 2.68 10.77
N LEU E 168 -25.77 2.80 11.61
CA LEU E 168 -25.35 1.71 12.48
C LEU E 168 -25.93 1.84 13.88
N ALA E 169 -27.08 2.51 14.01
CA ALA E 169 -27.70 2.66 15.33
C ALA E 169 -28.11 1.32 15.91
N LYS E 170 -28.66 0.44 15.08
CA LYS E 170 -29.13 -0.87 15.52
C LYS E 170 -28.16 -1.99 15.17
N TYR E 171 -26.92 -1.66 14.81
CA TYR E 171 -25.95 -2.68 14.45
C TYR E 171 -25.71 -3.62 15.62
N PRO E 172 -25.64 -4.94 15.38
CA PRO E 172 -25.76 -5.57 14.07
C PRO E 172 -27.17 -5.94 13.64
N MET E 173 -28.16 -5.75 14.52
CA MET E 173 -29.55 -6.05 14.18
C MET E 173 -30.20 -4.86 13.47
N ASP E 174 -29.65 -4.54 12.30
CA ASP E 174 -30.04 -3.37 11.54
C ASP E 174 -30.28 -3.73 10.08
N GLU E 175 -31.13 -2.94 9.44
CA GLU E 175 -31.41 -3.06 8.01
C GLU E 175 -31.00 -1.79 7.32
N GLN E 176 -30.25 -1.92 6.22
CA GLN E 176 -29.71 -0.79 5.49
C GLN E 176 -30.34 -0.71 4.10
N GLU E 177 -30.59 0.50 3.64
CA GLU E 177 -31.13 0.76 2.31
C GLU E 177 -30.06 1.43 1.46
N CYS E 178 -29.76 0.83 0.31
CA CYS E 178 -28.76 1.36 -0.60
C CYS E 178 -29.41 1.70 -1.94
N MET E 179 -28.87 2.70 -2.61
CA MET E 179 -29.44 3.24 -3.83
C MET E 179 -28.42 3.20 -4.96
N LEU E 180 -28.92 3.14 -6.19
CA LEU E 180 -28.12 3.20 -7.40
C LEU E 180 -28.73 4.26 -8.30
N ASP E 181 -28.14 5.45 -8.30
CA ASP E 181 -28.69 6.59 -9.03
C ASP E 181 -28.06 6.70 -10.41
N LEU E 182 -28.90 6.83 -11.43
CA LEU E 182 -28.45 6.98 -12.81
C LEU E 182 -29.00 8.28 -13.37
N GLU E 183 -28.15 9.04 -14.06
CA GLU E 183 -28.51 10.38 -14.48
C GLU E 183 -27.63 10.78 -15.66
N SER E 184 -28.16 11.65 -16.52
CA SER E 184 -27.37 12.23 -17.59
C SER E 184 -26.49 13.35 -17.03
N TYR E 185 -25.20 13.31 -17.38
CA TYR E 185 -24.27 14.26 -16.79
C TYR E 185 -24.43 15.65 -17.39
N GLY E 186 -24.59 15.74 -18.71
CA GLY E 186 -24.56 17.04 -19.36
C GLY E 186 -25.87 17.46 -20.01
N TYR E 187 -26.69 16.50 -20.39
CA TYR E 187 -27.94 16.79 -21.08
C TYR E 187 -29.07 16.90 -20.06
N SER E 188 -29.77 18.03 -20.08
CA SER E 188 -30.85 18.28 -19.14
C SER E 188 -32.12 17.58 -19.62
N SER E 189 -33.25 17.88 -18.97
CA SER E 189 -34.52 17.28 -19.36
C SER E 189 -34.96 17.71 -20.75
N GLU E 190 -34.43 18.82 -21.25
CA GLU E 190 -34.76 19.28 -22.60
C GLU E 190 -34.05 18.48 -23.68
N ASP E 191 -33.08 17.65 -23.33
CA ASP E 191 -32.29 16.90 -24.30
C ASP E 191 -32.43 15.39 -24.14
N ILE E 192 -32.29 14.88 -22.91
CA ILE E 192 -32.38 13.44 -22.65
C ILE E 192 -33.34 13.22 -21.49
N VAL E 193 -34.29 12.31 -21.68
CA VAL E 193 -35.23 11.92 -20.64
C VAL E 193 -35.15 10.40 -20.48
N TYR E 194 -34.98 9.95 -19.24
CA TYR E 194 -34.84 8.53 -18.95
C TYR E 194 -36.16 7.97 -18.41
N TYR E 195 -36.33 6.67 -18.60
CA TYR E 195 -37.47 5.95 -18.05
C TYR E 195 -37.12 4.46 -17.99
N TRP E 196 -37.58 3.78 -16.95
CA TRP E 196 -37.33 2.36 -16.84
C TRP E 196 -38.09 1.61 -17.93
N SER E 197 -37.40 0.68 -18.59
CA SER E 197 -38.05 -0.10 -19.63
C SER E 197 -39.04 -1.10 -19.02
N GLU E 198 -39.97 -1.54 -19.85
CA GLU E 198 -40.97 -2.50 -19.39
C GLU E 198 -40.33 -3.82 -18.98
N SER E 199 -39.22 -4.20 -19.61
CA SER E 199 -38.55 -5.45 -19.28
C SER E 199 -37.79 -5.39 -17.97
N GLN E 200 -37.62 -4.19 -17.38
CA GLN E 200 -36.85 -4.06 -16.14
C GLN E 200 -37.45 -4.88 -15.01
N GLU E 201 -38.78 -5.00 -14.97
CA GLU E 201 -39.46 -5.73 -13.91
C GLU E 201 -39.16 -7.22 -13.94
N HIS E 202 -38.60 -7.74 -15.02
CA HIS E 202 -38.40 -9.18 -15.19
C HIS E 202 -36.93 -9.60 -15.10
N ILE E 203 -36.01 -8.79 -15.62
CA ILE E 203 -34.61 -9.23 -15.72
C ILE E 203 -33.73 -8.43 -14.76
N HIS E 204 -34.31 -7.93 -13.67
CA HIS E 204 -33.51 -7.24 -12.68
C HIS E 204 -32.50 -8.18 -12.02
N GLY E 205 -32.90 -9.42 -11.77
CA GLY E 205 -31.98 -10.42 -11.25
C GLY E 205 -31.63 -10.28 -9.79
N LEU E 206 -32.33 -9.42 -9.05
CA LEU E 206 -32.00 -9.25 -7.64
C LEU E 206 -32.44 -10.44 -6.80
N ASP E 207 -33.46 -11.16 -7.24
CA ASP E 207 -33.91 -12.34 -6.51
C ASP E 207 -32.84 -13.44 -6.51
N LYS E 208 -32.18 -13.64 -7.65
CA LYS E 208 -31.19 -14.71 -7.77
C LYS E 208 -29.91 -14.43 -7.00
N LEU E 209 -29.70 -13.19 -6.54
CA LEU E 209 -28.48 -12.85 -5.82
C LEU E 209 -28.43 -13.56 -4.47
N GLN E 210 -27.23 -14.02 -4.10
CA GLN E 210 -26.98 -14.65 -2.82
C GLN E 210 -25.84 -13.90 -2.14
N LEU E 211 -26.15 -13.23 -1.04
CA LEU E 211 -25.19 -12.42 -0.31
C LEU E 211 -24.71 -13.16 0.93
N ALA E 212 -23.43 -12.95 1.26
CA ALA E 212 -22.83 -13.69 2.38
C ALA E 212 -23.47 -13.31 3.71
N GLN E 213 -23.71 -12.01 3.93
CA GLN E 213 -24.17 -11.53 5.22
C GLN E 213 -25.52 -10.83 5.19
N PHE E 214 -25.98 -10.38 4.03
CA PHE E 214 -27.22 -9.63 3.94
C PHE E 214 -28.25 -10.39 3.12
N THR E 215 -29.51 -9.96 3.25
CA THR E 215 -30.61 -10.51 2.48
C THR E 215 -31.41 -9.37 1.88
N ILE E 216 -31.66 -9.45 0.57
CA ILE E 216 -32.42 -8.41 -0.13
C ILE E 216 -33.90 -8.64 0.17
N THR E 217 -34.43 -7.87 1.12
CA THR E 217 -35.83 -8.04 1.51
C THR E 217 -36.77 -7.50 0.44
N SER E 218 -36.47 -6.33 -0.12
CA SER E 218 -37.33 -5.73 -1.12
C SER E 218 -36.49 -4.83 -2.02
N TYR E 219 -37.03 -4.56 -3.21
CA TYR E 219 -36.38 -3.68 -4.17
C TYR E 219 -37.44 -2.80 -4.82
N ARG E 220 -37.01 -1.63 -5.29
CA ARG E 220 -37.92 -0.65 -5.86
C ARG E 220 -37.19 0.18 -6.90
N PHE E 221 -37.86 0.42 -8.03
CA PHE E 221 -37.34 1.26 -9.10
C PHE E 221 -38.12 2.57 -9.07
N THR E 222 -37.39 3.68 -8.95
CA THR E 222 -37.99 4.99 -8.76
C THR E 222 -37.49 5.96 -9.81
N THR E 223 -38.37 6.88 -10.22
CA THR E 223 -38.05 7.93 -11.17
C THR E 223 -38.25 9.28 -10.49
N GLU E 224 -37.22 10.12 -10.55
CA GLU E 224 -37.25 11.45 -9.95
C GLU E 224 -36.96 12.48 -11.04
N LEU E 225 -37.96 13.29 -11.38
CA LEU E 225 -37.82 14.32 -12.40
C LEU E 225 -37.50 15.69 -11.82
N MET E 226 -37.32 15.79 -10.50
CA MET E 226 -37.12 17.06 -9.83
C MET E 226 -35.75 17.13 -9.16
N ASN E 227 -34.73 16.60 -9.84
CA ASN E 227 -33.37 16.67 -9.30
C ASN E 227 -32.88 18.12 -9.28
N PHE E 228 -32.99 18.81 -10.42
CA PHE E 228 -32.68 20.24 -10.54
C PHE E 228 -31.25 20.54 -10.08
N LYS E 229 -30.30 19.99 -10.82
CA LYS E 229 -28.89 20.28 -10.59
C LYS E 229 -28.59 21.73 -11.01
N SER E 230 -27.33 22.13 -10.83
CA SER E 230 -26.94 23.50 -11.11
C SER E 230 -27.14 23.85 -12.59
N ALA E 231 -26.78 22.94 -13.49
CA ALA E 231 -26.94 23.20 -14.91
C ALA E 231 -28.41 23.32 -15.30
N GLY E 232 -29.26 22.47 -14.73
CA GLY E 232 -30.67 22.49 -15.06
C GLY E 232 -31.40 21.34 -14.42
N GLN E 233 -32.53 20.97 -15.01
CA GLN E 233 -33.34 19.86 -14.54
C GLN E 233 -32.89 18.58 -15.22
N PHE E 234 -32.45 17.61 -14.42
CA PHE E 234 -31.95 16.34 -14.92
C PHE E 234 -32.81 15.21 -14.37
N PRO E 235 -33.55 14.48 -15.20
CA PRO E 235 -34.26 13.30 -14.70
C PRO E 235 -33.29 12.27 -14.15
N ARG E 236 -33.69 11.62 -13.05
CA ARG E 236 -32.85 10.65 -12.38
C ARG E 236 -33.62 9.35 -12.18
N LEU E 237 -33.01 8.23 -12.56
CA LEU E 237 -33.56 6.90 -12.29
C LEU E 237 -32.74 6.28 -11.16
N SER E 238 -33.44 5.81 -10.12
CA SER E 238 -32.80 5.28 -8.94
C SER E 238 -33.36 3.91 -8.62
N LEU E 239 -32.48 3.00 -8.22
CA LEU E 239 -32.85 1.65 -7.80
C LEU E 239 -32.61 1.54 -6.30
N HIS E 240 -33.67 1.28 -5.54
CA HIS E 240 -33.60 1.13 -4.09
C HIS E 240 -33.79 -0.34 -3.74
N PHE E 241 -32.83 -0.90 -3.01
CA PHE E 241 -32.95 -2.24 -2.48
C PHE E 241 -32.59 -2.23 -1.00
N HIS E 242 -33.36 -2.96 -0.21
CA HIS E 242 -33.19 -2.99 1.24
C HIS E 242 -32.44 -4.26 1.64
N LEU E 243 -31.36 -4.07 2.40
CA LEU E 243 -30.53 -5.17 2.86
C LEU E 243 -30.75 -5.39 4.34
N ARG E 244 -31.04 -6.62 4.73
CA ARG E 244 -31.19 -7.01 6.12
C ARG E 244 -30.02 -7.91 6.51
N ARG E 245 -29.29 -7.52 7.54
CA ARG E 245 -28.15 -8.32 7.99
C ARG E 245 -28.64 -9.64 8.58
N ASN E 246 -28.00 -10.73 8.18
CA ASN E 246 -28.40 -12.05 8.64
C ASN E 246 -28.15 -12.19 10.13
N ARG E 247 -29.10 -12.81 10.83
CA ARG E 247 -28.98 -13.10 12.25
C ARG E 247 -28.70 -14.58 12.42
N GLY E 248 -27.51 -14.90 12.95
CA GLY E 248 -27.12 -16.28 13.11
C GLY E 248 -25.87 -16.45 13.95
N VAL E 249 -24.98 -17.34 13.52
CA VAL E 249 -23.74 -17.58 14.26
C VAL E 249 -22.88 -16.34 14.31
N TYR E 250 -22.95 -15.49 13.28
CA TYR E 250 -22.20 -14.25 13.29
C TYR E 250 -22.62 -13.35 14.46
N ILE E 251 -23.92 -13.22 14.69
CA ILE E 251 -24.40 -12.44 15.82
C ILE E 251 -24.10 -13.16 17.13
N ILE E 252 -24.25 -14.50 17.14
CA ILE E 252 -23.96 -15.27 18.35
C ILE E 252 -22.50 -15.10 18.73
N GLN E 253 -21.60 -15.19 17.76
CA GLN E 253 -20.17 -15.01 18.05
C GLN E 253 -19.88 -13.61 18.56
N SER E 254 -20.59 -12.60 18.08
CA SER E 254 -20.37 -11.23 18.54
C SER E 254 -20.70 -11.09 20.02
N TYR E 255 -21.81 -11.68 20.46
CA TYR E 255 -22.25 -11.56 21.84
C TYR E 255 -21.77 -12.69 22.74
N MET E 256 -21.16 -13.74 22.19
CA MET E 256 -20.75 -14.87 23.01
C MET E 256 -19.72 -14.49 24.07
N PRO E 257 -18.59 -13.83 23.75
CA PRO E 257 -17.64 -13.50 24.81
C PRO E 257 -18.20 -12.59 25.89
N SER E 258 -19.07 -11.64 25.51
CA SER E 258 -19.63 -10.73 26.50
C SER E 258 -20.50 -11.46 27.51
N VAL E 259 -21.35 -12.38 27.04
CA VAL E 259 -22.23 -13.11 27.95
C VAL E 259 -21.42 -14.05 28.84
N LEU E 260 -20.43 -14.72 28.27
CA LEU E 260 -19.63 -15.67 29.05
C LEU E 260 -18.84 -14.96 30.14
N LEU E 261 -18.33 -13.76 29.86
CA LEU E 261 -17.61 -13.01 30.88
C LEU E 261 -18.53 -12.65 32.04
N VAL E 262 -19.78 -12.28 31.75
CA VAL E 262 -20.75 -12.03 32.81
C VAL E 262 -21.00 -13.30 33.61
N ALA E 263 -21.16 -14.43 32.92
CA ALA E 263 -21.37 -15.70 33.61
C ALA E 263 -20.14 -16.08 34.44
N MET E 264 -18.95 -15.80 33.93
CA MET E 264 -17.74 -16.14 34.67
C MET E 264 -17.62 -15.31 35.96
N SER E 265 -18.13 -14.09 35.95
CA SER E 265 -18.14 -13.27 37.16
C SER E 265 -19.07 -13.86 38.22
N TRP E 266 -20.19 -14.46 37.79
CA TRP E 266 -21.12 -15.07 38.74
C TRP E 266 -20.52 -16.26 39.46
N VAL E 267 -19.45 -16.85 38.92
CA VAL E 267 -18.82 -17.99 39.57
C VAL E 267 -18.22 -17.59 40.91
N SER E 268 -17.71 -16.36 41.01
CA SER E 268 -17.11 -15.88 42.25
C SER E 268 -18.11 -15.85 43.40
N PHE E 269 -19.41 -15.74 43.10
CA PHE E 269 -20.41 -15.69 44.16
C PHE E 269 -20.42 -17.00 44.95
N TRP E 270 -20.29 -18.14 44.27
CA TRP E 270 -20.25 -19.43 44.95
CA TRP E 270 -20.24 -19.43 44.94
C TRP E 270 -18.90 -19.72 45.59
N ILE E 271 -17.88 -18.93 45.31
CA ILE E 271 -16.56 -19.11 45.91
C ILE E 271 -16.55 -18.47 47.29
N SER E 272 -15.92 -19.14 48.24
CA SER E 272 -15.88 -18.65 49.61
C SER E 272 -15.15 -17.31 49.70
N GLN E 273 -15.63 -16.44 50.59
CA GLN E 273 -15.02 -15.14 50.77
C GLN E 273 -13.63 -15.23 51.41
N ALA E 274 -13.30 -16.36 52.03
CA ALA E 274 -11.98 -16.51 52.65
C ALA E 274 -10.87 -16.44 51.61
N ALA E 275 -11.08 -17.07 50.45
CA ALA E 275 -10.09 -17.07 49.38
C ALA E 275 -10.13 -15.70 48.69
N VAL E 276 -9.47 -14.72 49.32
CA VAL E 276 -9.44 -13.37 48.78
C VAL E 276 -8.77 -13.30 47.41
N PRO E 277 -7.55 -13.85 47.21
CA PRO E 277 -6.96 -13.77 45.87
C PRO E 277 -7.77 -14.48 44.79
N ALA E 278 -8.51 -15.52 45.16
CA ALA E 278 -9.28 -16.26 44.15
C ALA E 278 -10.41 -15.41 43.58
N ARG E 279 -11.20 -14.77 44.45
CA ARG E 279 -12.34 -14.00 43.98
C ARG E 279 -11.89 -12.69 43.34
N VAL E 280 -10.84 -12.06 43.87
CA VAL E 280 -10.34 -10.83 43.28
C VAL E 280 -9.80 -11.08 41.88
N SER E 281 -9.01 -12.16 41.72
CA SER E 281 -8.48 -12.48 40.40
C SER E 281 -9.59 -12.78 39.40
N LEU E 282 -10.62 -13.50 39.85
CA LEU E 282 -11.77 -13.76 38.98
C LEU E 282 -12.50 -12.48 38.63
N GLY E 283 -12.64 -11.57 39.61
CA GLY E 283 -13.34 -10.32 39.35
C GLY E 283 -12.61 -9.43 38.37
N ILE E 284 -11.29 -9.31 38.52
CA ILE E 284 -10.53 -8.37 37.69
C ILE E 284 -10.46 -8.86 36.24
N THR E 285 -10.27 -10.16 36.04
CA THR E 285 -10.09 -10.68 34.69
C THR E 285 -11.33 -10.45 33.84
N THR E 286 -12.51 -10.61 34.43
CA THR E 286 -13.75 -10.36 33.70
C THR E 286 -13.85 -8.90 33.29
N VAL E 287 -13.48 -7.98 34.19
CA VAL E 287 -13.58 -6.55 33.89
C VAL E 287 -12.57 -6.15 32.82
N LEU E 288 -11.31 -6.60 32.98
CA LEU E 288 -10.28 -6.23 32.02
C LEU E 288 -10.56 -6.79 30.63
N THR E 289 -10.98 -8.05 30.57
CA THR E 289 -11.30 -8.65 29.27
C THR E 289 -12.47 -7.93 28.62
N MET E 290 -13.45 -7.51 29.41
CA MET E 290 -14.56 -6.72 28.88
C MET E 290 -14.06 -5.40 28.33
N THR E 291 -13.11 -4.77 29.01
CA THR E 291 -12.54 -3.51 28.51
C THR E 291 -11.84 -3.72 27.18
N THR E 292 -11.06 -4.80 27.05
CA THR E 292 -10.39 -5.09 25.79
C THR E 292 -11.41 -5.40 24.70
N LEU E 293 -12.51 -6.07 25.06
CA LEU E 293 -13.55 -6.37 24.08
C LEU E 293 -14.17 -5.10 23.53
N MET E 294 -14.43 -4.13 24.40
CA MET E 294 -15.00 -2.86 23.95
C MET E 294 -14.04 -2.14 23.00
N VAL E 295 -12.74 -2.14 23.32
CA VAL E 295 -11.75 -1.53 22.45
C VAL E 295 -11.69 -2.27 21.12
N SER E 296 -11.67 -3.59 21.16
CA SER E 296 -11.59 -4.37 19.93
C SER E 296 -12.88 -4.32 19.12
N ALA E 297 -14.01 -4.10 19.79
CA ALA E 297 -15.29 -4.06 19.09
C ALA E 297 -15.34 -2.91 18.08
N ARG E 298 -14.88 -1.73 18.48
CA ARG E 298 -14.87 -0.57 17.60
C ARG E 298 -13.60 -0.47 16.77
N SER E 299 -12.62 -1.35 17.00
CA SER E 299 -11.42 -1.36 16.16
C SER E 299 -11.74 -1.76 14.73
N SER E 300 -12.70 -2.68 14.55
CA SER E 300 -13.12 -3.08 13.21
C SER E 300 -13.80 -1.96 12.45
N LEU E 301 -14.29 -0.93 13.15
CA LEU E 301 -14.94 0.23 12.54
C LEU E 301 -14.24 1.48 13.06
N PRO E 302 -13.08 1.83 12.50
CA PRO E 302 -12.30 2.94 13.05
C PRO E 302 -13.02 4.28 13.04
N ARG E 303 -13.86 4.54 12.03
CA ARG E 303 -14.50 5.85 11.88
C ARG E 303 -15.97 5.84 12.23
N ALA E 304 -16.48 4.74 12.80
CA ALA E 304 -17.89 4.66 13.18
C ALA E 304 -18.08 5.33 14.53
N SER E 305 -18.25 6.66 14.49
CA SER E 305 -18.45 7.43 15.69
C SER E 305 -19.88 7.33 16.24
N ALA E 306 -20.80 6.75 15.48
CA ALA E 306 -22.18 6.64 15.94
C ALA E 306 -22.31 5.56 17.00
N ILE E 307 -23.42 5.60 17.73
CA ILE E 307 -23.72 4.63 18.77
C ILE E 307 -24.31 3.39 18.12
N LYS E 308 -23.73 2.23 18.42
CA LYS E 308 -24.21 0.96 17.92
C LYS E 308 -24.83 0.15 19.06
N ALA E 309 -25.82 -0.67 18.71
CA ALA E 309 -26.47 -1.52 19.71
C ALA E 309 -25.49 -2.49 20.34
N LEU E 310 -24.48 -2.92 19.58
CA LEU E 310 -23.45 -3.80 20.14
C LEU E 310 -22.67 -3.08 21.24
N ASP E 311 -22.35 -1.80 21.02
CA ASP E 311 -21.63 -1.03 22.03
C ASP E 311 -22.46 -0.89 23.31
N VAL E 312 -23.77 -0.70 23.18
CA VAL E 312 -24.63 -0.59 24.35
C VAL E 312 -24.60 -1.88 25.16
N TYR E 313 -24.63 -3.03 24.47
CA TYR E 313 -24.64 -4.31 25.18
C TYR E 313 -23.35 -4.51 25.97
N PHE E 314 -22.22 -4.06 25.42
CA PHE E 314 -20.96 -4.18 26.15
C PHE E 314 -20.98 -3.37 27.44
N TRP E 315 -21.56 -2.17 27.39
CA TRP E 315 -21.66 -1.35 28.60
C TRP E 315 -22.51 -2.03 29.67
N ILE E 316 -23.62 -2.65 29.25
CA ILE E 316 -24.45 -3.39 30.19
C ILE E 316 -23.65 -4.55 30.79
N CYS E 317 -22.93 -5.28 29.95
CA CYS E 317 -22.09 -6.36 30.45
C CYS E 317 -20.99 -5.85 31.37
N TYR E 318 -20.42 -4.68 31.03
CA TYR E 318 -19.37 -4.12 31.87
C TYR E 318 -19.89 -3.75 33.25
N VAL E 319 -21.13 -3.23 33.32
CA VAL E 319 -21.70 -2.84 34.61
C VAL E 319 -21.85 -4.07 35.50
N PHE E 320 -22.35 -5.17 34.94
CA PHE E 320 -22.56 -6.37 35.76
C PHE E 320 -21.24 -6.97 36.25
N VAL E 321 -20.25 -7.07 35.37
CA VAL E 321 -18.97 -7.63 35.79
C VAL E 321 -18.27 -6.70 36.77
N PHE E 322 -18.40 -5.39 36.59
CA PHE E 322 -17.81 -4.46 37.54
C PHE E 322 -18.54 -4.48 38.88
N ALA E 323 -19.87 -4.63 38.84
CA ALA E 323 -20.65 -4.68 40.08
C ALA E 323 -20.30 -5.92 40.88
N ALA E 324 -20.04 -7.04 40.21
CA ALA E 324 -19.69 -8.27 40.92
C ALA E 324 -18.40 -8.10 41.72
N LEU E 325 -17.40 -7.45 41.13
CA LEU E 325 -16.17 -7.17 41.86
C LEU E 325 -16.43 -6.19 43.01
N VAL E 326 -17.26 -5.18 42.77
CA VAL E 326 -17.64 -4.25 43.84
C VAL E 326 -18.44 -4.99 44.91
N GLU E 327 -19.26 -5.95 44.51
CA GLU E 327 -20.05 -6.72 45.48
C GLU E 327 -19.14 -7.48 46.43
N TYR E 328 -18.09 -8.11 45.92
CA TYR E 328 -17.14 -8.79 46.81
C TYR E 328 -16.36 -7.79 47.66
N ALA E 329 -15.97 -6.65 47.06
CA ALA E 329 -15.26 -5.64 47.82
C ALA E 329 -16.11 -5.10 48.96
N PHE E 330 -17.41 -4.90 48.71
CA PHE E 330 -18.31 -4.50 49.78
C PHE E 330 -18.41 -5.58 50.85
N ALA E 331 -18.49 -6.85 50.43
CA ALA E 331 -18.56 -7.95 51.39
C ALA E 331 -17.24 -8.12 52.13
N HIS E 332 -16.12 -8.00 51.42
CA HIS E 332 -14.81 -8.16 52.06
C HIS E 332 -14.55 -7.05 53.06
N PHE E 333 -14.95 -5.83 52.74
CA PHE E 333 -14.73 -4.70 53.65
C PHE E 333 -15.53 -4.87 54.94
N ASN E 334 -16.75 -5.41 54.85
CA ASN E 334 -17.59 -5.59 56.02
C ASN E 334 -17.25 -6.85 56.82
N ALA E 335 -16.34 -7.68 56.32
CA ALA E 335 -15.94 -8.91 56.99
C ALA E 335 -14.62 -8.77 57.73
N ASP E 336 -14.32 -7.58 58.25
CA ASP E 336 -13.09 -7.35 58.98
C ASP E 336 -13.23 -7.79 60.45
N ALA E 424 -20.28 -10.23 54.91
CA ALA E 424 -21.40 -11.05 55.33
C ALA E 424 -21.74 -12.10 54.29
N ASP E 425 -22.04 -13.32 54.75
CA ASP E 425 -22.39 -14.40 53.84
C ASP E 425 -23.73 -14.18 53.15
N THR E 426 -24.61 -13.36 53.74
CA THR E 426 -25.91 -13.11 53.11
C THR E 426 -25.78 -12.33 51.81
N ILE E 427 -24.73 -11.51 51.69
CA ILE E 427 -24.54 -10.72 50.47
C ILE E 427 -24.32 -11.64 49.27
N ASP E 428 -23.51 -12.69 49.44
CA ASP E 428 -23.28 -13.63 48.36
C ASP E 428 -24.56 -14.36 47.97
N ILE E 429 -25.37 -14.74 48.96
CA ILE E 429 -26.61 -15.47 48.68
C ILE E 429 -27.54 -14.62 47.83
N TYR E 430 -27.69 -13.34 48.18
CA TYR E 430 -28.50 -12.43 47.36
C TYR E 430 -27.87 -12.25 45.97
N ALA E 431 -26.55 -12.14 45.91
CA ALA E 431 -25.88 -11.97 44.62
C ALA E 431 -26.09 -13.17 43.70
N ARG E 432 -26.19 -14.37 44.27
CA ARG E 432 -26.40 -15.56 43.45
C ARG E 432 -27.77 -15.56 42.77
N ALA E 433 -28.70 -14.72 43.22
CA ALA E 433 -30.03 -14.65 42.63
C ALA E 433 -30.33 -13.31 41.97
N VAL E 434 -29.89 -12.21 42.58
CA VAL E 434 -30.21 -10.89 42.02
C VAL E 434 -29.49 -10.70 40.68
N PHE E 435 -28.19 -11.00 40.63
CA PHE E 435 -27.43 -10.79 39.41
C PHE E 435 -27.96 -11.63 38.24
N PRO E 436 -28.21 -12.94 38.37
CA PRO E 436 -28.82 -13.66 37.25
C PRO E 436 -30.18 -13.12 36.85
N ALA E 437 -30.98 -12.67 37.82
CA ALA E 437 -32.30 -12.13 37.51
C ALA E 437 -32.19 -10.75 36.86
N ALA E 438 -31.33 -9.89 37.39
CA ALA E 438 -31.16 -8.56 36.82
C ALA E 438 -30.62 -8.62 35.39
N PHE E 439 -29.65 -9.50 35.15
CA PHE E 439 -29.10 -9.65 33.81
C PHE E 439 -30.16 -10.18 32.85
N ALA E 440 -30.98 -11.12 33.31
CA ALA E 440 -32.07 -11.61 32.47
C ALA E 440 -33.08 -10.51 32.17
N ALA E 441 -33.40 -9.68 33.16
CA ALA E 441 -34.37 -8.62 32.98
C ALA E 441 -33.88 -7.57 31.98
N VAL E 442 -32.61 -7.15 32.10
CA VAL E 442 -32.10 -6.12 31.20
C VAL E 442 -31.96 -6.66 29.78
N ASN E 443 -31.65 -7.95 29.63
CA ASN E 443 -31.57 -8.53 28.30
C ASN E 443 -32.92 -8.49 27.59
N VAL E 444 -33.99 -8.77 28.32
CA VAL E 444 -35.33 -8.73 27.73
C VAL E 444 -35.64 -7.34 27.22
N ILE E 445 -35.32 -6.31 28.01
CA ILE E 445 -35.52 -4.93 27.57
C ILE E 445 -34.63 -4.62 26.37
N TYR E 446 -33.37 -5.07 26.40
CA TYR E 446 -32.44 -4.77 25.31
C TYR E 446 -32.90 -5.40 24.00
N TRP E 447 -33.27 -6.69 24.04
CA TRP E 447 -33.65 -7.37 22.81
C TRP E 447 -35.01 -6.91 22.30
N ALA E 448 -35.90 -6.48 23.20
CA ALA E 448 -37.18 -5.94 22.77
C ALA E 448 -37.00 -4.62 22.01
N ALA E 449 -36.08 -3.77 22.47
CA ALA E 449 -35.85 -2.50 21.81
C ALA E 449 -35.30 -2.69 20.40
N TYR E 450 -34.37 -3.63 20.22
CA TYR E 450 -33.75 -3.90 18.93
C TYR E 450 -34.34 -5.19 18.38
N ALA E 451 -35.37 -5.05 17.55
CA ALA E 451 -36.04 -6.20 16.95
C ALA E 451 -35.98 -6.14 15.43
N GLN F 1 32.67 9.37 2.23
CA GLN F 1 34.02 9.56 2.75
C GLN F 1 34.61 8.24 3.23
N VAL F 2 35.39 7.60 2.37
CA VAL F 2 35.98 6.29 2.64
C VAL F 2 37.49 6.40 2.52
N GLN F 3 38.20 5.74 3.42
CA GLN F 3 39.66 5.62 3.36
C GLN F 3 40.03 4.16 3.17
N LEU F 4 40.92 3.88 2.22
CA LEU F 4 41.36 2.53 1.92
C LEU F 4 42.88 2.44 2.02
N VAL F 5 43.36 1.50 2.84
CA VAL F 5 44.78 1.20 2.97
C VAL F 5 44.98 -0.26 2.61
N GLU F 6 45.84 -0.52 1.64
CA GLU F 6 46.13 -1.87 1.18
C GLU F 6 47.57 -2.25 1.52
N SER F 7 47.79 -3.53 1.77
CA SER F 7 49.10 -4.03 2.16
C SER F 7 49.20 -5.52 1.82
N GLY F 8 50.43 -6.01 1.84
CA GLY F 8 50.70 -7.40 1.50
C GLY F 8 50.95 -7.64 0.02
N GLY F 9 51.70 -6.73 -0.60
CA GLY F 9 52.11 -6.90 -1.99
C GLY F 9 53.48 -7.53 -2.13
N GLY F 10 54.48 -6.71 -2.42
CA GLY F 10 55.86 -7.15 -2.44
C GLY F 10 56.22 -7.94 -3.69
N LEU F 11 57.41 -8.54 -3.65
CA LEU F 11 57.97 -9.25 -4.79
C LEU F 11 58.20 -10.72 -4.42
N VAL F 12 57.69 -11.62 -5.26
CA VAL F 12 57.84 -13.06 -5.09
C VAL F 12 58.20 -13.65 -6.45
N GLN F 13 58.46 -14.96 -6.45
CA GLN F 13 58.74 -15.66 -7.70
C GLN F 13 57.45 -15.99 -8.45
N GLY F 14 53.40 -19.26 -6.94
CA GLY F 14 53.38 -18.71 -5.60
C GLY F 14 52.04 -18.11 -5.21
N SER F 15 51.67 -18.26 -3.94
CA SER F 15 50.43 -17.71 -3.42
C SER F 15 50.69 -16.42 -2.67
N LEU F 16 49.82 -15.43 -2.87
CA LEU F 16 49.92 -14.14 -2.21
C LEU F 16 48.53 -13.73 -1.74
N ARG F 17 48.49 -12.89 -0.71
CA ARG F 17 47.23 -12.36 -0.17
C ARG F 17 47.37 -10.86 0.02
N LEU F 18 46.93 -10.11 -1.00
CA LEU F 18 46.65 -8.69 -0.83
C LEU F 18 45.44 -8.49 0.07
N SER F 19 45.50 -7.46 0.92
CA SER F 19 44.41 -7.07 1.79
C SER F 19 44.07 -5.61 1.60
N CYS F 20 42.82 -5.26 1.90
CA CYS F 20 42.28 -3.91 1.66
C CYS F 20 41.35 -3.56 2.80
N ALA F 21 41.78 -2.65 3.67
CA ALA F 21 41.08 -2.32 4.90
C ALA F 21 40.33 -1.00 4.72
N ALA F 22 39.02 -1.03 4.89
CA ALA F 22 38.17 0.12 4.69
C ALA F 22 37.77 0.73 6.03
N SER F 23 37.49 2.04 6.02
CA SER F 23 37.00 2.73 7.19
C SER F 23 36.19 3.95 6.77
N GLY F 24 35.13 4.24 7.52
CA GLY F 24 34.26 5.35 7.22
C GLY F 24 32.87 4.95 6.77
N HIS F 25 32.24 5.78 5.95
CA HIS F 25 30.89 5.52 5.43
C HIS F 25 30.96 4.44 4.36
N THR F 26 31.06 3.18 4.82
CA THR F 26 31.03 2.06 3.90
C THR F 26 29.62 1.66 3.49
N PHE F 27 28.60 2.15 4.21
CA PHE F 27 27.22 1.80 3.86
C PHE F 27 26.83 2.37 2.51
N ASN F 28 27.21 3.62 2.24
CA ASN F 28 26.91 4.25 0.96
C ASN F 28 27.68 3.63 -0.19
N TYR F 29 28.73 2.87 0.09
CA TYR F 29 29.62 2.32 -0.92
C TYR F 29 29.71 0.81 -0.73
N PRO F 30 28.64 0.09 -1.10
CA PRO F 30 28.54 -1.33 -0.75
C PRO F 30 29.48 -2.24 -1.50
N ILE F 31 30.14 -1.77 -2.56
CA ILE F 31 30.96 -2.60 -3.42
C ILE F 31 32.40 -2.15 -3.30
N MET F 32 33.31 -3.10 -3.16
CA MET F 32 34.74 -2.88 -3.26
C MET F 32 35.28 -3.57 -4.50
N GLY F 33 36.09 -2.86 -5.28
CA GLY F 33 36.70 -3.40 -6.48
C GLY F 33 38.21 -3.48 -6.35
N TRP F 34 38.78 -4.49 -6.99
CA TRP F 34 40.22 -4.59 -7.21
C TRP F 34 40.56 -4.27 -8.65
N PHE F 35 41.41 -3.28 -8.86
CA PHE F 35 41.99 -2.97 -10.16
C PHE F 35 43.49 -3.22 -10.13
N ARG F 36 44.08 -3.25 -11.33
CA ARG F 36 45.52 -3.35 -11.47
C ARG F 36 45.95 -2.61 -12.73
N GLN F 37 47.02 -1.82 -12.60
CA GLN F 37 47.54 -1.00 -13.70
C GLN F 37 48.97 -1.44 -14.01
N ALA F 38 49.14 -2.13 -15.14
CA ALA F 38 50.48 -2.43 -15.62
C ALA F 38 51.13 -1.16 -16.17
N PRO F 39 52.46 -1.08 -16.15
CA PRO F 39 53.14 0.10 -16.71
C PRO F 39 52.83 0.28 -18.19
N GLY F 40 52.20 1.41 -18.50
CA GLY F 40 51.84 1.74 -19.87
C GLY F 40 50.38 1.44 -20.14
N LYS F 41 49.93 0.27 -19.69
CA LYS F 41 48.60 -0.21 -20.01
C LYS F 41 47.54 0.55 -19.19
N GLU F 42 46.30 0.40 -19.60
CA GLU F 42 45.20 1.05 -18.91
C GLU F 42 44.88 0.31 -17.62
N ARG F 43 44.22 1.02 -16.70
CA ARG F 43 43.81 0.42 -15.44
C ARG F 43 42.71 -0.61 -15.68
N GLU F 44 42.88 -1.79 -15.09
CA GLU F 44 42.20 -2.99 -15.54
C GLU F 44 41.45 -3.62 -14.39
N PHE F 45 40.21 -4.03 -14.65
CA PHE F 45 39.38 -4.67 -13.64
C PHE F 45 39.89 -6.07 -13.31
N VAL F 46 39.90 -6.38 -12.02
CA VAL F 46 40.27 -7.71 -11.52
C VAL F 46 39.06 -8.42 -10.93
N GLY F 47 38.42 -7.81 -9.95
CA GLY F 47 37.22 -8.39 -9.37
C GLY F 47 36.58 -7.44 -8.39
N ALA F 48 35.41 -7.83 -7.90
CA ALA F 48 34.63 -7.00 -6.99
C ALA F 48 33.81 -7.88 -6.06
N ILE F 49 33.56 -7.37 -4.86
CA ILE F 49 32.75 -8.07 -3.87
C ILE F 49 31.78 -7.09 -3.23
N SER F 50 30.53 -7.51 -3.09
CA SER F 50 29.59 -6.83 -2.21
C SER F 50 29.94 -7.09 -0.74
N TRP F 51 29.98 -6.02 0.05
CA TRP F 51 30.08 -6.15 1.49
C TRP F 51 29.00 -7.06 2.06
N SER F 52 27.74 -6.80 1.71
CA SER F 52 26.63 -7.61 2.20
C SER F 52 26.30 -8.67 1.16
N GLY F 53 26.51 -9.93 1.54
CA GLY F 53 26.21 -11.09 0.71
C GLY F 53 27.45 -11.75 0.14
N GLY F 54 28.48 -10.96 -0.16
CA GLY F 54 29.69 -11.50 -0.77
C GLY F 54 29.51 -11.96 -2.20
N SER F 55 28.53 -11.41 -2.89
CA SER F 55 28.36 -11.68 -4.32
C SER F 55 29.59 -11.23 -5.08
N THR F 56 30.25 -12.16 -5.77
CA THR F 56 31.58 -11.96 -6.31
C THR F 56 31.55 -12.07 -7.82
N SER F 57 32.49 -11.36 -8.46
CA SER F 57 32.67 -11.41 -9.91
C SER F 57 34.14 -11.23 -10.22
N TYR F 58 34.60 -11.88 -11.28
CA TYR F 58 36.00 -11.86 -11.69
C TYR F 58 36.13 -11.60 -13.17
N ALA F 59 37.20 -10.91 -13.54
CA ALA F 59 37.68 -10.90 -14.91
C ALA F 59 38.14 -12.29 -15.35
N ASP F 60 38.02 -12.54 -16.65
CA ASP F 60 38.38 -13.85 -17.20
C ASP F 60 39.82 -14.22 -16.90
N SER F 61 40.74 -13.27 -17.06
CA SER F 61 42.16 -13.53 -16.84
C SER F 61 42.42 -14.22 -15.51
N VAL F 62 41.73 -13.78 -14.46
CA VAL F 62 41.97 -14.25 -13.10
C VAL F 62 40.89 -15.19 -12.61
N LYS F 63 39.91 -15.51 -13.46
CA LYS F 63 38.86 -16.46 -13.10
C LYS F 63 39.46 -17.84 -12.83
N ASP F 64 39.15 -18.38 -11.64
CA ASP F 64 39.68 -19.66 -11.17
C ASP F 64 41.18 -19.59 -10.93
N ARG F 65 41.63 -18.44 -10.43
CA ARG F 65 43.00 -18.24 -9.95
C ARG F 65 42.94 -17.40 -8.69
N PHE F 66 42.54 -16.16 -8.84
CA PHE F 66 42.35 -15.25 -7.71
C PHE F 66 41.01 -15.55 -7.03
N THR F 67 40.95 -15.29 -5.73
CA THR F 67 39.70 -15.37 -4.99
C THR F 67 39.59 -14.19 -4.04
N ILE F 68 38.47 -13.47 -4.11
CA ILE F 68 38.17 -12.36 -3.22
C ILE F 68 37.17 -12.84 -2.17
N SER F 69 37.35 -12.38 -0.94
CA SER F 69 36.27 -12.35 0.05
C SER F 69 36.63 -11.31 1.10
N ARG F 70 35.78 -11.20 2.12
CA ARG F 70 35.84 -10.10 3.07
C ARG F 70 35.46 -10.60 4.45
N ASP F 71 35.65 -9.74 5.46
CA ASP F 71 35.06 -9.91 6.77
C ASP F 71 34.56 -8.57 7.26
N ASN F 72 33.25 -8.49 7.53
CA ASN F 72 32.64 -7.20 7.88
C ASN F 72 33.08 -6.72 9.26
N ALA F 73 33.55 -7.63 10.12
CA ALA F 73 34.04 -7.23 11.45
C ALA F 73 35.18 -6.24 11.33
N LYS F 74 36.22 -6.59 10.56
CA LYS F 74 37.39 -5.74 10.40
C LYS F 74 37.20 -4.69 9.32
N ASN F 75 36.19 -4.83 8.47
CA ASN F 75 36.01 -4.01 7.27
C ASN F 75 37.21 -4.16 6.34
N THR F 76 37.45 -5.41 5.92
CA THR F 76 38.65 -5.79 5.20
C THR F 76 38.24 -6.66 4.02
N VAL F 77 38.85 -6.40 2.86
CA VAL F 77 38.73 -7.24 1.68
C VAL F 77 40.12 -7.75 1.31
N TYR F 78 40.18 -8.98 0.80
CA TYR F 78 41.44 -9.60 0.43
C TYR F 78 41.34 -10.20 -0.97
N LEU F 79 42.38 -9.95 -1.77
CA LEU F 79 42.61 -10.63 -3.04
C LEU F 79 43.64 -11.72 -2.81
N GLU F 80 43.20 -12.98 -2.80
CA GLU F 80 44.09 -14.13 -2.64
C GLU F 80 44.64 -14.53 -4.01
N MET F 81 45.82 -14.01 -4.32
CA MET F 81 46.45 -14.19 -5.64
C MET F 81 47.23 -15.51 -5.63
N ASN F 82 46.57 -16.59 -6.01
CA ASN F 82 47.20 -17.89 -6.16
C ASN F 82 47.55 -18.13 -7.62
N ASN F 83 48.58 -18.95 -7.84
CA ASN F 83 48.94 -19.43 -9.18
C ASN F 83 49.43 -18.28 -10.05
N LEU F 84 50.34 -17.47 -9.50
CA LEU F 84 50.75 -16.22 -10.12
C LEU F 84 51.50 -16.47 -11.43
N LYS F 85 51.55 -15.42 -12.24
CA LYS F 85 52.10 -15.46 -13.59
C LYS F 85 52.81 -14.14 -13.84
N PRO F 86 53.75 -14.10 -14.80
CA PRO F 86 54.42 -12.83 -15.11
C PRO F 86 53.53 -11.80 -15.76
N GLU F 87 52.33 -12.17 -16.22
CA GLU F 87 51.35 -11.18 -16.65
C GLU F 87 50.77 -10.41 -15.47
N ASP F 88 50.79 -11.01 -14.28
CA ASP F 88 50.20 -10.43 -13.07
C ASP F 88 51.17 -9.49 -12.37
N THR F 89 51.73 -8.55 -13.12
CA THR F 89 52.77 -7.64 -12.63
C THR F 89 52.29 -6.21 -12.85
N ALA F 90 51.77 -5.59 -11.78
CA ALA F 90 51.08 -4.32 -11.89
C ALA F 90 50.97 -3.71 -10.50
N VAL F 91 50.64 -2.41 -10.49
CA VAL F 91 50.19 -1.73 -9.28
C VAL F 91 48.72 -2.09 -9.06
N TYR F 92 48.47 -2.96 -8.08
CA TYR F 92 47.12 -3.34 -7.70
C TYR F 92 46.50 -2.27 -6.81
N TYR F 93 45.37 -1.72 -7.23
CA TYR F 93 44.63 -0.72 -6.46
C TYR F 93 43.31 -1.27 -5.96
N CYS F 94 42.88 -0.77 -4.81
CA CYS F 94 41.57 -1.02 -4.24
C CYS F 94 40.71 0.22 -4.44
N ALA F 95 39.41 -0.01 -4.66
CA ALA F 95 38.51 1.13 -4.83
C ALA F 95 37.09 0.78 -4.39
N ALA F 96 36.34 1.82 -4.04
CA ALA F 96 34.96 1.71 -3.58
C ALA F 96 34.01 2.28 -4.62
N LYS F 97 32.86 1.61 -4.80
CA LYS F 97 31.86 2.02 -5.76
C LYS F 97 30.57 2.38 -5.03
N GLY F 98 29.95 3.49 -5.44
CA GLY F 98 28.64 3.84 -4.95
C GLY F 98 27.56 2.87 -5.41
N ARG F 99 26.45 2.89 -4.67
CA ARG F 99 25.33 1.99 -4.95
C ARG F 99 24.84 2.13 -6.39
N TYR F 100 24.70 3.34 -6.88
CA TYR F 100 24.10 3.61 -8.19
C TYR F 100 25.13 4.08 -9.20
N SER F 101 26.39 3.71 -9.02
CA SER F 101 27.49 4.31 -9.75
C SER F 101 27.88 3.56 -11.02
N GLY F 102 27.09 2.60 -11.47
CA GLY F 102 27.30 2.02 -12.78
C GLY F 102 27.91 0.63 -12.75
N GLY F 103 28.48 0.25 -13.89
CA GLY F 103 29.03 -1.09 -14.03
C GLY F 103 30.27 -1.32 -13.18
N LEU F 104 30.41 -2.56 -12.73
CA LEU F 104 31.58 -2.98 -11.95
C LEU F 104 32.89 -2.72 -12.67
N TYR F 105 32.93 -2.91 -13.98
CA TYR F 105 34.19 -3.04 -14.70
C TYR F 105 34.93 -1.73 -14.89
N TYR F 106 34.28 -0.58 -14.71
CA TYR F 106 34.79 0.66 -15.25
C TYR F 106 35.39 1.50 -14.14
N PRO F 107 36.71 1.69 -14.13
CA PRO F 107 37.34 2.39 -12.99
C PRO F 107 36.88 3.82 -12.78
N THR F 108 36.36 4.48 -13.82
CA THR F 108 35.85 5.83 -13.64
C THR F 108 34.57 5.87 -12.81
N ASN F 109 33.91 4.73 -12.63
CA ASN F 109 32.73 4.68 -11.79
C ASN F 109 33.08 4.70 -10.30
N TYR F 110 34.33 4.48 -9.96
CA TYR F 110 34.78 4.31 -8.58
C TYR F 110 35.32 5.64 -8.08
N ASP F 111 35.10 5.91 -6.79
CA ASP F 111 35.39 7.22 -6.22
C ASP F 111 36.63 7.24 -5.34
N TYR F 112 36.82 6.23 -4.50
CA TYR F 112 37.81 6.29 -3.42
C TYR F 112 38.87 5.23 -3.68
N TRP F 113 40.04 5.67 -4.13
CA TRP F 113 41.09 4.77 -4.60
C TRP F 113 42.15 4.60 -3.52
N GLY F 114 42.46 3.34 -3.19
CA GLY F 114 43.63 3.05 -2.38
C GLY F 114 44.93 3.51 -3.01
N GLN F 115 45.99 3.43 -2.20
CA GLN F 115 47.31 3.90 -2.64
C GLN F 115 47.80 3.11 -3.85
N GLY F 116 47.80 1.78 -3.75
CA GLY F 116 48.23 0.93 -4.84
C GLY F 116 49.55 0.21 -4.58
N THR F 117 49.47 -1.07 -4.23
CA THR F 117 50.66 -1.90 -4.04
C THR F 117 51.23 -2.32 -5.39
N GLN F 118 52.51 -2.03 -5.60
CA GLN F 118 53.24 -2.59 -6.73
C GLN F 118 53.58 -4.05 -6.43
N VAL F 119 53.32 -4.93 -7.41
CA VAL F 119 53.62 -6.36 -7.29
C VAL F 119 54.35 -6.79 -8.56
N THR F 120 55.55 -7.31 -8.41
CA THR F 120 56.33 -7.86 -9.52
C THR F 120 56.71 -9.30 -9.21
N VAL F 121 56.74 -10.14 -10.24
CA VAL F 121 57.08 -11.55 -10.08
C VAL F 121 57.96 -12.01 -11.24
N GLN G 1 -4.09 34.55 10.98
CA GLN G 1 -3.98 35.73 11.83
C GLN G 1 -2.72 35.68 12.67
N VAL G 2 -1.67 36.34 12.19
CA VAL G 2 -0.37 36.34 12.84
C VAL G 2 0.02 37.78 13.15
N GLN G 3 0.62 37.99 14.32
CA GLN G 3 1.18 39.28 14.70
C GLN G 3 2.69 39.12 14.88
N LEU G 4 3.45 40.05 14.30
CA LEU G 4 4.90 40.03 14.36
C LEU G 4 5.42 41.34 14.92
N VAL G 5 6.22 41.26 15.99
CA VAL G 5 6.89 42.41 16.58
C VAL G 5 8.38 42.14 16.55
N GLU G 6 9.13 43.04 15.93
CA GLU G 6 10.58 42.92 15.80
C GLU G 6 11.27 44.01 16.60
N SER G 7 12.46 43.69 17.12
CA SER G 7 13.20 44.61 17.96
C SER G 7 14.68 44.24 17.91
N GLY G 8 15.52 45.17 18.38
CA GLY G 8 16.95 44.99 18.36
C GLY G 8 17.62 45.46 17.09
N GLY G 9 17.18 46.60 16.57
CA GLY G 9 17.82 47.22 15.42
C GLY G 9 18.85 48.27 15.80
N GLY G 10 18.47 49.53 15.67
CA GLY G 10 19.30 50.63 16.13
C GLY G 10 20.46 50.93 15.19
N LEU G 11 21.35 51.78 15.68
CA LEU G 11 22.47 52.29 14.90
C LEU G 11 23.79 51.89 15.54
N VAL G 12 24.68 51.29 14.75
CA VAL G 12 26.00 50.87 15.20
C VAL G 12 27.01 51.28 14.13
N GLN G 13 28.29 51.04 14.41
CA GLN G 13 29.34 51.32 13.44
C GLN G 13 29.44 50.20 12.40
N GLY G 14 30.82 45.01 13.17
CA GLY G 14 29.96 44.89 14.33
C GLY G 14 28.91 43.82 14.21
N SER G 15 28.62 43.15 15.32
CA SER G 15 27.60 42.10 15.35
C SER G 15 26.30 42.65 15.93
N LEU G 16 25.18 42.26 15.32
CA LEU G 16 23.86 42.67 15.76
C LEU G 16 22.93 41.46 15.71
N ARG G 17 21.89 41.49 16.53
CA ARG G 17 20.89 40.42 16.59
C ARG G 17 19.49 41.05 16.56
N LEU G 18 18.94 41.15 15.36
CA LEU G 18 17.51 41.36 15.19
C LEU G 18 16.72 40.14 15.66
N SER G 19 15.58 40.39 16.29
CA SER G 19 14.68 39.34 16.73
C SER G 19 13.27 39.61 16.22
N CYS G 20 12.50 38.54 16.06
CA CYS G 20 11.16 38.59 15.46
C CYS G 20 10.26 37.61 16.20
N ALA G 21 9.34 38.15 17.00
CA ALA G 21 8.49 37.36 17.89
C ALA G 21 7.11 37.21 17.28
N ALA G 22 6.70 35.96 17.06
CA ALA G 22 5.43 35.65 16.43
C ALA G 22 4.41 35.21 17.47
N SER G 23 3.13 35.44 17.16
CA SER G 23 2.04 34.98 18.01
C SER G 23 0.79 34.78 17.17
N GLY G 24 0.01 33.77 17.52
CA GLY G 24 -1.20 33.44 16.79
C GLY G 24 -1.14 32.13 16.03
N HIS G 25 -1.89 32.04 14.94
CA HIS G 25 -1.93 30.85 14.09
C HIS G 25 -0.63 30.75 13.29
N THR G 26 0.43 30.29 13.96
CA THR G 26 1.70 30.06 13.27
C THR G 26 1.73 28.72 12.53
N PHE G 27 0.79 27.81 12.83
CA PHE G 27 0.77 26.52 12.16
C PHE G 27 0.49 26.67 10.66
N ASN G 28 -0.47 27.52 10.32
CA ASN G 28 -0.82 27.76 8.92
C ASN G 28 0.28 28.49 8.17
N TYR G 29 1.22 29.10 8.87
CA TYR G 29 2.26 29.94 8.26
C TYR G 29 3.62 29.42 8.72
N PRO G 30 4.05 28.28 8.18
CA PRO G 30 5.24 27.59 8.72
C PRO G 30 6.55 28.29 8.44
N ILE G 31 6.58 29.28 7.56
CA ILE G 31 7.82 29.92 7.12
C ILE G 31 7.80 31.37 7.59
N MET G 32 8.93 31.81 8.15
CA MET G 32 9.18 33.22 8.44
C MET G 32 10.30 33.73 7.54
N GLY G 33 10.08 34.89 6.94
CA GLY G 33 11.07 35.50 6.07
C GLY G 33 11.57 36.82 6.64
N TRP G 34 12.85 37.11 6.38
CA TRP G 34 13.43 38.43 6.62
C TRP G 34 13.61 39.16 5.30
N PHE G 35 13.02 40.35 5.20
CA PHE G 35 13.24 41.26 4.09
C PHE G 35 13.92 42.53 4.60
N ARG G 36 14.43 43.31 3.65
CA ARG G 36 14.99 44.63 3.95
C ARG G 36 14.76 45.56 2.78
N GLN G 37 14.34 46.78 3.08
CA GLN G 37 14.02 47.78 2.06
C GLN G 37 14.93 48.98 2.27
N ALA G 38 15.91 49.15 1.38
CA ALA G 38 16.71 50.35 1.37
C ALA G 38 15.89 51.52 0.82
N PRO G 39 16.22 52.75 1.22
CA PRO G 39 15.48 53.92 0.70
C PRO G 39 15.60 54.03 -0.81
N GLY G 40 14.45 53.94 -1.48
CA GLY G 40 14.39 54.03 -2.93
C GLY G 40 14.30 52.66 -3.56
N LYS G 41 15.11 51.73 -3.08
CA LYS G 41 15.23 50.42 -3.69
C LYS G 41 14.01 49.56 -3.36
N GLU G 42 13.87 48.46 -4.08
CA GLU G 42 12.76 47.55 -3.87
C GLU G 42 13.01 46.71 -2.62
N ARG G 43 11.92 46.16 -2.07
CA ARG G 43 12.03 45.30 -0.91
C ARG G 43 12.70 43.98 -1.28
N GLU G 44 13.69 43.58 -0.48
CA GLU G 44 14.69 42.63 -0.92
C GLU G 44 14.75 41.47 0.07
N PHE G 45 14.82 40.26 -0.48
CA PHE G 45 14.90 39.05 0.32
C PHE G 45 16.25 38.94 1.02
N VAL G 46 16.21 38.55 2.30
CA VAL G 46 17.41 38.30 3.08
C VAL G 46 17.55 36.81 3.40
N GLY G 47 16.54 36.22 4.04
CA GLY G 47 16.55 34.81 4.32
C GLY G 47 15.24 34.35 4.90
N ALA G 48 15.12 33.05 5.09
CA ALA G 48 13.89 32.45 5.57
C ALA G 48 14.20 31.18 6.35
N ILE G 49 13.35 30.87 7.33
CA ILE G 49 13.50 29.68 8.14
C ILE G 49 12.13 29.01 8.29
N SER G 50 12.11 27.68 8.12
CA SER G 50 10.98 26.88 8.56
C SER G 50 10.95 26.79 10.08
N TRP G 51 9.77 27.03 10.66
CA TRP G 51 9.54 26.76 12.08
C TRP G 51 9.91 25.32 12.45
N SER G 52 9.38 24.35 11.70
CA SER G 52 9.66 22.95 11.96
C SER G 52 10.81 22.50 11.07
N GLY G 53 11.93 22.15 11.70
CA GLY G 53 13.11 21.64 11.02
C GLY G 53 14.24 22.65 10.95
N GLY G 54 13.91 23.94 10.84
CA GLY G 54 14.91 24.97 10.72
C GLY G 54 15.65 24.95 9.40
N SER G 55 15.03 24.42 8.35
CA SER G 55 15.59 24.48 7.01
C SER G 55 15.76 25.94 6.58
N THR G 56 16.98 26.33 6.29
CA THR G 56 17.34 27.74 6.14
C THR G 56 17.82 28.01 4.72
N SER G 57 17.62 29.24 4.28
CA SER G 57 18.08 29.71 2.98
C SER G 57 18.44 31.18 3.09
N TYR G 58 19.46 31.59 2.32
CA TYR G 58 19.96 32.95 2.36
C TYR G 58 20.15 33.49 0.96
N ALA G 59 19.93 34.80 0.82
CA ALA G 59 20.42 35.54 -0.34
C ALA G 59 21.94 35.54 -0.39
N ASP G 60 22.47 35.64 -1.61
CA ASP G 60 23.92 35.61 -1.81
C ASP G 60 24.63 36.72 -1.03
N SER G 61 24.07 37.93 -1.06
CA SER G 61 24.69 39.07 -0.41
C SER G 61 25.05 38.77 1.04
N VAL G 62 24.17 38.07 1.76
CA VAL G 62 24.32 37.82 3.18
C VAL G 62 24.74 36.38 3.48
N LYS G 63 24.96 35.58 2.44
CA LYS G 63 25.41 34.20 2.63
C LYS G 63 26.79 34.18 3.29
N ASP G 64 26.89 33.45 4.40
CA ASP G 64 28.11 33.36 5.23
C ASP G 64 28.44 34.70 5.88
N ARG G 65 27.39 35.41 6.30
CA ARG G 65 27.51 36.61 7.10
C ARG G 65 26.39 36.59 8.15
N PHE G 66 25.16 36.71 7.67
CA PHE G 66 23.99 36.61 8.54
C PHE G 66 23.68 35.14 8.83
N THR G 67 23.09 34.89 9.99
CA THR G 67 22.59 33.57 10.33
C THR G 67 21.23 33.69 11.00
N ILE G 68 20.26 32.95 10.48
CA ILE G 68 18.92 32.88 11.05
C ILE G 68 18.78 31.57 11.82
N SER G 69 18.09 31.63 12.96
CA SER G 69 17.49 30.46 13.58
C SER G 69 16.37 30.91 14.50
N ARG G 70 15.75 29.95 15.18
CA ARG G 70 14.52 30.21 15.91
C ARG G 70 14.51 29.38 17.19
N ASP G 71 13.52 29.64 18.04
CA ASP G 71 13.17 28.75 19.13
C ASP G 71 11.65 28.67 19.23
N ASN G 72 11.11 27.46 19.08
CA ASN G 72 9.66 27.30 19.02
C ASN G 72 8.99 27.55 20.36
N ALA G 73 9.75 27.47 21.47
CA ALA G 73 9.19 27.76 22.79
C ALA G 73 8.67 29.19 22.85
N LYS G 74 9.49 30.17 22.50
CA LYS G 74 9.10 31.56 22.55
C LYS G 74 8.35 32.02 21.30
N ASN G 75 8.40 31.23 20.22
CA ASN G 75 7.91 31.63 18.91
C ASN G 75 8.65 32.88 18.41
N THR G 76 9.97 32.73 18.30
CA THR G 76 10.87 33.85 18.03
C THR G 76 11.85 33.42 16.94
N VAL G 77 12.09 34.31 16.00
CA VAL G 77 13.13 34.16 14.98
C VAL G 77 14.11 35.31 15.13
N TYR G 78 15.39 35.03 14.86
CA TYR G 78 16.44 36.04 14.99
C TYR G 78 17.32 36.05 13.76
N LEU G 79 17.61 37.25 13.25
CA LEU G 79 18.63 37.49 12.24
C LEU G 79 19.89 37.99 12.94
N GLU G 80 20.90 37.12 13.02
CA GLU G 80 22.19 37.48 13.63
C GLU G 80 23.07 38.13 12.57
N MET G 81 23.04 39.47 12.53
CA MET G 81 23.73 40.26 11.52
C MET G 81 25.17 40.49 11.97
N ASN G 82 26.06 39.58 11.60
CA ASN G 82 27.48 39.71 11.85
C ASN G 82 28.19 40.27 10.62
N ASN G 83 29.31 40.95 10.85
CA ASN G 83 30.20 41.41 9.78
C ASN G 83 29.52 42.46 8.91
N LEU G 84 28.92 43.45 9.57
CA LEU G 84 28.04 44.40 8.90
C LEU G 84 28.83 45.28 7.93
N LYS G 85 28.10 45.88 7.00
CA LYS G 85 28.64 46.67 5.91
C LYS G 85 27.71 47.85 5.66
N PRO G 86 28.21 48.91 5.02
CA PRO G 86 27.33 50.05 4.73
C PRO G 86 26.27 49.76 3.68
N GLU G 87 26.37 48.64 2.95
CA GLU G 87 25.28 48.21 2.10
C GLU G 87 24.09 47.70 2.91
N ASP G 88 24.34 47.24 4.13
CA ASP G 88 23.32 46.65 5.01
C ASP G 88 22.56 47.71 5.80
N THR G 89 22.07 48.72 5.10
CA THR G 89 21.43 49.88 5.71
C THR G 89 20.02 50.02 5.13
N ALA G 90 19.03 49.54 5.87
CA ALA G 90 17.68 49.39 5.36
C ALA G 90 16.72 49.21 6.53
N VAL G 91 15.43 49.37 6.24
CA VAL G 91 14.35 48.95 7.13
C VAL G 91 14.19 47.44 6.96
N TYR G 92 14.66 46.68 7.95
CA TYR G 92 14.50 45.23 7.97
C TYR G 92 13.10 44.86 8.46
N TYR G 93 12.36 44.13 7.63
CA TYR G 93 11.02 43.67 7.98
C TYR G 93 11.01 42.15 8.15
N CYS G 94 10.11 41.69 9.02
CA CYS G 94 9.80 40.29 9.22
C CYS G 94 8.45 39.99 8.56
N ALA G 95 8.32 38.78 8.01
CA ALA G 95 7.05 38.41 7.41
C ALA G 95 6.83 36.91 7.46
N ALA G 96 5.56 36.52 7.39
CA ALA G 96 5.12 35.13 7.44
C ALA G 96 4.58 34.71 6.08
N LYS G 97 4.89 33.47 5.69
CA LYS G 97 4.45 32.91 4.42
C LYS G 97 3.54 31.71 4.67
N GLY G 98 2.44 31.66 3.92
CA GLY G 98 1.60 30.48 3.94
C GLY G 98 2.28 29.26 3.35
N ARG G 99 1.73 28.09 3.71
CA ARG G 99 2.28 26.82 3.26
C ARG G 99 2.39 26.72 1.74
N TYR G 100 1.34 27.15 1.04
CA TYR G 100 1.26 26.99 -0.41
C TYR G 100 1.40 28.32 -1.15
N SER G 101 2.09 29.29 -0.54
CA SER G 101 2.04 30.67 -1.00
C SER G 101 3.18 31.03 -1.95
N GLY G 102 3.93 30.07 -2.45
CA GLY G 102 4.87 30.33 -3.53
C GLY G 102 6.32 30.37 -3.09
N GLY G 103 7.13 31.01 -3.93
CA GLY G 103 8.57 31.06 -3.68
C GLY G 103 8.93 31.91 -2.48
N LEU G 104 10.01 31.48 -1.81
CA LEU G 104 10.54 32.21 -0.66
C LEU G 104 10.89 33.66 -0.99
N TYR G 105 11.41 33.91 -2.19
CA TYR G 105 12.09 35.17 -2.47
C TYR G 105 11.16 36.36 -2.65
N TYR G 106 9.87 36.14 -2.86
CA TYR G 106 9.03 37.17 -3.43
C TYR G 106 8.15 37.78 -2.35
N PRO G 107 8.37 39.04 -1.96
CA PRO G 107 7.63 39.61 -0.82
C PRO G 107 6.12 39.66 -1.00
N THR G 108 5.62 39.66 -2.24
CA THR G 108 4.19 39.65 -2.45
C THR G 108 3.55 38.32 -2.04
N ASN G 109 4.35 37.26 -1.89
CA ASN G 109 3.82 35.98 -1.43
C ASN G 109 3.53 35.98 0.07
N TYR G 110 4.03 36.97 0.79
CA TYR G 110 3.96 37.02 2.25
C TYR G 110 2.77 37.87 2.67
N ASP G 111 2.13 37.49 3.76
CA ASP G 111 0.87 38.10 4.16
C ASP G 111 1.00 39.03 5.36
N TYR G 112 1.77 38.67 6.37
CA TYR G 112 1.73 39.34 7.68
C TYR G 112 3.10 39.98 7.91
N TRP G 113 3.17 41.30 7.76
CA TRP G 113 4.44 42.02 7.78
C TRP G 113 4.64 42.68 9.14
N GLY G 114 5.80 42.43 9.74
CA GLY G 114 6.21 43.21 10.91
C GLY G 114 6.35 44.70 10.61
N GLN G 115 6.54 45.46 11.70
CA GLN G 115 6.63 46.91 11.60
C GLN G 115 7.81 47.34 10.73
N GLY G 116 8.99 46.84 11.05
CA GLY G 116 10.20 47.16 10.29
C GLY G 116 11.18 48.03 11.04
N THR G 117 12.25 47.42 11.55
CA THR G 117 13.32 48.16 12.23
C THR G 117 14.22 48.83 11.20
N GLN G 118 14.39 50.15 11.32
CA GLN G 118 15.43 50.84 10.58
C GLN G 118 16.79 50.56 11.20
N VAL G 119 17.77 50.22 10.35
CA VAL G 119 19.14 49.95 10.78
C VAL G 119 20.08 50.73 9.87
N THR G 120 20.89 51.60 10.45
CA THR G 120 21.91 52.34 9.72
C THR G 120 23.27 52.10 10.37
N VAL G 121 24.31 52.05 9.54
CA VAL G 121 25.67 51.82 10.03
C VAL G 121 26.64 52.70 9.28
C1 NAG H . -1.23 -3.02 -24.91
C2 NAG H . -2.06 -1.78 -24.64
C3 NAG H . -2.66 -1.25 -25.95
C4 NAG H . -1.56 -1.06 -26.99
C5 NAG H . -0.69 -2.31 -27.11
C6 NAG H . 0.52 -2.11 -28.00
C7 NAG H . -3.02 -1.64 -22.39
C8 NAG H . -4.20 -2.01 -21.52
N2 NAG H . -3.11 -2.03 -23.66
O3 NAG H . -3.33 -0.03 -25.71
O4 NAG H . -2.17 -0.81 -28.25
O5 NAG H . -0.19 -2.72 -25.83
O6 NAG H . 1.35 -1.07 -27.51
O7 NAG H . -2.06 -1.02 -21.96
C1 NAG H . -1.92 0.53 -28.71
C2 NAG H . -2.66 0.73 -30.03
C3 NAG H . -2.41 2.14 -30.57
C4 NAG H . -2.78 3.18 -29.52
C5 NAG H . -2.05 2.87 -28.21
C6 NAG H . -2.46 3.80 -27.08
C7 NAG H . -2.97 -1.38 -31.24
C8 NAG H . -2.40 -2.30 -32.28
N2 NAG H . -2.26 -0.27 -31.00
O3 NAG H . -3.19 2.34 -31.74
O4 NAG H . -2.38 4.47 -29.97
O5 NAG H . -2.35 1.53 -27.77
O6 NAG H . -1.75 3.49 -25.88
O7 NAG H . -4.00 -1.63 -30.64
C1 BMA H . -3.55 5.27 -30.25
C2 BMA H . -3.20 6.75 -30.00
C3 BMA H . -4.36 7.66 -30.41
C4 BMA H . -4.91 7.29 -31.79
C5 BMA H . -5.24 5.79 -31.87
C6 BMA H . -5.71 5.36 -33.25
O2 BMA H . -2.09 7.14 -30.78
O3 BMA H . -3.98 9.03 -30.41
O4 BMA H . -6.09 8.04 -32.06
O5 BMA H . -4.03 5.06 -31.56
O6 BMA H . -4.59 5.32 -34.12
C1 MAN H . -4.29 9.61 -29.13
C2 MAN H . -5.39 10.66 -29.32
C3 MAN H . -4.85 11.81 -30.16
C4 MAN H . -3.58 12.36 -29.55
C5 MAN H . -2.57 11.23 -29.34
C6 MAN H . -1.31 11.68 -28.63
O2 MAN H . -5.81 11.14 -28.05
O3 MAN H . -5.83 12.84 -30.25
O4 MAN H . -3.00 13.34 -30.42
O5 MAN H . -3.16 10.21 -28.51
O6 MAN H . -1.59 12.21 -27.35
C1 MAN H . -4.86 6.15 -35.28
C2 MAN H . -4.35 5.46 -36.53
C3 MAN H . -2.83 5.37 -36.47
C4 MAN H . -2.22 6.74 -36.23
C5 MAN H . -2.85 7.38 -34.99
C6 MAN H . -2.37 8.80 -34.75
O2 MAN H . -4.75 6.20 -37.67
O3 MAN H . -2.33 4.82 -37.68
O4 MAN H . -0.82 6.62 -36.03
O5 MAN H . -4.28 7.45 -35.15
O6 MAN H . -2.68 9.64 -35.85
C1 NAG I . 28.31 1.03 -32.86
C2 NAG I . 29.75 1.51 -32.66
C3 NAG I . 30.73 0.37 -32.90
C4 NAG I . 30.37 -0.84 -32.05
C5 NAG I . 28.91 -1.22 -32.28
C6 NAG I . 28.44 -2.34 -31.37
C7 NAG I . 30.26 3.87 -33.09
C8 NAG I . 30.54 4.91 -34.15
N2 NAG I . 30.03 2.63 -33.54
O3 NAG I . 32.05 0.80 -32.59
O4 NAG I . 31.20 -1.94 -32.40
O5 NAG I . 28.06 -0.10 -32.01
O6 NAG I . 28.53 -1.98 -30.01
O7 NAG I . 30.24 4.15 -31.90
C1 NAG I . 31.97 -2.36 -31.26
C2 NAG I . 32.45 -3.79 -31.48
C3 NAG I . 33.25 -4.27 -30.27
C4 NAG I . 34.39 -3.29 -29.98
C5 NAG I . 33.83 -1.88 -29.83
C6 NAG I . 34.90 -0.83 -29.63
C7 NAG I . 30.94 -5.03 -32.96
C8 NAG I . 29.76 -5.97 -33.03
N2 NAG I . 31.33 -4.69 -31.73
O3 NAG I . 33.79 -5.56 -30.53
O4 NAG I . 35.06 -3.67 -28.78
O5 NAG I . 33.09 -1.51 -31.00
O6 NAG I . 34.34 0.46 -29.46
O7 NAG I . 31.50 -4.61 -33.96
C1 NAG J . 16.51 -23.86 -10.41
C2 NAG J . 17.98 -24.00 -10.78
C3 NAG J . 18.12 -24.09 -12.30
C4 NAG J . 17.22 -25.19 -12.86
C5 NAG J . 15.79 -25.00 -12.38
C6 NAG J . 14.87 -26.11 -12.80
C7 NAG J . 19.59 -22.98 -9.24
C8 NAG J . 20.30 -21.72 -8.84
N2 NAG J . 18.75 -22.88 -10.27
O3 NAG J . 19.48 -24.34 -12.64
O4 NAG J . 17.23 -25.14 -14.28
O5 NAG J . 15.77 -24.95 -10.95
O6 NAG J . 13.55 -25.91 -12.31
O7 NAG J . 19.77 -24.04 -8.65
C1 NAG J . 17.93 -26.29 -14.79
C2 NAG J . 17.32 -26.63 -16.16
C3 NAG J . 18.09 -27.79 -16.79
C4 NAG J . 19.58 -27.47 -16.85
C5 NAG J . 20.08 -27.12 -15.45
C6 NAG J . 21.53 -26.71 -15.43
C7 NAG J . 14.94 -26.10 -16.36
C8 NAG J . 13.54 -26.60 -16.18
N2 NAG J . 15.91 -26.95 -16.04
O3 NAG J . 17.59 -28.03 -18.11
O4 NAG J . 20.30 -28.58 -17.35
O5 NAG J . 19.32 -26.01 -14.94
O6 NAG J . 21.95 -26.38 -14.11
O7 NAG J . 15.18 -24.98 -16.79
C1 BMA J . 20.87 -28.21 -18.62
C2 BMA J . 22.04 -29.13 -18.95
C3 BMA J . 22.63 -28.76 -20.30
C4 BMA J . 21.54 -28.62 -21.38
C5 BMA J . 20.42 -27.68 -20.90
C6 BMA J . 19.28 -27.60 -21.89
O2 BMA J . 21.60 -30.48 -19.05
O3 BMA J . 23.59 -29.72 -20.73
O4 BMA J . 22.11 -28.10 -22.57
O5 BMA J . 19.91 -28.19 -19.66
O6 BMA J . 19.11 -28.89 -22.45
C1 MAN J . 24.91 -29.25 -20.38
C2 MAN J . 25.92 -29.86 -21.35
C3 MAN J . 25.98 -31.38 -21.14
C4 MAN J . 26.24 -31.70 -19.67
C5 MAN J . 25.23 -30.99 -18.79
C6 MAN J . 25.50 -31.18 -17.32
O2 MAN J . 27.21 -29.30 -21.11
O3 MAN J . 26.99 -31.95 -21.95
O4 MAN J . 26.14 -33.11 -19.46
O5 MAN J . 25.27 -29.58 -19.04
O6 MAN J . 24.52 -30.51 -16.52
C1 MAN J . 17.85 -28.97 -23.13
C2 MAN J . 17.40 -30.42 -23.15
C3 MAN J . 18.38 -31.24 -23.98
C4 MAN J . 18.55 -30.62 -25.37
C5 MAN J . 18.92 -29.15 -25.24
C6 MAN J . 19.00 -28.45 -26.58
O2 MAN J . 16.09 -30.49 -23.72
O3 MAN J . 17.92 -32.58 -24.10
O4 MAN J . 19.57 -31.31 -26.07
O5 MAN J . 17.93 -28.47 -24.46
O6 MAN J . 19.35 -27.07 -26.43
C1 NAG K . 11.32 35.17 -21.95
C2 NAG K . 11.29 36.62 -21.44
C3 NAG K . 12.71 37.12 -21.20
C4 NAG K . 13.47 36.16 -20.30
C5 NAG K . 13.42 34.75 -20.87
C6 NAG K . 14.05 33.71 -19.99
C7 NAG K . 9.37 37.98 -22.14
C8 NAG K . 8.80 38.85 -23.21
N2 NAG K . 10.60 37.48 -22.37
O3 NAG K . 12.65 38.41 -20.60
O4 NAG K . 14.84 36.57 -20.20
O5 NAG K . 12.04 34.35 -21.04
O6 NAG K . 13.41 33.64 -18.72
O7 NAG K . 8.75 37.72 -21.10
C1 NAG K . 15.17 36.87 -18.83
C2 NAG K . 16.68 36.84 -18.66
C3 NAG K . 17.05 37.14 -17.21
C4 NAG K . 16.41 38.45 -16.77
C5 NAG K . 14.91 38.40 -17.01
C6 NAG K . 14.21 39.71 -16.69
C7 NAG K . 17.69 35.34 -20.31
C8 NAG K . 18.23 33.96 -20.56
N2 NAG K . 17.23 35.56 -19.08
O3 NAG K . 18.46 37.23 -17.08
O4 NAG K . 16.65 38.67 -15.38
O5 NAG K . 14.65 38.13 -18.39
O6 NAG K . 12.80 39.62 -16.90
O7 NAG K . 17.68 36.20 -21.18
C1 NAG L . 24.57 10.60 0.05
C2 NAG L . 25.24 11.97 0.21
C3 NAG L . 25.79 12.44 -1.13
C4 NAG L . 26.69 11.38 -1.76
C5 NAG L . 25.95 10.04 -1.82
C6 NAG L . 26.83 8.91 -2.31
C7 NAG L . 24.60 13.74 1.77
C8 NAG L . 23.53 14.70 2.19
N2 NAG L . 24.30 12.93 0.75
O3 NAG L . 26.52 13.65 -0.94
O4 NAG L . 27.01 11.76 -3.09
O5 NAG L . 25.50 9.67 -0.52
O6 NAG L . 26.12 7.68 -2.36
O7 NAG L . 25.69 13.70 2.34
C1 NAG L . 28.40 12.14 -3.19
C2 NAG L . 28.89 11.77 -4.58
C3 NAG L . 30.34 12.22 -4.78
C4 NAG L . 30.47 13.71 -4.46
C5 NAG L . 29.94 13.98 -3.06
C6 NAG L . 29.94 15.44 -2.69
C7 NAG L . 27.94 9.82 -5.73
C8 NAG L . 27.94 8.32 -5.84
N2 NAG L . 28.77 10.34 -4.82
O3 NAG L . 30.73 11.98 -6.12
O4 NAG L . 31.83 14.10 -4.53
O5 NAG L . 28.58 13.54 -2.97
O6 NAG L . 29.46 15.66 -1.38
O7 NAG L . 27.21 10.52 -6.42
C1 BMA L . 32.00 15.01 -5.63
C2 BMA L . 33.28 15.81 -5.41
C3 BMA L . 33.53 16.75 -6.60
C4 BMA L . 33.38 16.02 -7.95
C5 BMA L . 32.06 15.23 -8.00
C6 BMA L . 31.94 14.41 -9.26
O2 BMA L . 34.41 14.96 -5.33
O3 BMA L . 34.82 17.34 -6.52
O4 BMA L . 33.42 16.95 -9.01
O5 BMA L . 32.00 14.35 -6.87
O6 BMA L . 33.23 13.89 -9.55
C1 MAN L . 34.73 18.63 -5.89
C2 MAN L . 35.87 19.51 -6.40
C3 MAN L . 37.20 18.92 -5.93
C4 MAN L . 37.19 18.73 -4.42
C5 MAN L . 35.98 17.91 -4.00
C6 MAN L . 35.84 17.77 -2.51
O2 MAN L . 35.71 20.83 -5.90
O3 MAN L . 38.26 19.79 -6.31
O4 MAN L . 38.38 18.06 -4.02
O5 MAN L . 34.77 18.55 -4.47
O6 MAN L . 34.71 16.99 -2.16
C1 MAN L . 33.12 12.82 -10.51
C2 MAN L . 34.34 11.92 -10.37
C3 MAN L . 35.59 12.68 -10.78
C4 MAN L . 35.42 13.29 -12.16
C5 MAN L . 34.14 14.12 -12.22
C6 MAN L . 33.84 14.65 -13.60
O2 MAN L . 34.18 10.77 -11.21
O3 MAN L . 36.72 11.82 -10.75
O4 MAN L . 36.54 14.11 -12.48
O5 MAN L . 33.02 13.30 -11.85
O6 MAN L . 32.65 15.43 -13.61
C1 NAG M . -28.08 29.85 -22.30
C2 NAG M . -29.54 30.23 -22.06
C3 NAG M . -29.64 31.64 -21.50
C4 NAG M . -28.76 31.80 -20.26
C5 NAG M . -27.33 31.36 -20.59
C6 NAG M . -26.41 31.37 -19.41
C7 NAG M . -31.20 29.13 -23.50
C8 NAG M . -31.90 29.17 -24.83
N2 NAG M . -30.32 30.11 -23.29
O3 NAG M . -31.00 31.93 -21.15
O4 NAG M . -28.76 33.16 -19.84
O5 NAG M . -27.35 30.02 -21.10
O6 NAG M . -26.86 30.49 -18.39
O7 NAG M . -31.41 28.24 -22.68
C1 NAG M . -29.28 33.25 -18.50
C2 NAG M . -28.84 34.58 -17.88
C3 NAG M . -29.37 34.70 -16.46
C4 NAG M . -30.88 34.49 -16.44
C5 NAG M . -31.23 33.15 -17.11
C6 NAG M . -32.71 32.92 -17.22
C7 NAG M . -26.73 35.33 -18.89
C8 NAG M . -25.24 35.37 -18.75
N2 NAG M . -27.40 34.71 -17.91
O3 NAG M . -29.06 35.98 -15.94
O4 NAG M . -31.36 34.48 -15.10
O5 NAG M . -30.70 33.13 -18.45
O6 NAG M . -32.99 31.67 -17.83
O7 NAG M . -27.31 35.81 -19.86
C1 NAG N . -7.07 28.18 6.32
C2 NAG N . -8.17 29.24 6.45
C3 NAG N . -8.11 30.20 5.27
C4 NAG N . -6.69 30.78 5.12
C5 NAG N . -5.67 29.65 5.06
C6 NAG N . -4.25 30.15 5.04
C7 NAG N . -10.39 28.95 7.44
C8 NAG N . -11.70 28.23 7.36
N2 NAG N . -9.48 28.62 6.52
O3 NAG N . -9.04 31.26 5.47
O4 NAG N . -6.61 31.52 3.90
O5 NAG N . -5.80 28.82 6.22
O6 NAG N . -3.31 29.08 4.98
O7 NAG N . -10.17 29.80 8.31
C1 NAG N . -6.52 32.93 4.16
C2 NAG N . -5.69 33.55 3.05
C3 NAG N . -5.61 35.06 3.23
C4 NAG N . -7.02 35.65 3.32
C5 NAG N . -7.78 34.94 4.44
C6 NAG N . -9.23 35.40 4.54
C7 NAG N . -3.88 32.24 2.02
C8 NAG N . -2.48 31.74 2.16
N2 NAG N . -4.34 32.98 3.02
O3 NAG N . -4.92 35.64 2.12
O4 NAG N . -6.95 37.04 3.59
O5 NAG N . -7.82 33.53 4.19
O6 NAG N . -9.90 34.74 5.61
O7 NAG N . -4.56 31.98 1.03
C1 BMA N . -7.46 37.77 2.46
C2 BMA N . -7.88 39.16 2.91
C3 BMA N . -8.36 39.99 1.72
C4 BMA N . -7.40 39.89 0.53
C5 BMA N . -7.06 38.43 0.20
C6 BMA N . -6.01 38.30 -0.88
O2 BMA N . -6.76 39.86 3.46
O3 BMA N . -8.53 41.35 2.07
O4 BMA N . -7.97 40.50 -0.62
O5 BMA N . -6.54 37.80 1.39
O6 BMA N . -5.07 39.36 -0.69
C1 MAN N . -9.91 41.59 2.43
C2 MAN N . -10.25 43.05 2.15
C3 MAN N . -9.43 43.94 3.08
C4 MAN N . -9.63 43.53 4.53
C5 MAN N . -9.35 42.04 4.70
C6 MAN N . -9.64 41.54 6.09
O2 MAN N . -11.64 43.26 2.36
O3 MAN N . -9.81 45.30 2.89
O4 MAN N . -8.76 44.27 5.37
O5 MAN N . -10.17 41.28 3.80
O6 MAN N . -9.35 40.15 6.21
C1 MAN N . -3.88 39.08 -1.44
C2 MAN N . -2.71 39.83 -0.82
C3 MAN N . -2.94 41.33 -0.95
C4 MAN N . -3.19 41.70 -2.41
C5 MAN N . -4.33 40.85 -2.97
C6 MAN N . -4.56 41.08 -4.45
O2 MAN N . -1.50 39.46 -1.46
O3 MAN N . -1.81 42.05 -0.46
O4 MAN N . -3.54 43.08 -2.50
O5 MAN N . -4.01 39.46 -2.81
O6 MAN N . -5.63 40.28 -4.93
O1 PX6 O . -18.69 -33.28 49.79
O2 PX6 O . -17.57 -32.94 47.54
P1 PX6 O . -18.45 -33.78 48.41
O3 PX6 O . -17.92 -35.24 48.47
O4 PX6 O . -19.89 -33.90 47.71
C1 PX6 O . -20.45 -35.19 47.42
C2 PX6 O . -21.59 -35.03 46.45
C3 PX6 O . -21.97 -33.58 46.27
O5 PX6 O . -23.09 -33.50 45.36
C4 PX6 O . -23.00 -32.61 44.37
O6 PX6 O . -22.03 -31.92 44.19
C5 PX6 O . -24.25 -32.58 43.55
C6 PX6 O . -24.06 -31.88 42.21
C7 PX6 O . -23.16 -32.65 41.26
C8 PX6 O . -22.83 -31.91 39.97
C9 PX6 O . -22.08 -30.62 40.18
C10 PX6 O . -21.47 -30.04 38.91
C11 PX6 O . -20.58 -31.03 38.17
C12 PX6 O . -19.61 -30.38 37.19
C13 PX6 O . -20.27 -29.63 36.04
C14 PX6 O . -21.18 -30.48 35.18
C15 PX6 O . -21.51 -29.85 33.83
C16 PX6 O . -22.06 -28.44 33.92
C17 PX6 O . -22.30 -27.79 32.57
C18 PX6 O . -22.76 -26.35 32.66
C19 PX6 O . -22.92 -25.69 31.31
O7 PX6 O . -21.15 -35.53 45.15
C20 PX6 O . -21.44 -36.80 44.85
O8 PX6 O . -22.06 -37.54 45.58
C21 PX6 O . -20.92 -37.17 43.49
C22 PX6 O . -21.16 -36.10 42.44
C23 PX6 O . -20.46 -36.41 41.12
C24 PX6 O . -20.68 -35.37 40.04
C25 PX6 O . -19.88 -35.63 38.78
C26 PX6 O . -20.16 -34.65 37.64
C27 PX6 O . -19.32 -34.91 36.41
C28 PX6 O . -19.73 -34.10 35.19
C29 PX6 O . -18.95 -34.43 33.93
C30 PX6 O . -19.43 -33.73 32.68
C31 PX6 O . -18.66 -34.11 31.42
C32 PX6 O . -19.21 -33.51 30.14
C33 PX6 O . -19.16 -31.99 30.09
C34 PX6 O . -19.67 -31.41 28.79
C35 PX6 O . -19.58 -29.90 28.74
C1 D10 P . -1.35 -40.04 38.67
C2 D10 P . -1.57 -38.58 39.00
C3 D10 P . -1.33 -37.66 37.81
C4 D10 P . -1.52 -36.20 38.11
C5 D10 P . -1.29 -35.29 36.92
C6 D10 P . -2.24 -35.55 35.75
C7 D10 P . -1.92 -34.75 34.51
C8 D10 P . -2.88 -34.98 33.36
C9 D10 P . -4.30 -34.55 33.62
C10 D10 P . -5.22 -34.77 32.44
C1 NAG Q . -7.10 -26.45 -43.54
C2 NAG Q . -8.18 -27.19 -42.76
C3 NAG Q . -7.82 -27.23 -41.28
C4 NAG Q . -6.44 -27.82 -41.08
C5 NAG Q . -5.43 -27.03 -41.92
C6 NAG Q . -4.04 -27.61 -41.86
C7 NAG Q . -10.49 -27.18 -43.58
C8 NAG Q . -11.76 -26.40 -43.68
N2 NAG Q . -9.48 -26.58 -42.96
O3 NAG Q . -8.79 -28.03 -40.59
O4 NAG Q . -6.07 -27.76 -39.71
O5 NAG Q . -5.83 -27.06 -43.30
O6 NAG Q . -3.55 -27.66 -40.53
O7 NAG Q . -10.39 -28.31 -44.04
N ABU R . 4.93 -20.23 -25.11
CD ABU R . 3.79 -19.51 -25.68
CB ABU R . 2.61 -20.43 -25.93
CG ABU R . 1.42 -19.70 -26.53
C ABU R . 0.23 -20.58 -26.79
O ABU R . -0.75 -19.96 -27.27
OXT ABU R . 0.21 -21.80 -26.54
C27 R16 S . 23.97 -20.56 11.10
C28 R16 S . 23.65 -19.98 12.46
C29 R16 S . 23.03 -20.99 13.41
C30 R16 S . 22.72 -20.45 14.79
C31 R16 S . 22.15 -21.48 15.74
C32 R16 S . 21.87 -20.95 17.14
C33 R16 S . 21.35 -22.01 18.09
C34 R16 S . 21.14 -21.50 19.51
C35 R16 S . 20.66 -22.57 20.47
C36 R16 S . 20.53 -22.10 21.92
C37 R16 S . 20.12 -23.21 22.89
C38 R16 S . 20.07 -22.75 24.33
C39 R16 S . 19.74 -23.87 25.31
C40 R16 S . 19.78 -23.45 26.76
C41 R16 S . 19.49 -24.58 27.75
C42 R16 S . 19.58 -24.14 29.18
C1 D10 T . 23.06 -25.59 24.69
C2 D10 T . 23.26 -26.36 23.41
C3 D10 T . 23.39 -25.47 22.19
C4 D10 T . 23.66 -26.22 20.90
C5 D10 T . 23.86 -25.32 19.69
C6 D10 T . 24.22 -26.07 18.43
C7 D10 T . 24.51 -25.17 17.24
C8 D10 T . 24.97 -25.92 16.00
C9 D10 T . 25.30 -25.02 14.82
C10 D10 T . 25.81 -25.80 13.62
C1 NAG U . 22.17 17.99 -46.44
C2 NAG U . 22.96 18.86 -47.43
C3 NAG U . 22.01 19.46 -48.46
C4 NAG U . 21.20 18.36 -49.14
C5 NAG U . 20.49 17.52 -48.09
C6 NAG U . 19.76 16.33 -48.68
C7 NAG U . 24.98 19.82 -46.46
C8 NAG U . 25.57 21.00 -45.72
N2 NAG U . 23.68 19.90 -46.73
O3 NAG U . 22.76 20.18 -49.43
O4 NAG U . 20.24 18.92 -50.02
O5 NAG U . 21.45 16.99 -47.16
O6 NAG U . 20.64 15.43 -49.33
O7 NAG U . 25.66 18.87 -46.79
C27 R16 V . 15.63 4.99 37.41
C28 R16 V . 16.35 5.08 36.10
C29 R16 V . 15.72 6.06 35.13
C30 R16 V . 16.44 6.19 33.80
C31 R16 V . 15.83 7.22 32.86
C32 R16 V . 16.60 7.38 31.56
C33 R16 V . 16.02 8.44 30.64
C34 R16 V . 16.83 8.65 29.37
C35 R16 V . 16.30 9.77 28.48
C36 R16 V . 17.16 10.02 27.25
C37 R16 V . 16.68 11.17 26.39
C38 R16 V . 17.57 11.46 25.20
C39 R16 V . 17.14 12.66 24.37
C40 R16 V . 18.06 12.97 23.21
C41 R16 V . 17.64 14.19 22.40
C42 R16 V . 18.58 14.49 21.26
C1 NAG W . -2.53 38.73 -39.44
C2 NAG W . -2.82 39.94 -40.31
C3 NAG W . -3.38 39.50 -41.65
C4 NAG W . -2.46 38.49 -42.32
C5 NAG W . -2.19 37.33 -41.36
C6 NAG W . -1.19 36.33 -41.90
C7 NAG W . -3.31 41.91 -38.92
C8 NAG W . -4.39 42.73 -38.30
N2 NAG W . -3.73 40.86 -39.64
O3 NAG W . -3.55 40.65 -42.50
O4 NAG W . -3.05 37.99 -43.51
O5 NAG W . -1.65 37.84 -40.13
O6 NAG W . 0.07 36.94 -42.12
O7 NAG W . -2.13 42.16 -38.76
N HSM X . 20.66 4.59 -18.60
CA HSM X . 21.51 3.41 -18.81
CB HSM X . 20.68 2.15 -18.60
CG HSM X . 21.48 0.89 -18.74
ND1 HSM X . 22.08 0.55 -19.93
CD2 HSM X . 21.76 -0.05 -17.81
CE1 HSM X . 22.69 -0.60 -19.70
NE2 HSM X . 22.53 -1.00 -18.43
C1 D10 Y . -14.39 11.20 35.98
C2 D10 Y . -14.56 12.54 35.33
C3 D10 Y . -14.97 12.46 33.87
C4 D10 Y . -15.15 13.81 33.21
C5 D10 Y . -15.55 13.73 31.74
C6 D10 Y . -15.74 15.08 31.08
C7 D10 Y . -16.14 15.01 29.62
C8 D10 Y . -16.32 16.36 28.96
C9 D10 Y . -16.71 16.29 27.50
C10 D10 Y . -16.87 17.66 26.87
C1 NAG Z . -31.08 22.47 -43.43
C2 NAG Z . -32.07 22.84 -44.54
C3 NAG Z . -31.49 22.46 -45.91
C4 NAG Z . -30.12 23.09 -46.09
C5 NAG Z . -29.22 22.71 -44.92
C6 NAG Z . -27.86 23.38 -44.97
C7 NAG Z . -34.37 22.77 -43.70
C8 NAG Z . -35.62 21.96 -43.56
N2 NAG Z . -33.35 22.18 -44.32
O3 NAG Z . -32.37 22.91 -46.93
O4 NAG Z . -29.53 22.64 -47.30
O5 NAG Z . -29.82 23.11 -43.68
O6 NAG Z . -27.97 24.79 -44.91
O7 NAG Z . -34.29 23.92 -43.24
N HSM AA . 2.01 26.64 -11.41
CA HSM AA . 3.39 27.04 -11.16
CB HSM AA . 4.25 25.79 -11.00
CG HSM AA . 5.68 26.10 -10.69
ND1 HSM AA . 6.48 26.79 -11.59
CD2 HSM AA . 6.40 25.80 -9.58
CE1 HSM AA . 7.66 26.89 -11.00
NE2 HSM AA . 7.65 26.31 -9.79
C1 D10 BA . -25.34 -25.71 43.66
C2 D10 BA . -24.02 -25.88 42.95
C3 D10 BA . -23.54 -24.61 42.28
C4 D10 BA . -22.21 -24.76 41.58
C5 D10 BA . -21.69 -23.48 40.93
C6 D10 BA . -22.60 -22.93 39.84
C7 D10 BA . -22.07 -21.69 39.17
C8 D10 BA . -22.97 -21.16 38.05
C9 D10 BA . -22.42 -19.92 37.37
C10 D10 BA . -23.31 -19.42 36.25
C1 NAG CA . -40.85 8.76 -22.78
C2 NAG CA . -41.86 7.63 -22.58
C3 NAG CA . -43.00 8.09 -21.68
C4 NAG CA . -42.44 8.63 -20.37
C5 NAG CA . -41.42 9.72 -20.66
C6 NAG CA . -40.74 10.23 -19.41
C7 NAG CA . -42.35 5.87 -24.23
C8 NAG CA . -42.92 5.57 -25.58
N2 NAG CA . -42.37 7.16 -23.87
O3 NAG CA . -43.86 6.99 -21.43
O4 NAG CA . -43.49 9.17 -19.58
O5 NAG CA . -40.38 9.20 -21.51
O6 NAG CA . -40.03 9.20 -18.74
O7 NAG CA . -41.90 5.00 -23.51
C1 NAG DA . -35.18 3.13 -49.01
C2 NAG DA . -35.84 2.71 -50.33
C3 NAG DA . -35.27 3.53 -51.48
C4 NAG DA . -35.39 5.02 -51.19
C5 NAG DA . -34.75 5.34 -49.84
C6 NAG DA . -34.93 6.78 -49.44
C7 NAG DA . -36.58 0.39 -50.22
C8 NAG DA . -36.23 -1.04 -50.54
N2 NAG DA . -35.67 1.30 -50.56
O3 NAG DA . -35.98 3.21 -52.68
O4 NAG DA . -34.75 5.78 -52.22
O5 NAG DA . -35.35 4.54 -48.81
O6 NAG DA . -36.31 7.12 -49.30
O7 NAG DA . -37.64 0.69 -49.67
#